data_3LKL
# 
_entry.id   3LKL 
# 
_audit_conform.dict_name       mmcif_pdbx.dic 
_audit_conform.dict_version    5.397 
_audit_conform.dict_location   http://mmcif.pdb.org/dictionaries/ascii/mmcif_pdbx.dic 
# 
loop_
_database_2.database_id 
_database_2.database_code 
_database_2.pdbx_database_accession 
_database_2.pdbx_DOI 
PDB   3LKL         pdb_00003lkl 10.2210/pdb3lkl/pdb 
RCSB  RCSB057391   ?            ?                   
WWPDB D_1000057391 ?            ?                   
# 
loop_
_pdbx_audit_revision_history.ordinal 
_pdbx_audit_revision_history.data_content_type 
_pdbx_audit_revision_history.major_revision 
_pdbx_audit_revision_history.minor_revision 
_pdbx_audit_revision_history.revision_date 
1 'Structure model' 1 0 2010-03-09 
2 'Structure model' 1 1 2011-07-13 
3 'Structure model' 1 2 2017-11-01 
4 'Structure model' 1 3 2024-10-09 
# 
_pdbx_audit_revision_details.ordinal             1 
_pdbx_audit_revision_details.revision_ordinal    1 
_pdbx_audit_revision_details.data_content_type   'Structure model' 
_pdbx_audit_revision_details.provider            repository 
_pdbx_audit_revision_details.type                'Initial release' 
_pdbx_audit_revision_details.description         ? 
_pdbx_audit_revision_details.details             ? 
# 
loop_
_pdbx_audit_revision_group.ordinal 
_pdbx_audit_revision_group.revision_ordinal 
_pdbx_audit_revision_group.data_content_type 
_pdbx_audit_revision_group.group 
1 2 'Structure model' Advisory                    
2 2 'Structure model' 'Version format compliance' 
3 3 'Structure model' 'Refinement description'    
4 4 'Structure model' 'Data collection'           
5 4 'Structure model' 'Database references'       
6 4 'Structure model' 'Derived calculations'      
7 4 'Structure model' 'Structure summary'         
# 
loop_
_pdbx_audit_revision_category.ordinal 
_pdbx_audit_revision_category.revision_ordinal 
_pdbx_audit_revision_category.data_content_type 
_pdbx_audit_revision_category.category 
1 3 'Structure model' software                  
2 4 'Structure model' chem_comp_atom            
3 4 'Structure model' chem_comp_bond            
4 4 'Structure model' database_2                
5 4 'Structure model' pdbx_entry_details        
6 4 'Structure model' pdbx_modification_feature 
7 4 'Structure model' struct_conn               
# 
loop_
_pdbx_audit_revision_item.ordinal 
_pdbx_audit_revision_item.revision_ordinal 
_pdbx_audit_revision_item.data_content_type 
_pdbx_audit_revision_item.item 
1 4 'Structure model' '_database_2.pdbx_DOI'                
2 4 'Structure model' '_database_2.pdbx_database_accession' 
3 4 'Structure model' '_struct_conn.pdbx_leaving_atom_flag' 
# 
_pdbx_database_status.status_code                     REL 
_pdbx_database_status.entry_id                        3LKL 
_pdbx_database_status.recvd_initial_deposition_date   2010-01-27 
_pdbx_database_status.deposit_site                    RCSB 
_pdbx_database_status.process_site                    RCSB 
_pdbx_database_status.status_code_sf                  REL 
_pdbx_database_status.status_code_mr                  ? 
_pdbx_database_status.SG_entry                        Y 
_pdbx_database_status.pdb_format_compatible           Y 
_pdbx_database_status.status_code_cs                  ? 
_pdbx_database_status.methods_development_category    ? 
_pdbx_database_status.status_code_nmr_data            ? 
# 
_pdbx_database_related.db_name        TargetDB 
_pdbx_database_related.db_id          apc63695.3 
_pdbx_database_related.details        . 
_pdbx_database_related.content_type   unspecified 
# 
loop_
_audit_author.name 
_audit_author.pdbx_ordinal 
'Nocek, B.'                                     1 
'Marshall, N.'                                  2 
'Davidoff, J.'                                  3 
'Freeman, L.'                                   4 
'Joachimiak, A.'                                5 
'Midwest Center for Structural Genomics (MCSG)' 6 
# 
_citation.id                        primary 
_citation.title                     
'Crystal structure of the C-terminal domain of Anti-Sigma factor antagonist STAS from Rhodobacter sphaeroides' 
_citation.journal_abbrev            'To be Published' 
_citation.journal_volume            ? 
_citation.page_first                ? 
_citation.page_last                 ? 
_citation.year                      ? 
_citation.journal_id_ASTM           ? 
_citation.country                   ? 
_citation.journal_id_ISSN           ? 
_citation.journal_id_CSD            0353 
_citation.book_publisher            ? 
_citation.pdbx_database_id_PubMed   ? 
_citation.pdbx_database_id_DOI      ? 
# 
loop_
_citation_author.citation_id 
_citation_author.name 
_citation_author.ordinal 
_citation_author.identifier_ORCID 
primary 'Nocek, B.'      1 ? 
primary 'Marshall, N.'   2 ? 
primary 'Davidoff, J.'   3 ? 
primary 'Freeman, L.'    4 ? 
primary 'Joachimiak, A.' 5 ? 
# 
loop_
_entity.id 
_entity.type 
_entity.src_method 
_entity.pdbx_description 
_entity.formula_weight 
_entity.pdbx_number_of_molecules 
_entity.pdbx_ec 
_entity.pdbx_mutation 
_entity.pdbx_fragment 
_entity.details 
1 polymer man 'Antisigma-factor antagonist STAS' 11152.063 2  ? ? 'residues 391-485' ? 
2 water   nat water                              18.015    82 ? ? ?                  ? 
# 
_entity_poly.entity_id                      1 
_entity_poly.type                           'polypeptide(L)' 
_entity_poly.nstd_linkage                   no 
_entity_poly.nstd_monomer                   yes 
_entity_poly.pdbx_seq_one_letter_code       
;SNAFAVSSELSACGRARTYRVEGQLFYGSVEDF(MSE)AAFDFREPLERVTIDVSRAHIWDISSVQALD(MSE)AVLKFR
REGAEVRIVG(MSE)NEASETLVDRLALHD
;
_entity_poly.pdbx_seq_one_letter_code_can   
;SNAFAVSSELSACGRARTYRVEGQLFYGSVEDFMAAFDFREPLERVTIDVSRAHIWDISSVQALDMAVLKFRREGAEVRI
VGMNEASETLVDRLALHD
;
_entity_poly.pdbx_strand_id                 A,B 
_entity_poly.pdbx_target_identifier         apc63695.3 
# 
_pdbx_entity_nonpoly.entity_id   2 
_pdbx_entity_nonpoly.name        water 
_pdbx_entity_nonpoly.comp_id     HOH 
# 
loop_
_entity_poly_seq.entity_id 
_entity_poly_seq.num 
_entity_poly_seq.mon_id 
_entity_poly_seq.hetero 
1 1  SER n 
1 2  ASN n 
1 3  ALA n 
1 4  PHE n 
1 5  ALA n 
1 6  VAL n 
1 7  SER n 
1 8  SER n 
1 9  GLU n 
1 10 LEU n 
1 11 SER n 
1 12 ALA n 
1 13 CYS n 
1 14 GLY n 
1 15 ARG n 
1 16 ALA n 
1 17 ARG n 
1 18 THR n 
1 19 TYR n 
1 20 ARG n 
1 21 VAL n 
1 22 GLU n 
1 23 GLY n 
1 24 GLN n 
1 25 LEU n 
1 26 PHE n 
1 27 TYR n 
1 28 GLY n 
1 29 SER n 
1 30 VAL n 
1 31 GLU n 
1 32 ASP n 
1 33 PHE n 
1 34 MSE n 
1 35 ALA n 
1 36 ALA n 
1 37 PHE n 
1 38 ASP n 
1 39 PHE n 
1 40 ARG n 
1 41 GLU n 
1 42 PRO n 
1 43 LEU n 
1 44 GLU n 
1 45 ARG n 
1 46 VAL n 
1 47 THR n 
1 48 ILE n 
1 49 ASP n 
1 50 VAL n 
1 51 SER n 
1 52 ARG n 
1 53 ALA n 
1 54 HIS n 
1 55 ILE n 
1 56 TRP n 
1 57 ASP n 
1 58 ILE n 
1 59 SER n 
1 60 SER n 
1 61 VAL n 
1 62 GLN n 
1 63 ALA n 
1 64 LEU n 
1 65 ASP n 
1 66 MSE n 
1 67 ALA n 
1 68 VAL n 
1 69 LEU n 
1 70 LYS n 
1 71 PHE n 
1 72 ARG n 
1 73 ARG n 
1 74 GLU n 
1 75 GLY n 
1 76 ALA n 
1 77 GLU n 
1 78 VAL n 
1 79 ARG n 
1 80 ILE n 
1 81 VAL n 
1 82 GLY n 
1 83 MSE n 
1 84 ASN n 
1 85 GLU n 
1 86 ALA n 
1 87 SER n 
1 88 GLU n 
1 89 THR n 
1 90 LEU n 
1 91 VAL n 
1 92 ASP n 
1 93 ARG n 
1 94 LEU n 
1 95 ALA n 
1 96 LEU n 
1 97 HIS n 
1 98 ASP n 
# 
_entity_src_gen.entity_id                          1 
_entity_src_gen.pdbx_src_id                        1 
_entity_src_gen.pdbx_alt_source_flag               sample 
_entity_src_gen.pdbx_seq_type                      ? 
_entity_src_gen.pdbx_beg_seq_num                   ? 
_entity_src_gen.pdbx_end_seq_num                   ? 
_entity_src_gen.gene_src_common_name               ? 
_entity_src_gen.gene_src_genus                     ? 
_entity_src_gen.pdbx_gene_src_gene                 RSP_4257 
_entity_src_gen.gene_src_species                   ? 
_entity_src_gen.gene_src_strain                    'ATCC 17023 / 2.4.1 / NCIB 8253 / DSM 158' 
_entity_src_gen.gene_src_tissue                    ? 
_entity_src_gen.gene_src_tissue_fraction           ? 
_entity_src_gen.gene_src_details                   ? 
_entity_src_gen.pdbx_gene_src_fragment             ? 
_entity_src_gen.pdbx_gene_src_scientific_name      'Rhodobacter sphaeroides' 
_entity_src_gen.pdbx_gene_src_ncbi_taxonomy_id     272943 
_entity_src_gen.pdbx_gene_src_variant              ? 
_entity_src_gen.pdbx_gene_src_cell_line            ? 
_entity_src_gen.pdbx_gene_src_atcc                 ? 
_entity_src_gen.pdbx_gene_src_organ                ? 
_entity_src_gen.pdbx_gene_src_organelle            ? 
_entity_src_gen.pdbx_gene_src_cell                 ? 
_entity_src_gen.pdbx_gene_src_cellular_location    ? 
_entity_src_gen.host_org_common_name               ? 
_entity_src_gen.pdbx_host_org_scientific_name      'Escherichia coli' 
_entity_src_gen.pdbx_host_org_ncbi_taxonomy_id     469008 
_entity_src_gen.host_org_genus                     ? 
_entity_src_gen.pdbx_host_org_gene                 ? 
_entity_src_gen.pdbx_host_org_organ                ? 
_entity_src_gen.host_org_species                   ? 
_entity_src_gen.pdbx_host_org_tissue               ? 
_entity_src_gen.pdbx_host_org_tissue_fraction      ? 
_entity_src_gen.pdbx_host_org_strain               Bl21-DE3 
_entity_src_gen.pdbx_host_org_variant              ? 
_entity_src_gen.pdbx_host_org_cell_line            ? 
_entity_src_gen.pdbx_host_org_atcc                 ? 
_entity_src_gen.pdbx_host_org_culture_collection   ? 
_entity_src_gen.pdbx_host_org_cell                 ? 
_entity_src_gen.pdbx_host_org_organelle            ? 
_entity_src_gen.pdbx_host_org_cellular_location    ? 
_entity_src_gen.pdbx_host_org_vector_type          plasmid 
_entity_src_gen.pdbx_host_org_vector               ? 
_entity_src_gen.host_org_details                   ? 
_entity_src_gen.expression_system_id               ? 
_entity_src_gen.plasmid_name                       pMCSG19 
_entity_src_gen.plasmid_details                    ? 
_entity_src_gen.pdbx_description                   ? 
# 
loop_
_chem_comp.id 
_chem_comp.type 
_chem_comp.mon_nstd_flag 
_chem_comp.name 
_chem_comp.pdbx_synonyms 
_chem_comp.formula 
_chem_comp.formula_weight 
ALA 'L-peptide linking' y ALANINE          ? 'C3 H7 N O2'     89.093  
ARG 'L-peptide linking' y ARGININE         ? 'C6 H15 N4 O2 1' 175.209 
ASN 'L-peptide linking' y ASPARAGINE       ? 'C4 H8 N2 O3'    132.118 
ASP 'L-peptide linking' y 'ASPARTIC ACID'  ? 'C4 H7 N O4'     133.103 
CYS 'L-peptide linking' y CYSTEINE         ? 'C3 H7 N O2 S'   121.158 
GLN 'L-peptide linking' y GLUTAMINE        ? 'C5 H10 N2 O3'   146.144 
GLU 'L-peptide linking' y 'GLUTAMIC ACID'  ? 'C5 H9 N O4'     147.129 
GLY 'peptide linking'   y GLYCINE          ? 'C2 H5 N O2'     75.067  
HIS 'L-peptide linking' y HISTIDINE        ? 'C6 H10 N3 O2 1' 156.162 
HOH non-polymer         . WATER            ? 'H2 O'           18.015  
ILE 'L-peptide linking' y ISOLEUCINE       ? 'C6 H13 N O2'    131.173 
LEU 'L-peptide linking' y LEUCINE          ? 'C6 H13 N O2'    131.173 
LYS 'L-peptide linking' y LYSINE           ? 'C6 H15 N2 O2 1' 147.195 
MSE 'L-peptide linking' n SELENOMETHIONINE ? 'C5 H11 N O2 Se' 196.106 
PHE 'L-peptide linking' y PHENYLALANINE    ? 'C9 H11 N O2'    165.189 
PRO 'L-peptide linking' y PROLINE          ? 'C5 H9 N O2'     115.130 
SER 'L-peptide linking' y SERINE           ? 'C3 H7 N O3'     105.093 
THR 'L-peptide linking' y THREONINE        ? 'C4 H9 N O3'     119.119 
TRP 'L-peptide linking' y TRYPTOPHAN       ? 'C11 H12 N2 O2'  204.225 
TYR 'L-peptide linking' y TYROSINE         ? 'C9 H11 N O3'    181.189 
VAL 'L-peptide linking' y VALINE           ? 'C5 H11 N O2'    117.146 
# 
loop_
_pdbx_poly_seq_scheme.asym_id 
_pdbx_poly_seq_scheme.entity_id 
_pdbx_poly_seq_scheme.seq_id 
_pdbx_poly_seq_scheme.mon_id 
_pdbx_poly_seq_scheme.ndb_seq_num 
_pdbx_poly_seq_scheme.pdb_seq_num 
_pdbx_poly_seq_scheme.auth_seq_num 
_pdbx_poly_seq_scheme.pdb_mon_id 
_pdbx_poly_seq_scheme.auth_mon_id 
_pdbx_poly_seq_scheme.pdb_strand_id 
_pdbx_poly_seq_scheme.pdb_ins_code 
_pdbx_poly_seq_scheme.hetero 
A 1 1  SER 1  -2 ?  ?   ?   A . n 
A 1 2  ASN 2  -1 -1 ASN ASN A . n 
A 1 3  ALA 3  0  0  ALA ALA A . n 
A 1 4  PHE 4  1  1  PHE PHE A . n 
A 1 5  ALA 5  2  2  ALA ALA A . n 
A 1 6  VAL 6  3  3  VAL VAL A . n 
A 1 7  SER 7  4  4  SER SER A . n 
A 1 8  SER 8  5  5  SER SER A . n 
A 1 9  GLU 9  6  6  GLU GLU A . n 
A 1 10 LEU 10 7  7  LEU LEU A . n 
A 1 11 SER 11 8  8  SER SER A . n 
A 1 12 ALA 12 9  9  ALA ALA A . n 
A 1 13 CYS 13 10 10 CYS CYS A . n 
A 1 14 GLY 14 11 11 GLY GLY A . n 
A 1 15 ARG 15 12 12 ARG ARG A . n 
A 1 16 ALA 16 13 13 ALA ALA A . n 
A 1 17 ARG 17 14 14 ARG ARG A . n 
A 1 18 THR 18 15 15 THR THR A . n 
A 1 19 TYR 19 16 16 TYR TYR A . n 
A 1 20 ARG 20 17 17 ARG ARG A . n 
A 1 21 VAL 21 18 18 VAL VAL A . n 
A 1 22 GLU 22 19 19 GLU GLU A . n 
A 1 23 GLY 23 20 20 GLY GLY A . n 
A 1 24 GLN 24 21 21 GLN GLN A . n 
A 1 25 LEU 25 22 22 LEU LEU A . n 
A 1 26 PHE 26 23 23 PHE PHE A . n 
A 1 27 TYR 27 24 24 TYR TYR A . n 
A 1 28 GLY 28 25 25 GLY GLY A . n 
A 1 29 SER 29 26 26 SER SER A . n 
A 1 30 VAL 30 27 27 VAL VAL A . n 
A 1 31 GLU 31 28 28 GLU GLU A . n 
A 1 32 ASP 32 29 29 ASP ASP A . n 
A 1 33 PHE 33 30 30 PHE PHE A . n 
A 1 34 MSE 34 31 31 MSE MSE A . n 
A 1 35 ALA 35 32 32 ALA ALA A . n 
A 1 36 ALA 36 33 33 ALA ALA A . n 
A 1 37 PHE 37 34 34 PHE PHE A . n 
A 1 38 ASP 38 35 35 ASP ASP A . n 
A 1 39 PHE 39 36 36 PHE PHE A . n 
A 1 40 ARG 40 37 37 ARG ARG A . n 
A 1 41 GLU 41 38 38 GLU GLU A . n 
A 1 42 PRO 42 39 39 PRO PRO A . n 
A 1 43 LEU 43 40 40 LEU LEU A . n 
A 1 44 GLU 44 41 41 GLU GLU A . n 
A 1 45 ARG 45 42 42 ARG ARG A . n 
A 1 46 VAL 46 43 43 VAL VAL A . n 
A 1 47 THR 47 44 44 THR THR A . n 
A 1 48 ILE 48 45 45 ILE ILE A . n 
A 1 49 ASP 49 46 46 ASP ASP A . n 
A 1 50 VAL 50 47 47 VAL VAL A . n 
A 1 51 SER 51 48 48 SER SER A . n 
A 1 52 ARG 52 49 49 ARG ARG A . n 
A 1 53 ALA 53 50 50 ALA ALA A . n 
A 1 54 HIS 54 51 51 HIS HIS A . n 
A 1 55 ILE 55 52 52 ILE ILE A . n 
A 1 56 TRP 56 53 53 TRP TRP A . n 
A 1 57 ASP 57 54 54 ASP ASP A . n 
A 1 58 ILE 58 55 55 ILE ILE A . n 
A 1 59 SER 59 56 56 SER SER A . n 
A 1 60 SER 60 57 57 SER SER A . n 
A 1 61 VAL 61 58 58 VAL VAL A . n 
A 1 62 GLN 62 59 59 GLN GLN A . n 
A 1 63 ALA 63 60 60 ALA ALA A . n 
A 1 64 LEU 64 61 61 LEU LEU A . n 
A 1 65 ASP 65 62 62 ASP ASP A . n 
A 1 66 MSE 66 63 63 MSE MSE A . n 
A 1 67 ALA 67 64 64 ALA ALA A . n 
A 1 68 VAL 68 65 65 VAL VAL A . n 
A 1 69 LEU 69 66 66 LEU LEU A . n 
A 1 70 LYS 70 67 67 LYS LYS A . n 
A 1 71 PHE 71 68 68 PHE PHE A . n 
A 1 72 ARG 72 69 69 ARG ARG A . n 
A 1 73 ARG 73 70 70 ARG ARG A . n 
A 1 74 GLU 74 71 71 GLU GLU A . n 
A 1 75 GLY 75 72 72 GLY GLY A . n 
A 1 76 ALA 76 73 73 ALA ALA A . n 
A 1 77 GLU 77 74 74 GLU GLU A . n 
A 1 78 VAL 78 75 75 VAL VAL A . n 
A 1 79 ARG 79 76 76 ARG ARG A . n 
A 1 80 ILE 80 77 77 ILE ILE A . n 
A 1 81 VAL 81 78 78 VAL VAL A . n 
A 1 82 GLY 82 79 79 GLY GLY A . n 
A 1 83 MSE 83 80 80 MSE MSE A . n 
A 1 84 ASN 84 81 81 ASN ASN A . n 
A 1 85 GLU 85 82 82 GLU GLU A . n 
A 1 86 ALA 86 83 83 ALA ALA A . n 
A 1 87 SER 87 84 84 SER SER A . n 
A 1 88 GLU 88 85 85 GLU GLU A . n 
A 1 89 THR 89 86 86 THR THR A . n 
A 1 90 LEU 90 87 87 LEU LEU A . n 
A 1 91 VAL 91 88 88 VAL VAL A . n 
A 1 92 ASP 92 89 89 ASP ASP A . n 
A 1 93 ARG 93 90 90 ARG ARG A . n 
A 1 94 LEU 94 91 91 LEU LEU A . n 
A 1 95 ALA 95 92 ?  ?   ?   A . n 
A 1 96 LEU 96 93 ?  ?   ?   A . n 
A 1 97 HIS 97 94 ?  ?   ?   A . n 
A 1 98 ASP 98 95 ?  ?   ?   A . n 
B 1 1  SER 1  -2 ?  ?   ?   B . n 
B 1 2  ASN 2  -1 ?  ?   ?   B . n 
B 1 3  ALA 3  0  0  ALA ALA B . n 
B 1 4  PHE 4  1  1  PHE PHE B . n 
B 1 5  ALA 5  2  2  ALA ALA B . n 
B 1 6  VAL 6  3  3  VAL VAL B . n 
B 1 7  SER 7  4  4  SER SER B . n 
B 1 8  SER 8  5  5  SER SER B . n 
B 1 9  GLU 9  6  6  GLU GLU B . n 
B 1 10 LEU 10 7  7  LEU LEU B . n 
B 1 11 SER 11 8  ?  ?   ?   B . n 
B 1 12 ALA 12 9  ?  ?   ?   B . n 
B 1 13 CYS 13 10 ?  ?   ?   B . n 
B 1 14 GLY 14 11 ?  ?   ?   B . n 
B 1 15 ARG 15 12 ?  ?   ?   B . n 
B 1 16 ALA 16 13 13 ALA ALA B . n 
B 1 17 ARG 17 14 14 ARG ARG B . n 
B 1 18 THR 18 15 15 THR THR B . n 
B 1 19 TYR 19 16 16 TYR TYR B . n 
B 1 20 ARG 20 17 17 ARG ARG B . n 
B 1 21 VAL 21 18 18 VAL VAL B . n 
B 1 22 GLU 22 19 19 GLU GLU B . n 
B 1 23 GLY 23 20 20 GLY GLY B . n 
B 1 24 GLN 24 21 21 GLN GLN B . n 
B 1 25 LEU 25 22 22 LEU LEU B . n 
B 1 26 PHE 26 23 23 PHE PHE B . n 
B 1 27 TYR 27 24 24 TYR TYR B . n 
B 1 28 GLY 28 25 25 GLY GLY B . n 
B 1 29 SER 29 26 26 SER SER B . n 
B 1 30 VAL 30 27 27 VAL VAL B . n 
B 1 31 GLU 31 28 28 GLU GLU B . n 
B 1 32 ASP 32 29 29 ASP ASP B . n 
B 1 33 PHE 33 30 30 PHE PHE B . n 
B 1 34 MSE 34 31 31 MSE MSE B . n 
B 1 35 ALA 35 32 32 ALA ALA B . n 
B 1 36 ALA 36 33 33 ALA ALA B . n 
B 1 37 PHE 37 34 34 PHE PHE B . n 
B 1 38 ASP 38 35 35 ASP ASP B . n 
B 1 39 PHE 39 36 36 PHE PHE B . n 
B 1 40 ARG 40 37 37 ARG ARG B . n 
B 1 41 GLU 41 38 38 GLU GLU B . n 
B 1 42 PRO 42 39 39 PRO PRO B . n 
B 1 43 LEU 43 40 40 LEU LEU B . n 
B 1 44 GLU 44 41 41 GLU GLU B . n 
B 1 45 ARG 45 42 42 ARG ARG B . n 
B 1 46 VAL 46 43 43 VAL VAL B . n 
B 1 47 THR 47 44 44 THR THR B . n 
B 1 48 ILE 48 45 45 ILE ILE B . n 
B 1 49 ASP 49 46 46 ASP ASP B . n 
B 1 50 VAL 50 47 47 VAL VAL B . n 
B 1 51 SER 51 48 48 SER SER B . n 
B 1 52 ARG 52 49 49 ARG ARG B . n 
B 1 53 ALA 53 50 50 ALA ALA B . n 
B 1 54 HIS 54 51 51 HIS HIS B . n 
B 1 55 ILE 55 52 52 ILE ILE B . n 
B 1 56 TRP 56 53 53 TRP TRP B . n 
B 1 57 ASP 57 54 54 ASP ASP B . n 
B 1 58 ILE 58 55 55 ILE ILE B . n 
B 1 59 SER 59 56 56 SER SER B . n 
B 1 60 SER 60 57 57 SER SER B . n 
B 1 61 VAL 61 58 58 VAL VAL B . n 
B 1 62 GLN 62 59 59 GLN GLN B . n 
B 1 63 ALA 63 60 60 ALA ALA B . n 
B 1 64 LEU 64 61 61 LEU LEU B . n 
B 1 65 ASP 65 62 62 ASP ASP B . n 
B 1 66 MSE 66 63 63 MSE MSE B . n 
B 1 67 ALA 67 64 64 ALA ALA B . n 
B 1 68 VAL 68 65 65 VAL VAL B . n 
B 1 69 LEU 69 66 66 LEU LEU B . n 
B 1 70 LYS 70 67 67 LYS LYS B . n 
B 1 71 PHE 71 68 68 PHE PHE B . n 
B 1 72 ARG 72 69 69 ARG ARG B . n 
B 1 73 ARG 73 70 70 ARG ARG B . n 
B 1 74 GLU 74 71 71 GLU GLU B . n 
B 1 75 GLY 75 72 72 GLY GLY B . n 
B 1 76 ALA 76 73 73 ALA ALA B . n 
B 1 77 GLU 77 74 74 GLU GLU B . n 
B 1 78 VAL 78 75 75 VAL VAL B . n 
B 1 79 ARG 79 76 76 ARG ARG B . n 
B 1 80 ILE 80 77 77 ILE ILE B . n 
B 1 81 VAL 81 78 78 VAL VAL B . n 
B 1 82 GLY 82 79 79 GLY GLY B . n 
B 1 83 MSE 83 80 80 MSE MSE B . n 
B 1 84 ASN 84 81 81 ASN ASN B . n 
B 1 85 GLU 85 82 82 GLU GLU B . n 
B 1 86 ALA 86 83 83 ALA ALA B . n 
B 1 87 SER 87 84 84 SER SER B . n 
B 1 88 GLU 88 85 85 GLU GLU B . n 
B 1 89 THR 89 86 86 THR THR B . n 
B 1 90 LEU 90 87 87 LEU LEU B . n 
B 1 91 VAL 91 88 88 VAL VAL B . n 
B 1 92 ASP 92 89 89 ASP ASP B . n 
B 1 93 ARG 93 90 90 ARG ARG B . n 
B 1 94 LEU 94 91 91 LEU LEU B . n 
B 1 95 ALA 95 92 92 ALA HIS B . n 
B 1 96 LEU 96 93 ?  ?   ?   B . n 
B 1 97 HIS 97 94 ?  ?   ?   B . n 
B 1 98 ASP 98 95 ?  ?   ?   B . n 
# 
loop_
_pdbx_nonpoly_scheme.asym_id 
_pdbx_nonpoly_scheme.entity_id 
_pdbx_nonpoly_scheme.mon_id 
_pdbx_nonpoly_scheme.ndb_seq_num 
_pdbx_nonpoly_scheme.pdb_seq_num 
_pdbx_nonpoly_scheme.auth_seq_num 
_pdbx_nonpoly_scheme.pdb_mon_id 
_pdbx_nonpoly_scheme.auth_mon_id 
_pdbx_nonpoly_scheme.pdb_strand_id 
_pdbx_nonpoly_scheme.pdb_ins_code 
C 2 HOH 1  96  2  HOH HOH A . 
C 2 HOH 2  97  3  HOH HOH A . 
C 2 HOH 3  98  6  HOH HOH A . 
C 2 HOH 4  99  7  HOH HOH A . 
C 2 HOH 5  100 9  HOH HOH A . 
C 2 HOH 6  101 10 HOH HOH A . 
C 2 HOH 7  102 11 HOH HOH A . 
C 2 HOH 8  103 13 HOH HOH A . 
C 2 HOH 9  104 14 HOH HOH A . 
C 2 HOH 10 105 17 HOH HOH A . 
C 2 HOH 11 106 18 HOH HOH A . 
C 2 HOH 12 107 20 HOH HOH A . 
C 2 HOH 13 108 21 HOH HOH A . 
C 2 HOH 14 109 22 HOH HOH A . 
C 2 HOH 15 110 23 HOH HOH A . 
C 2 HOH 16 111 25 HOH HOH A . 
C 2 HOH 17 112 26 HOH HOH A . 
C 2 HOH 18 113 27 HOH HOH A . 
C 2 HOH 19 114 28 HOH HOH A . 
C 2 HOH 20 115 32 HOH HOH A . 
C 2 HOH 21 116 33 HOH HOH A . 
C 2 HOH 22 117 34 HOH HOH A . 
C 2 HOH 23 118 35 HOH HOH A . 
C 2 HOH 24 119 36 HOH HOH A . 
C 2 HOH 25 120 37 HOH HOH A . 
C 2 HOH 26 121 38 HOH HOH A . 
C 2 HOH 27 122 40 HOH HOH A . 
C 2 HOH 28 123 41 HOH HOH A . 
C 2 HOH 29 124 42 HOH HOH A . 
C 2 HOH 30 125 43 HOH HOH A . 
C 2 HOH 31 126 44 HOH HOH A . 
C 2 HOH 32 127 46 HOH HOH A . 
C 2 HOH 33 128 47 HOH HOH A . 
C 2 HOH 34 129 48 HOH HOH A . 
C 2 HOH 35 130 49 HOH HOH A . 
C 2 HOH 36 131 50 HOH HOH A . 
C 2 HOH 37 132 51 HOH HOH A . 
C 2 HOH 38 133 53 HOH HOH A . 
C 2 HOH 39 134 55 HOH HOH A . 
C 2 HOH 40 135 56 HOH HOH A . 
C 2 HOH 41 136 58 HOH HOH A . 
C 2 HOH 42 137 60 HOH HOH A . 
C 2 HOH 43 138 64 HOH HOH A . 
C 2 HOH 44 139 65 HOH HOH A . 
C 2 HOH 45 140 66 HOH HOH A . 
C 2 HOH 46 141 69 HOH HOH A . 
C 2 HOH 47 142 73 HOH HOH A . 
C 2 HOH 48 143 74 HOH HOH A . 
C 2 HOH 49 144 75 HOH HOH A . 
C 2 HOH 50 145 77 HOH HOH A . 
C 2 HOH 51 146 78 HOH HOH A . 
C 2 HOH 52 147 80 HOH HOH A . 
C 2 HOH 53 148 84 HOH HOH A . 
C 2 HOH 54 149 85 HOH HOH A . 
C 2 HOH 55 150 86 HOH HOH A . 
C 2 HOH 56 151 87 HOH HOH A . 
D 2 HOH 1  96  1  HOH HOH B . 
D 2 HOH 2  97  5  HOH HOH B . 
D 2 HOH 3  98  8  HOH HOH B . 
D 2 HOH 4  99  12 HOH HOH B . 
D 2 HOH 5  100 15 HOH HOH B . 
D 2 HOH 6  101 16 HOH HOH B . 
D 2 HOH 7  102 19 HOH HOH B . 
D 2 HOH 8  103 24 HOH HOH B . 
D 2 HOH 9  104 29 HOH HOH B . 
D 2 HOH 10 105 30 HOH HOH B . 
D 2 HOH 11 106 31 HOH HOH B . 
D 2 HOH 12 107 39 HOH HOH B . 
D 2 HOH 13 108 52 HOH HOH B . 
D 2 HOH 14 109 54 HOH HOH B . 
D 2 HOH 15 110 57 HOH HOH B . 
D 2 HOH 16 111 61 HOH HOH B . 
D 2 HOH 17 112 62 HOH HOH B . 
D 2 HOH 18 113 63 HOH HOH B . 
D 2 HOH 19 114 68 HOH HOH B . 
D 2 HOH 20 115 70 HOH HOH B . 
D 2 HOH 21 116 79 HOH HOH B . 
D 2 HOH 22 117 81 HOH HOH B . 
D 2 HOH 23 118 82 HOH HOH B . 
D 2 HOH 24 119 83 HOH HOH B . 
D 2 HOH 25 120 88 HOH HOH B . 
D 2 HOH 26 121 89 HOH HOH B . 
# 
loop_
_pdbx_unobs_or_zero_occ_atoms.id 
_pdbx_unobs_or_zero_occ_atoms.PDB_model_num 
_pdbx_unobs_or_zero_occ_atoms.polymer_flag 
_pdbx_unobs_or_zero_occ_atoms.occupancy_flag 
_pdbx_unobs_or_zero_occ_atoms.auth_asym_id 
_pdbx_unobs_or_zero_occ_atoms.auth_comp_id 
_pdbx_unobs_or_zero_occ_atoms.auth_seq_id 
_pdbx_unobs_or_zero_occ_atoms.PDB_ins_code 
_pdbx_unobs_or_zero_occ_atoms.auth_atom_id 
_pdbx_unobs_or_zero_occ_atoms.label_alt_id 
_pdbx_unobs_or_zero_occ_atoms.label_asym_id 
_pdbx_unobs_or_zero_occ_atoms.label_comp_id 
_pdbx_unobs_or_zero_occ_atoms.label_seq_id 
_pdbx_unobs_or_zero_occ_atoms.label_atom_id 
1  1 Y 1 A ARG 90 ? CG  ? A ARG 93 CG  
2  1 Y 1 A ARG 90 ? CD  ? A ARG 93 CD  
3  1 Y 1 A ARG 90 ? NE  ? A ARG 93 NE  
4  1 Y 1 A ARG 90 ? CZ  ? A ARG 93 CZ  
5  1 Y 1 A ARG 90 ? NH1 ? A ARG 93 NH1 
6  1 Y 1 A ARG 90 ? NH2 ? A ARG 93 NH2 
7  1 Y 1 B GLU 41 ? CG  ? B GLU 44 CG  
8  1 Y 1 B GLU 41 ? CD  ? B GLU 44 CD  
9  1 Y 1 B GLU 41 ? OE1 ? B GLU 44 OE1 
10 1 Y 1 B GLU 41 ? OE2 ? B GLU 44 OE2 
11 1 Y 1 B ARG 42 ? CG  ? B ARG 45 CG  
12 1 Y 1 B ARG 42 ? CD  ? B ARG 45 CD  
13 1 Y 1 B ARG 42 ? NE  ? B ARG 45 NE  
14 1 Y 1 B ARG 42 ? CZ  ? B ARG 45 CZ  
15 1 Y 1 B ARG 42 ? NH1 ? B ARG 45 NH1 
16 1 Y 1 B ARG 42 ? NH2 ? B ARG 45 NH2 
17 1 Y 1 B ARG 49 ? CG  ? B ARG 52 CG  
18 1 Y 1 B ARG 49 ? CD  ? B ARG 52 CD  
19 1 Y 1 B ARG 49 ? NE  ? B ARG 52 NE  
20 1 Y 1 B ARG 49 ? CZ  ? B ARG 52 CZ  
21 1 Y 1 B ARG 49 ? NH1 ? B ARG 52 NH1 
22 1 Y 1 B ARG 49 ? NH2 ? B ARG 52 NH2 
23 1 Y 1 B PHE 68 ? CG  ? B PHE 71 CG  
24 1 Y 1 B PHE 68 ? CD1 ? B PHE 71 CD1 
25 1 Y 1 B PHE 68 ? CD2 ? B PHE 71 CD2 
26 1 Y 1 B PHE 68 ? CE1 ? B PHE 71 CE1 
27 1 Y 1 B PHE 68 ? CE2 ? B PHE 71 CE2 
28 1 Y 1 B PHE 68 ? CZ  ? B PHE 71 CZ  
29 1 Y 1 B ARG 70 ? CG  ? B ARG 73 CG  
30 1 Y 1 B ARG 70 ? CD  ? B ARG 73 CD  
31 1 Y 1 B ARG 70 ? NE  ? B ARG 73 NE  
32 1 Y 1 B ARG 70 ? CZ  ? B ARG 73 CZ  
33 1 Y 1 B ARG 70 ? NH1 ? B ARG 73 NH1 
34 1 Y 1 B ARG 70 ? NH2 ? B ARG 73 NH2 
35 1 Y 1 B ARG 76 ? CG  ? B ARG 79 CG  
36 1 Y 1 B ARG 76 ? CD  ? B ARG 79 CD  
37 1 Y 1 B ARG 76 ? NE  ? B ARG 79 NE  
38 1 Y 1 B ARG 76 ? CZ  ? B ARG 79 CZ  
39 1 Y 1 B ARG 76 ? NH1 ? B ARG 79 NH1 
40 1 Y 1 B ARG 76 ? NH2 ? B ARG 79 NH2 
# 
loop_
_software.name 
_software.classification 
_software.version 
_software.citation_id 
_software.pdbx_ordinal 
SBC-Collect 'data collection' .        ? 1  
SHELX       'model building'  .        ? 2  
HKL-3000    phasing           .        ? 3  
MLPHARE     phasing           .        ? 4  
CCP4        'model building'  .        ? 5  
DM          'model building'  .        ? 6  
ARP/wARP    'model building'  .        ? 7  
Coot        'model building'  .        ? 8  
REFMAC      refinement        5.5.0102 ? 9  
HKL-3000    'data reduction'  .        ? 10 
HKL-3000    'data scaling'    .        ? 11 
SHELX       phasing           .        ? 12 
CCP4        phasing           .        ? 13 
DM          phasing           .        ? 14 
# 
_cell.entry_id           3LKL 
_cell.length_a           98.428 
_cell.length_b           98.428 
_cell.length_c           46.825 
_cell.angle_alpha        90.00 
_cell.angle_beta         90.00 
_cell.angle_gamma        120.00 
_cell.Z_PDB              12 
_cell.pdbx_unique_axis   ? 
_cell.length_a_esd       ? 
_cell.length_b_esd       ? 
_cell.length_c_esd       ? 
_cell.angle_alpha_esd    ? 
_cell.angle_beta_esd     ? 
_cell.angle_gamma_esd    ? 
# 
_symmetry.entry_id                         3LKL 
_symmetry.space_group_name_H-M             'P 65' 
_symmetry.pdbx_full_space_group_name_H-M   ? 
_symmetry.cell_setting                     ? 
_symmetry.Int_Tables_number                170 
_symmetry.space_group_name_Hall            ? 
# 
_exptl.entry_id          3LKL 
_exptl.method            'X-RAY DIFFRACTION' 
_exptl.crystals_number   1 
# 
_exptl_crystal.id                    1 
_exptl_crystal.density_meas          ? 
_exptl_crystal.density_Matthews      2.94 
_exptl_crystal.density_percent_sol   58.10 
_exptl_crystal.description           ? 
_exptl_crystal.F_000                 ? 
_exptl_crystal.preparation           ? 
# 
_exptl_crystal_grow.crystal_id      1 
_exptl_crystal_grow.method          'VAPOR DIFFUSION, SITTING DROP' 
_exptl_crystal_grow.temp            291 
_exptl_crystal_grow.temp_details    ? 
_exptl_crystal_grow.pH              6.2 
_exptl_crystal_grow.pdbx_details    
;0.2 M Sodium Chloride 
Na/K phosphate 
50% PEG 200 
, pH 6.2, VAPOR DIFFUSION, SITTING DROP, temperature 291K
;
_exptl_crystal_grow.pdbx_pH_range   ? 
# 
_diffrn.id                     1 
_diffrn.ambient_temp           100 
_diffrn.ambient_temp_details   ? 
_diffrn.crystal_id             1 
# 
_diffrn_detector.diffrn_id              1 
_diffrn_detector.detector               CCD 
_diffrn_detector.type                   'ADSC QUANTUM 315r' 
_diffrn_detector.pdbx_collection_date   2009-07-28 
_diffrn_detector.details                mirrors 
# 
_diffrn_radiation.diffrn_id                        1 
_diffrn_radiation.wavelength_id                    1 
_diffrn_radiation.pdbx_monochromatic_or_laue_m_l   M 
_diffrn_radiation.monochromator                    'double crystal' 
_diffrn_radiation.pdbx_diffrn_protocol             'SINGLE WAVELENGTH' 
_diffrn_radiation.pdbx_scattering_type             x-ray 
# 
_diffrn_radiation_wavelength.id           1 
_diffrn_radiation_wavelength.wavelength   0.9794 
_diffrn_radiation_wavelength.wt           1.0 
# 
_diffrn_source.diffrn_id                   1 
_diffrn_source.source                      SYNCHROTRON 
_diffrn_source.type                        'APS BEAMLINE 19-ID' 
_diffrn_source.pdbx_synchrotron_site       APS 
_diffrn_source.pdbx_synchrotron_beamline   19-ID 
_diffrn_source.pdbx_wavelength             ? 
_diffrn_source.pdbx_wavelength_list        0.9794 
# 
_reflns.entry_id                     3LKL 
_reflns.observed_criterion_sigma_I   2 
_reflns.observed_criterion_sigma_F   2 
_reflns.d_resolution_low             40 
_reflns.d_resolution_high            2.15 
_reflns.number_obs                   14242 
_reflns.number_all                   14500 
_reflns.percent_possible_obs         99.8 
_reflns.pdbx_Rmerge_I_obs            0.094 
_reflns.pdbx_Rsym_value              ? 
_reflns.pdbx_netI_over_sigmaI        25.4 
_reflns.B_iso_Wilson_estimate        50 
_reflns.pdbx_redundancy              4.6 
_reflns.R_free_details               ? 
_reflns.limit_h_max                  ? 
_reflns.limit_h_min                  ? 
_reflns.limit_k_max                  ? 
_reflns.limit_k_min                  ? 
_reflns.limit_l_max                  ? 
_reflns.limit_l_min                  ? 
_reflns.observed_criterion_F_max     ? 
_reflns.observed_criterion_F_min     ? 
_reflns.pdbx_chi_squared             ? 
_reflns.pdbx_scaling_rejects         ? 
_reflns.pdbx_ordinal                 1 
_reflns.pdbx_diffrn_id               1 
# 
_reflns_shell.d_res_high             2.15 
_reflns_shell.d_res_low              ? 
_reflns_shell.percent_possible_all   100 
_reflns_shell.Rmerge_I_obs           0.75 
_reflns_shell.pdbx_Rsym_value        ? 
_reflns_shell.meanI_over_sigI_obs    2 
_reflns_shell.pdbx_redundancy        4.5 
_reflns_shell.percent_possible_obs   ? 
_reflns_shell.number_unique_all      717 
_reflns_shell.number_measured_all    ? 
_reflns_shell.number_measured_obs    ? 
_reflns_shell.number_unique_obs      ? 
_reflns_shell.pdbx_chi_squared       ? 
_reflns_shell.pdbx_ordinal           1 
_reflns_shell.pdbx_diffrn_id         1 
# 
_refine.entry_id                                 3LKL 
_refine.ls_number_reflns_obs                     13489 
_refine.ls_number_reflns_all                     14250 
_refine.pdbx_ls_sigma_I                          2 
_refine.pdbx_ls_sigma_F                          2 
_refine.pdbx_data_cutoff_high_absF               ? 
_refine.pdbx_data_cutoff_low_absF                ? 
_refine.pdbx_data_cutoff_high_rms_absF           ? 
_refine.ls_d_res_low                             40.00 
_refine.ls_d_res_high                            2.15 
_refine.ls_percent_reflns_obs                    99.62 
_refine.ls_R_factor_obs                          0.20164 
_refine.ls_R_factor_all                          0.20164 
_refine.ls_R_factor_R_work                       0.19946 
_refine.ls_R_factor_R_free                       0.24180 
_refine.ls_R_factor_R_free_error                 ? 
_refine.ls_R_factor_R_free_error_details         ? 
_refine.ls_percent_reflns_R_free                 5.2 
_refine.ls_number_reflns_R_free                  747 
_refine.ls_number_parameters                     ? 
_refine.ls_number_restraints                     ? 
_refine.occupancy_min                            ? 
_refine.occupancy_max                            ? 
_refine.correlation_coeff_Fo_to_Fc               0.952 
_refine.correlation_coeff_Fo_to_Fc_free          0.931 
_refine.B_iso_mean                               18.643 
_refine.aniso_B[1][1]                            2.18 
_refine.aniso_B[2][2]                            2.18 
_refine.aniso_B[3][3]                            -4.36 
_refine.aniso_B[1][2]                            0.00 
_refine.aniso_B[1][3]                            0.00 
_refine.aniso_B[2][3]                            0.00 
_refine.solvent_model_details                    MASK 
_refine.solvent_model_param_ksol                 ? 
_refine.solvent_model_param_bsol                 ? 
_refine.pdbx_solvent_vdw_probe_radii             1.40 
_refine.pdbx_solvent_ion_probe_radii             0.80 
_refine.pdbx_solvent_shrinkage_radii             0.80 
_refine.pdbx_ls_cross_valid_method               THROUGHOUT 
_refine.details                                  'HYDROGENS HAVE BEEN ADDED IN THE RIDING POSITIONS' 
_refine.pdbx_starting_model                      ? 
_refine.pdbx_method_to_determine_struct          SAD 
_refine.pdbx_isotropic_thermal_model             ? 
_refine.pdbx_stereochemistry_target_values       'MAXIMUM LIKELIHOOD' 
_refine.pdbx_stereochem_target_val_spec_case     ? 
_refine.pdbx_R_Free_selection_details            RANDOM 
_refine.pdbx_overall_ESU_R                       0.041 
_refine.pdbx_overall_ESU_R_Free                  0.037 
_refine.overall_SU_ML                            0.160 
_refine.overall_SU_B                             16.891 
_refine.ls_redundancy_reflns_obs                 ? 
_refine.B_iso_min                                ? 
_refine.B_iso_max                                ? 
_refine.overall_SU_R_Cruickshank_DPI             ? 
_refine.overall_SU_R_free                        ? 
_refine.ls_wR_factor_R_free                      ? 
_refine.ls_wR_factor_R_work                      ? 
_refine.overall_FOM_free_R_set                   ? 
_refine.overall_FOM_work_R_set                   ? 
_refine.pdbx_overall_phase_error                 ? 
_refine.pdbx_refine_id                           'X-RAY DIFFRACTION' 
_refine.pdbx_TLS_residual_ADP_flag               'LIKELY RESIDUAL' 
_refine.pdbx_diffrn_id                           1 
_refine.pdbx_overall_SU_R_free_Cruickshank_DPI   ? 
_refine.pdbx_overall_SU_R_Blow_DPI               ? 
_refine.pdbx_overall_SU_R_free_Blow_DPI          ? 
# 
_refine_hist.pdbx_refine_id                   'X-RAY DIFFRACTION' 
_refine_hist.cycle_id                         LAST 
_refine_hist.pdbx_number_atoms_protein        1395 
_refine_hist.pdbx_number_atoms_nucleic_acid   0 
_refine_hist.pdbx_number_atoms_ligand         0 
_refine_hist.number_atoms_solvent             82 
_refine_hist.number_atoms_total               1477 
_refine_hist.d_res_high                       2.15 
_refine_hist.d_res_low                        40.00 
# 
loop_
_refine_ls_restr.type 
_refine_ls_restr.dev_ideal 
_refine_ls_restr.dev_ideal_target 
_refine_ls_restr.weight 
_refine_ls_restr.number 
_refine_ls_restr.pdbx_refine_id 
_refine_ls_restr.pdbx_restraint_function 
r_bond_refined_d             0.023  0.022  ? 1415 'X-RAY DIFFRACTION' ? 
r_bond_other_d               0.003  0.020  ? 936  'X-RAY DIFFRACTION' ? 
r_angle_refined_deg          2.010  1.944  ? 1912 'X-RAY DIFFRACTION' ? 
r_angle_other_deg            1.086  3.000  ? 2254 'X-RAY DIFFRACTION' ? 
r_dihedral_angle_1_deg       7.201  5.000  ? 178  'X-RAY DIFFRACTION' ? 
r_dihedral_angle_2_deg       32.555 23.188 ? 69   'X-RAY DIFFRACTION' ? 
r_dihedral_angle_3_deg       18.222 15.000 ? 230  'X-RAY DIFFRACTION' ? 
r_dihedral_angle_4_deg       20.389 15.000 ? 14   'X-RAY DIFFRACTION' ? 
r_chiral_restr               0.130  0.200  ? 220  'X-RAY DIFFRACTION' ? 
r_gen_planes_refined         0.008  0.020  ? 1603 'X-RAY DIFFRACTION' ? 
r_gen_planes_other           0.001  0.020  ? 317  'X-RAY DIFFRACTION' ? 
r_nbd_refined                ?      ?      ? ?    'X-RAY DIFFRACTION' ? 
r_nbd_other                  ?      ?      ? ?    'X-RAY DIFFRACTION' ? 
r_nbtor_refined              ?      ?      ? ?    'X-RAY DIFFRACTION' ? 
r_nbtor_other                ?      ?      ? ?    'X-RAY DIFFRACTION' ? 
r_xyhbond_nbd_refined        ?      ?      ? ?    'X-RAY DIFFRACTION' ? 
r_xyhbond_nbd_other          ?      ?      ? ?    'X-RAY DIFFRACTION' ? 
r_metal_ion_refined          ?      ?      ? ?    'X-RAY DIFFRACTION' ? 
r_metal_ion_other            ?      ?      ? ?    'X-RAY DIFFRACTION' ? 
r_symmetry_vdw_refined       ?      ?      ? ?    'X-RAY DIFFRACTION' ? 
r_symmetry_vdw_other         ?      ?      ? ?    'X-RAY DIFFRACTION' ? 
r_symmetry_hbond_refined     ?      ?      ? ?    'X-RAY DIFFRACTION' ? 
r_symmetry_hbond_other       ?      ?      ? ?    'X-RAY DIFFRACTION' ? 
r_symmetry_metal_ion_refined ?      ?      ? ?    'X-RAY DIFFRACTION' ? 
r_symmetry_metal_ion_other   ?      ?      ? ?    'X-RAY DIFFRACTION' ? 
r_mcbond_it                  1.055  1.500  ? 895  'X-RAY DIFFRACTION' ? 
r_mcbond_other               0.304  1.500  ? 367  'X-RAY DIFFRACTION' ? 
r_mcangle_it                 1.842  2.000  ? 1423 'X-RAY DIFFRACTION' ? 
r_scbond_it                  3.031  3.000  ? 520  'X-RAY DIFFRACTION' ? 
r_scangle_it                 4.720  4.500  ? 489  'X-RAY DIFFRACTION' ? 
r_rigid_bond_restr           ?      ?      ? ?    'X-RAY DIFFRACTION' ? 
r_sphericity_free            ?      ?      ? ?    'X-RAY DIFFRACTION' ? 
r_sphericity_bonded          ?      ?      ? ?    'X-RAY DIFFRACTION' ? 
# 
_refine_ls_shell.pdbx_total_number_of_bins_used   20 
_refine_ls_shell.d_res_high                       2.149 
_refine_ls_shell.d_res_low                        2.205 
_refine_ls_shell.number_reflns_R_work             976 
_refine_ls_shell.R_factor_R_work                  0.199 
_refine_ls_shell.percent_reflns_obs               96.77 
_refine_ls_shell.R_factor_R_free                  0.302 
_refine_ls_shell.R_factor_R_free_error            ? 
_refine_ls_shell.percent_reflns_R_free            ? 
_refine_ls_shell.number_reflns_R_free             42 
_refine_ls_shell.number_reflns_all                ? 
_refine_ls_shell.R_factor_all                     ? 
_refine_ls_shell.number_reflns_obs                ? 
_refine_ls_shell.redundancy_reflns_obs            ? 
_refine_ls_shell.pdbx_refine_id                   'X-RAY DIFFRACTION' 
# 
_struct.entry_id                  3LKL 
_struct.title                     
'Crystal structure of the C-terminal domain of Anti-Sigma factor antagonist STAS from Rhodobacter sphaeroides' 
_struct.pdbx_model_details        ? 
_struct.pdbx_CASP_flag            ? 
_struct.pdbx_model_type_details   ? 
# 
_struct_keywords.entry_id        3LKL 
_struct_keywords.pdbx_keywords   'TRANSPORT PROTEIN' 
_struct_keywords.text            
'MCSG, PSI, Structural Genomics, Protein Structure Initiative, Midwest Center for Structural Genomics, TRANSPORT PROTEIN' 
# 
loop_
_struct_asym.id 
_struct_asym.pdbx_blank_PDB_chainid_flag 
_struct_asym.pdbx_modified 
_struct_asym.entity_id 
_struct_asym.details 
A N N 1 ? 
B N N 1 ? 
C N N 2 ? 
D N N 2 ? 
# 
_struct_ref.id                         1 
_struct_ref.db_name                    UNP 
_struct_ref.db_code                    Q3HKG0_RHOS4 
_struct_ref.pdbx_db_accession          Q3HKG0 
_struct_ref.entity_id                  1 
_struct_ref.pdbx_seq_one_letter_code   
;FAVSSELSACGRARTYRVEGQLFYGSVEDFMAAFDFREPLERVTIDVSRAHIWDISSVQALDMAVLKFRREGAEVRIVGM
NEASETLVDRLALHD
;
_struct_ref.pdbx_align_begin           391 
_struct_ref.pdbx_db_isoform            ? 
# 
loop_
_struct_ref_seq.align_id 
_struct_ref_seq.ref_id 
_struct_ref_seq.pdbx_PDB_id_code 
_struct_ref_seq.pdbx_strand_id 
_struct_ref_seq.seq_align_beg 
_struct_ref_seq.pdbx_seq_align_beg_ins_code 
_struct_ref_seq.seq_align_end 
_struct_ref_seq.pdbx_seq_align_end_ins_code 
_struct_ref_seq.pdbx_db_accession 
_struct_ref_seq.db_align_beg 
_struct_ref_seq.pdbx_db_align_beg_ins_code 
_struct_ref_seq.db_align_end 
_struct_ref_seq.pdbx_db_align_end_ins_code 
_struct_ref_seq.pdbx_auth_seq_align_beg 
_struct_ref_seq.pdbx_auth_seq_align_end 
1 1 3LKL A 4 ? 98 ? Q3HKG0 391 ? 485 ? 1 95 
2 1 3LKL B 4 ? 98 ? Q3HKG0 391 ? 485 ? 1 95 
# 
loop_
_struct_ref_seq_dif.align_id 
_struct_ref_seq_dif.pdbx_pdb_id_code 
_struct_ref_seq_dif.mon_id 
_struct_ref_seq_dif.pdbx_pdb_strand_id 
_struct_ref_seq_dif.seq_num 
_struct_ref_seq_dif.pdbx_pdb_ins_code 
_struct_ref_seq_dif.pdbx_seq_db_name 
_struct_ref_seq_dif.pdbx_seq_db_accession_code 
_struct_ref_seq_dif.db_mon_id 
_struct_ref_seq_dif.pdbx_seq_db_seq_num 
_struct_ref_seq_dif.details 
_struct_ref_seq_dif.pdbx_auth_seq_num 
_struct_ref_seq_dif.pdbx_ordinal 
1 3LKL SER A 1 ? UNP Q3HKG0 ? ? 'expression tag' -2 1 
1 3LKL ASN A 2 ? UNP Q3HKG0 ? ? 'expression tag' -1 2 
1 3LKL ALA A 3 ? UNP Q3HKG0 ? ? 'expression tag' 0  3 
2 3LKL SER B 1 ? UNP Q3HKG0 ? ? 'expression tag' -2 4 
2 3LKL ASN B 2 ? UNP Q3HKG0 ? ? 'expression tag' -1 5 
2 3LKL ALA B 3 ? UNP Q3HKG0 ? ? 'expression tag' 0  6 
# 
loop_
_pdbx_struct_assembly.id 
_pdbx_struct_assembly.details 
_pdbx_struct_assembly.method_details 
_pdbx_struct_assembly.oligomeric_details 
_pdbx_struct_assembly.oligomeric_count 
1 software_defined_assembly PISA dimeric   2 
2 software_defined_assembly PISA monomeric 1 
3 software_defined_assembly PISA monomeric 1 
# 
loop_
_pdbx_struct_assembly_prop.biol_id 
_pdbx_struct_assembly_prop.type 
_pdbx_struct_assembly_prop.value 
_pdbx_struct_assembly_prop.details 
1 'ABSA (A^2)' 1070 ? 
1 MORE         -8   ? 
1 'SSA (A^2)'  9870 ? 
# 
loop_
_pdbx_struct_assembly_gen.assembly_id 
_pdbx_struct_assembly_gen.oper_expression 
_pdbx_struct_assembly_gen.asym_id_list 
1 1 A,C 
1 2 B,D 
2 1 A,C 
3 1 B,D 
# 
loop_
_pdbx_struct_oper_list.id 
_pdbx_struct_oper_list.type 
_pdbx_struct_oper_list.name 
_pdbx_struct_oper_list.symmetry_operation 
_pdbx_struct_oper_list.matrix[1][1] 
_pdbx_struct_oper_list.matrix[1][2] 
_pdbx_struct_oper_list.matrix[1][3] 
_pdbx_struct_oper_list.vector[1] 
_pdbx_struct_oper_list.matrix[2][1] 
_pdbx_struct_oper_list.matrix[2][2] 
_pdbx_struct_oper_list.matrix[2][3] 
_pdbx_struct_oper_list.vector[2] 
_pdbx_struct_oper_list.matrix[3][1] 
_pdbx_struct_oper_list.matrix[3][2] 
_pdbx_struct_oper_list.matrix[3][3] 
_pdbx_struct_oper_list.vector[3] 
1 'identity operation'         1_555 x,y,z         1.0000000000  0.0000000000  0.0000000000 0.0000000000  0.0000000000  1.0000000000  0.0000000000  0.0000000000  0.0000000000 0.0000000000  1.0000000000 0.0000000000  
2 'crystal symmetry operation' 4_564 -x,-y+1,z-1/2 -0.8928692001 -0.1168706551 0.4348860098 26.5701026595 -0.1168706551 -0.8725039856 -0.4744239087 -4.1670800510 0.4348860098 -0.4744239087 0.7653731856 17.2546042266 
# 
_struct_biol.id        1 
_struct_biol.details   'authors state that the biological unit is unknown.' 
# 
loop_
_struct_conf.conf_type_id 
_struct_conf.id 
_struct_conf.pdbx_PDB_helix_id 
_struct_conf.beg_label_comp_id 
_struct_conf.beg_label_asym_id 
_struct_conf.beg_label_seq_id 
_struct_conf.pdbx_beg_PDB_ins_code 
_struct_conf.end_label_comp_id 
_struct_conf.end_label_asym_id 
_struct_conf.end_label_seq_id 
_struct_conf.pdbx_end_PDB_ins_code 
_struct_conf.beg_auth_comp_id 
_struct_conf.beg_auth_asym_id 
_struct_conf.beg_auth_seq_id 
_struct_conf.end_auth_comp_id 
_struct_conf.end_auth_asym_id 
_struct_conf.end_auth_seq_id 
_struct_conf.pdbx_PDB_helix_class 
_struct_conf.details 
_struct_conf.pdbx_PDB_helix_length 
HELX_P HELX_P1 1 PHE A 26 ? GLY A 28 ? PHE A 23 GLY A 25 5 ? 3  
HELX_P HELX_P2 2 SER A 29 ? ALA A 36 ? SER A 26 ALA A 33 1 ? 8  
HELX_P HELX_P3 3 ASP A 57 ? GLU A 74 ? ASP A 54 GLU A 71 1 ? 18 
HELX_P HELX_P4 4 GLY A 82 ? ARG A 93 ? GLY A 79 ARG A 90 1 ? 12 
HELX_P HELX_P5 5 PHE B 26 ? GLY B 28 ? PHE B 23 GLY B 25 5 ? 3  
HELX_P HELX_P6 6 SER B 29 ? ALA B 35 ? SER B 26 ALA B 32 1 ? 7  
HELX_P HELX_P7 7 ASP B 57 ? GLY B 75 ? ASP B 54 GLY B 72 1 ? 19 
HELX_P HELX_P8 8 GLY B 82 ? SER B 87 ? GLY B 79 SER B 84 1 ? 6  
HELX_P HELX_P9 9 SER B 87 ? ALA B 95 ? SER B 84 ALA B 92 1 ? 9  
# 
_struct_conf_type.id          HELX_P 
_struct_conf_type.criteria    ? 
_struct_conf_type.reference   ? 
# 
loop_
_struct_conn.id 
_struct_conn.conn_type_id 
_struct_conn.pdbx_leaving_atom_flag 
_struct_conn.pdbx_PDB_id 
_struct_conn.ptnr1_label_asym_id 
_struct_conn.ptnr1_label_comp_id 
_struct_conn.ptnr1_label_seq_id 
_struct_conn.ptnr1_label_atom_id 
_struct_conn.pdbx_ptnr1_label_alt_id 
_struct_conn.pdbx_ptnr1_PDB_ins_code 
_struct_conn.pdbx_ptnr1_standard_comp_id 
_struct_conn.ptnr1_symmetry 
_struct_conn.ptnr2_label_asym_id 
_struct_conn.ptnr2_label_comp_id 
_struct_conn.ptnr2_label_seq_id 
_struct_conn.ptnr2_label_atom_id 
_struct_conn.pdbx_ptnr2_label_alt_id 
_struct_conn.pdbx_ptnr2_PDB_ins_code 
_struct_conn.ptnr1_auth_asym_id 
_struct_conn.ptnr1_auth_comp_id 
_struct_conn.ptnr1_auth_seq_id 
_struct_conn.ptnr2_auth_asym_id 
_struct_conn.ptnr2_auth_comp_id 
_struct_conn.ptnr2_auth_seq_id 
_struct_conn.ptnr2_symmetry 
_struct_conn.pdbx_ptnr3_label_atom_id 
_struct_conn.pdbx_ptnr3_label_seq_id 
_struct_conn.pdbx_ptnr3_label_comp_id 
_struct_conn.pdbx_ptnr3_label_asym_id 
_struct_conn.pdbx_ptnr3_label_alt_id 
_struct_conn.pdbx_ptnr3_PDB_ins_code 
_struct_conn.details 
_struct_conn.pdbx_dist_value 
_struct_conn.pdbx_value_order 
_struct_conn.pdbx_role 
covale1  covale both ? A PHE 33 C ? ? ? 1_555 A MSE 34 N ? ? A PHE 30 A MSE 31 1_555 ? ? ? ? ? ? ? 1.320 ? ? 
covale2  covale both ? A MSE 34 C ? ? ? 1_555 A ALA 35 N ? ? A MSE 31 A ALA 32 1_555 ? ? ? ? ? ? ? 1.327 ? ? 
covale3  covale both ? A ASP 65 C ? ? ? 1_555 A MSE 66 N ? ? A ASP 62 A MSE 63 1_555 ? ? ? ? ? ? ? 1.312 ? ? 
covale4  covale both ? A MSE 66 C ? ? ? 1_555 A ALA 67 N ? ? A MSE 63 A ALA 64 1_555 ? ? ? ? ? ? ? 1.338 ? ? 
covale5  covale both ? A GLY 82 C ? ? ? 1_555 A MSE 83 N ? ? A GLY 79 A MSE 80 1_555 ? ? ? ? ? ? ? 1.312 ? ? 
covale6  covale both ? A MSE 83 C ? ? ? 1_555 A ASN 84 N ? ? A MSE 80 A ASN 81 1_555 ? ? ? ? ? ? ? 1.340 ? ? 
covale7  covale both ? B PHE 33 C ? ? ? 1_555 B MSE 34 N ? ? B PHE 30 B MSE 31 1_555 ? ? ? ? ? ? ? 1.335 ? ? 
covale8  covale both ? B MSE 34 C ? ? ? 1_555 B ALA 35 N ? ? B MSE 31 B ALA 32 1_555 ? ? ? ? ? ? ? 1.348 ? ? 
covale9  covale both ? B ASP 65 C ? ? ? 1_555 B MSE 66 N ? ? B ASP 62 B MSE 63 1_555 ? ? ? ? ? ? ? 1.351 ? ? 
covale10 covale both ? B MSE 66 C ? ? ? 1_555 B ALA 67 N ? ? B MSE 63 B ALA 64 1_555 ? ? ? ? ? ? ? 1.328 ? ? 
covale11 covale both ? B GLY 82 C ? ? ? 1_555 B MSE 83 N ? ? B GLY 79 B MSE 80 1_555 ? ? ? ? ? ? ? 1.342 ? ? 
covale12 covale both ? B MSE 83 C ? ? ? 1_555 B ASN 84 N ? ? B MSE 80 B ASN 81 1_555 ? ? ? ? ? ? ? 1.322 ? ? 
# 
_struct_conn_type.id          covale 
_struct_conn_type.criteria    ? 
_struct_conn_type.reference   ? 
# 
loop_
_pdbx_modification_feature.ordinal 
_pdbx_modification_feature.label_comp_id 
_pdbx_modification_feature.label_asym_id 
_pdbx_modification_feature.label_seq_id 
_pdbx_modification_feature.label_alt_id 
_pdbx_modification_feature.modified_residue_label_comp_id 
_pdbx_modification_feature.modified_residue_label_asym_id 
_pdbx_modification_feature.modified_residue_label_seq_id 
_pdbx_modification_feature.modified_residue_label_alt_id 
_pdbx_modification_feature.auth_comp_id 
_pdbx_modification_feature.auth_asym_id 
_pdbx_modification_feature.auth_seq_id 
_pdbx_modification_feature.PDB_ins_code 
_pdbx_modification_feature.symmetry 
_pdbx_modification_feature.modified_residue_auth_comp_id 
_pdbx_modification_feature.modified_residue_auth_asym_id 
_pdbx_modification_feature.modified_residue_auth_seq_id 
_pdbx_modification_feature.modified_residue_PDB_ins_code 
_pdbx_modification_feature.modified_residue_symmetry 
_pdbx_modification_feature.comp_id_linking_atom 
_pdbx_modification_feature.modified_residue_id_linking_atom 
_pdbx_modification_feature.modified_residue_id 
_pdbx_modification_feature.ref_pcm_id 
_pdbx_modification_feature.ref_comp_id 
_pdbx_modification_feature.type 
_pdbx_modification_feature.category 
1 MSE A 34 ? . . . . MSE A 31 ? 1_555 . . . . . . . MET 1 MSE Selenomethionine 'Named protein modification' 
2 MSE A 66 ? . . . . MSE A 63 ? 1_555 . . . . . . . MET 1 MSE Selenomethionine 'Named protein modification' 
3 MSE A 83 ? . . . . MSE A 80 ? 1_555 . . . . . . . MET 1 MSE Selenomethionine 'Named protein modification' 
4 MSE B 34 ? . . . . MSE B 31 ? 1_555 . . . . . . . MET 1 MSE Selenomethionine 'Named protein modification' 
5 MSE B 66 ? . . . . MSE B 63 ? 1_555 . . . . . . . MET 1 MSE Selenomethionine 'Named protein modification' 
6 MSE B 83 ? . . . . MSE B 80 ? 1_555 . . . . . . . MET 1 MSE Selenomethionine 'Named protein modification' 
# 
_struct_mon_prot_cis.pdbx_id                1 
_struct_mon_prot_cis.label_comp_id          GLU 
_struct_mon_prot_cis.label_seq_id           74 
_struct_mon_prot_cis.label_asym_id          B 
_struct_mon_prot_cis.label_alt_id           . 
_struct_mon_prot_cis.pdbx_PDB_ins_code      ? 
_struct_mon_prot_cis.auth_comp_id           GLU 
_struct_mon_prot_cis.auth_seq_id            71 
_struct_mon_prot_cis.auth_asym_id           B 
_struct_mon_prot_cis.pdbx_label_comp_id_2   GLY 
_struct_mon_prot_cis.pdbx_label_seq_id_2    75 
_struct_mon_prot_cis.pdbx_label_asym_id_2   B 
_struct_mon_prot_cis.pdbx_PDB_ins_code_2    ? 
_struct_mon_prot_cis.pdbx_auth_comp_id_2    GLY 
_struct_mon_prot_cis.pdbx_auth_seq_id_2     72 
_struct_mon_prot_cis.pdbx_auth_asym_id_2    B 
_struct_mon_prot_cis.pdbx_PDB_model_num     1 
_struct_mon_prot_cis.pdbx_omega_angle       5.42 
# 
loop_
_struct_sheet.id 
_struct_sheet.type 
_struct_sheet.number_strands 
_struct_sheet.details 
A ? 4 ? 
B ? 4 ? 
# 
loop_
_struct_sheet_order.sheet_id 
_struct_sheet_order.range_id_1 
_struct_sheet_order.range_id_2 
_struct_sheet_order.offset 
_struct_sheet_order.sense 
A 1 2 ? anti-parallel 
A 2 3 ? parallel      
A 3 4 ? parallel      
B 1 2 ? anti-parallel 
B 2 3 ? parallel      
B 3 4 ? parallel      
# 
loop_
_struct_sheet_range.sheet_id 
_struct_sheet_range.id 
_struct_sheet_range.beg_label_comp_id 
_struct_sheet_range.beg_label_asym_id 
_struct_sheet_range.beg_label_seq_id 
_struct_sheet_range.pdbx_beg_PDB_ins_code 
_struct_sheet_range.end_label_comp_id 
_struct_sheet_range.end_label_asym_id 
_struct_sheet_range.end_label_seq_id 
_struct_sheet_range.pdbx_end_PDB_ins_code 
_struct_sheet_range.beg_auth_comp_id 
_struct_sheet_range.beg_auth_asym_id 
_struct_sheet_range.beg_auth_seq_id 
_struct_sheet_range.end_auth_comp_id 
_struct_sheet_range.end_auth_asym_id 
_struct_sheet_range.end_auth_seq_id 
A 1 PHE A 4  ? LEU A 10 ? PHE A 1  LEU A 7  
A 2 ALA A 16 ? LEU A 25 ? ALA A 13 LEU A 22 
A 3 ARG A 45 ? ILE A 55 ? ARG A 42 ILE A 52 
A 4 GLU A 77 ? VAL A 81 ? GLU A 74 VAL A 78 
B 1 PHE B 4  ? GLU B 9  ? PHE B 1  GLU B 6  
B 2 ARG B 17 ? LEU B 25 ? ARG B 14 LEU B 22 
B 3 ARG B 45 ? ILE B 55 ? ARG B 42 ILE B 52 
B 4 GLU B 77 ? VAL B 81 ? GLU B 74 VAL B 78 
# 
loop_
_pdbx_struct_sheet_hbond.sheet_id 
_pdbx_struct_sheet_hbond.range_id_1 
_pdbx_struct_sheet_hbond.range_id_2 
_pdbx_struct_sheet_hbond.range_1_label_atom_id 
_pdbx_struct_sheet_hbond.range_1_label_comp_id 
_pdbx_struct_sheet_hbond.range_1_label_asym_id 
_pdbx_struct_sheet_hbond.range_1_label_seq_id 
_pdbx_struct_sheet_hbond.range_1_PDB_ins_code 
_pdbx_struct_sheet_hbond.range_1_auth_atom_id 
_pdbx_struct_sheet_hbond.range_1_auth_comp_id 
_pdbx_struct_sheet_hbond.range_1_auth_asym_id 
_pdbx_struct_sheet_hbond.range_1_auth_seq_id 
_pdbx_struct_sheet_hbond.range_2_label_atom_id 
_pdbx_struct_sheet_hbond.range_2_label_comp_id 
_pdbx_struct_sheet_hbond.range_2_label_asym_id 
_pdbx_struct_sheet_hbond.range_2_label_seq_id 
_pdbx_struct_sheet_hbond.range_2_PDB_ins_code 
_pdbx_struct_sheet_hbond.range_2_auth_atom_id 
_pdbx_struct_sheet_hbond.range_2_auth_comp_id 
_pdbx_struct_sheet_hbond.range_2_auth_asym_id 
_pdbx_struct_sheet_hbond.range_2_auth_seq_id 
A 1 2 N SER A 7  ? N SER A 4  O ARG A 20 ? O ARG A 17 
A 2 3 N TYR A 19 ? N TYR A 16 O THR A 47 ? O THR A 44 
A 3 4 N VAL A 46 ? N VAL A 43 O GLU A 77 ? O GLU A 74 
B 1 2 N GLU B 9  ? N GLU B 6  O THR B 18 ? O THR B 15 
B 2 3 N TYR B 19 ? N TYR B 16 O ASP B 49 ? O ASP B 46 
B 3 4 N VAL B 50 ? N VAL B 47 O VAL B 81 ? O VAL B 78 
# 
_pdbx_entry_details.entry_id                   3LKL 
_pdbx_entry_details.compound_details           ? 
_pdbx_entry_details.source_details             ? 
_pdbx_entry_details.nonpolymer_details         ? 
_pdbx_entry_details.sequence_details           ? 
_pdbx_entry_details.has_ligand_of_interest     ? 
_pdbx_entry_details.has_protein_modification   Y 
# 
_pdbx_validate_rmsd_bond.id                        1 
_pdbx_validate_rmsd_bond.PDB_model_num             1 
_pdbx_validate_rmsd_bond.auth_atom_id_1            CB 
_pdbx_validate_rmsd_bond.auth_asym_id_1            B 
_pdbx_validate_rmsd_bond.auth_comp_id_1            VAL 
_pdbx_validate_rmsd_bond.auth_seq_id_1             58 
_pdbx_validate_rmsd_bond.PDB_ins_code_1            ? 
_pdbx_validate_rmsd_bond.label_alt_id_1            ? 
_pdbx_validate_rmsd_bond.auth_atom_id_2            CG2 
_pdbx_validate_rmsd_bond.auth_asym_id_2            B 
_pdbx_validate_rmsd_bond.auth_comp_id_2            VAL 
_pdbx_validate_rmsd_bond.auth_seq_id_2             58 
_pdbx_validate_rmsd_bond.PDB_ins_code_2            ? 
_pdbx_validate_rmsd_bond.label_alt_id_2            ? 
_pdbx_validate_rmsd_bond.bond_value                1.391 
_pdbx_validate_rmsd_bond.bond_target_value         1.524 
_pdbx_validate_rmsd_bond.bond_deviation            -0.133 
_pdbx_validate_rmsd_bond.bond_standard_deviation   0.021 
_pdbx_validate_rmsd_bond.linker_flag               N 
# 
loop_
_pdbx_validate_torsion.id 
_pdbx_validate_torsion.PDB_model_num 
_pdbx_validate_torsion.auth_comp_id 
_pdbx_validate_torsion.auth_asym_id 
_pdbx_validate_torsion.auth_seq_id 
_pdbx_validate_torsion.PDB_ins_code 
_pdbx_validate_torsion.label_alt_id 
_pdbx_validate_torsion.phi 
_pdbx_validate_torsion.psi 
1 1 SER A 8  ? ? -46.53 153.58 
2 1 GLU B 38 ? ? -51.96 97.93  
# 
_pdbx_SG_project.id                    1 
_pdbx_SG_project.project_name          'PSI, Protein Structure Initiative' 
_pdbx_SG_project.full_name_of_center   'Midwest Center for Structural Genomics' 
_pdbx_SG_project.initial_of_center     MCSG 
# 
loop_
_pdbx_struct_mod_residue.id 
_pdbx_struct_mod_residue.label_asym_id 
_pdbx_struct_mod_residue.label_comp_id 
_pdbx_struct_mod_residue.label_seq_id 
_pdbx_struct_mod_residue.auth_asym_id 
_pdbx_struct_mod_residue.auth_comp_id 
_pdbx_struct_mod_residue.auth_seq_id 
_pdbx_struct_mod_residue.PDB_ins_code 
_pdbx_struct_mod_residue.parent_comp_id 
_pdbx_struct_mod_residue.details 
1 A MSE 34 A MSE 31 ? MET SELENOMETHIONINE 
2 A MSE 66 A MSE 63 ? MET SELENOMETHIONINE 
3 A MSE 83 A MSE 80 ? MET SELENOMETHIONINE 
4 B MSE 34 B MSE 31 ? MET SELENOMETHIONINE 
5 B MSE 66 B MSE 63 ? MET SELENOMETHIONINE 
6 B MSE 83 B MSE 80 ? MET SELENOMETHIONINE 
# 
loop_
_pdbx_refine_tls.pdbx_refine_id 
_pdbx_refine_tls.id 
_pdbx_refine_tls.details 
_pdbx_refine_tls.method 
_pdbx_refine_tls.origin_x 
_pdbx_refine_tls.origin_y 
_pdbx_refine_tls.origin_z 
_pdbx_refine_tls.T[1][1] 
_pdbx_refine_tls.T[2][2] 
_pdbx_refine_tls.T[3][3] 
_pdbx_refine_tls.T[1][2] 
_pdbx_refine_tls.T[1][3] 
_pdbx_refine_tls.T[2][3] 
_pdbx_refine_tls.L[1][1] 
_pdbx_refine_tls.L[2][2] 
_pdbx_refine_tls.L[3][3] 
_pdbx_refine_tls.L[1][2] 
_pdbx_refine_tls.L[1][3] 
_pdbx_refine_tls.L[2][3] 
_pdbx_refine_tls.S[1][1] 
_pdbx_refine_tls.S[1][2] 
_pdbx_refine_tls.S[1][3] 
_pdbx_refine_tls.S[2][1] 
_pdbx_refine_tls.S[2][2] 
_pdbx_refine_tls.S[2][3] 
_pdbx_refine_tls.S[3][1] 
_pdbx_refine_tls.S[3][2] 
_pdbx_refine_tls.S[3][3] 
'X-RAY DIFFRACTION' 1  ? refined 4.3529   14.0579  16.1967  0.2035 0.2667 0.3819 0.0704  -0.0002 -0.0093 9.4253  8.1008  -1.0866 -3.3428  3.8128   1.2775  -0.3534 -0.8769 -0.0567 0.6716  0.2962  -0.2578 -0.1440 -0.3560 0.0572  
'X-RAY DIFFRACTION' 2  ? refined -6.5328  23.5235  3.3017   0.1966 0.2016 0.3312 0.0221  -0.0350 0.0158  6.4629  10.6737 3.8267  -3.2949  2.8027   -2.1757 -0.0769 0.4226  0.4704  -0.1468 -0.0100 -0.1645 -0.2177 0.1977  0.0870  
'X-RAY DIFFRACTION' 3  ? refined 4.6307   14.3834  10.4880  0.2058 0.2372 0.2782 0.0248  0.0225  -0.0120 11.6070 5.6409  1.6592  -6.0549  6.5019   -1.5745 -0.4566 -0.3958 0.5344  0.0995  0.2570  -0.2804 -0.2972 0.0594  0.1996  
'X-RAY DIFFRACTION' 4  ? refined -1.0691  6.8308   15.5631  0.1985 0.2093 0.2476 0.0194  0.0489  0.0151  9.5233  2.8816  2.9752  -3.6837  3.0689   -1.8472 -0.0111 -0.3954 0.0335  -0.0344 -0.0591 -0.0757 0.0825  -0.1176 0.0702  
'X-RAY DIFFRACTION' 5  ? refined -11.3367 16.7680  3.7369   0.1933 0.1355 0.3225 0.0539  -0.0399 -0.0430 6.2522  3.0363  17.1480 -4.2935  4.3312   2.6774  -0.3801 -0.1188 0.0735  -0.2475 -0.1513 0.3024  -0.3056 -0.1506 0.5313  
'X-RAY DIFFRACTION' 6  ? refined 6.8888   9.7619   7.6162   0.1828 0.2470 0.2768 0.0325  0.0415  0.0189  4.7220  1.4638  3.4308  -2.0371  3.2742   -1.9511 0.0708  -0.0278 0.0104  -0.1769 -0.1090 -0.1427 0.0194  0.1575  0.0382  
'X-RAY DIFFRACTION' 7  ? refined -0.6157  0.9206   8.1977   0.2379 0.2102 0.2699 0.0424  0.0820  0.0152  6.5503  3.1377  -1.6174 -0.5239  1.6350   0.5623  0.0816  -0.0159 -0.0350 0.0104  -0.0673 -0.1003 0.1194  -0.0747 -0.0144 
'X-RAY DIFFRACTION' 8  ? refined -8.8090  9.4157   1.5820   0.1827 0.1547 0.2392 0.0393  0.0072  -0.0249 15.1254 8.6060  7.3262  3.4832   0.3225   -1.8316 -0.0762 0.0665  -0.1921 -0.1401 -0.0606 0.3111  -0.0156 -0.0766 0.1368  
'X-RAY DIFFRACTION' 9  ? refined 9.2854   6.8838   2.5159   0.1908 0.2229 0.3142 0.0453  0.1101  0.0070  12.2012 6.4237  6.4898  -7.7067  6.1750   0.8266  0.0431  0.7552  0.3268  -0.1819 -0.2159 -0.4142 0.0283  0.2674  0.1729  
'X-RAY DIFFRACTION' 10 ? refined 13.5496  -3.0589  6.0517   0.4555 0.4764 0.4947 0.0332  0.0023  -0.0383 6.2715  15.7029 27.1165 -24.2922 -14.7317 5.2108  0.1896  0.0654  -1.0225 -0.5316 -0.2729 -0.0699 0.9856  0.4165  0.0833  
'X-RAY DIFFRACTION' 11 ? refined -9.2207  -12.2863 -5.7005  0.1422 0.5262 0.3200 -0.0147 0.1564  -0.0317 2.5636  5.2703  4.4432  -1.0705  2.7302   -1.0435 0.2114  0.2484  0.0717  0.0435  -0.0818 0.7381  0.4719  -0.3770 -0.1297 
'X-RAY DIFFRACTION' 12 ? refined -2.3121  -6.6172  -1.0344  0.2554 0.3144 0.3314 0.0440  0.2242  0.0205  26.3625 -0.7405 7.6921  11.3236  7.2476   4.9137  0.0347  0.1976  0.1513  0.3718  0.0621  0.2274  -0.0292 -0.7971 -0.0969 
'X-RAY DIFFRACTION' 13 ? refined 8.7767   -12.6950 0.1621   0.2915 0.3453 0.3629 0.1151  0.0802  0.0086  18.0215 17.9500 14.3362 3.6685   -15.8245 3.4493  0.0745  -1.4515 -0.3172 1.7145  -0.5577 -1.3680 0.6966  0.5862  0.4832  
'X-RAY DIFFRACTION' 14 ? refined 1.5745   -17.5964 -3.1629  0.2345 0.1740 0.2795 -0.0179 0.1993  -0.0457 29.5286 18.9754 25.9885 2.1144   -3.1960  6.5660  0.0115  -1.1856 -0.3610 0.0785  0.4153  0.0456  1.4184  0.4541  -0.4268 
'X-RAY DIFFRACTION' 15 ? refined -6.4839  -21.1193 -11.6021 0.6763 0.5558 0.5098 -0.2193 -0.0305 -0.1376 0.3571  7.3304  14.0307 0.7346   4.3103   8.6451  1.0545  0.1879  -0.7869 -1.1446 -0.0111 0.7623  0.3105  -0.2917 -1.0434 
'X-RAY DIFFRACTION' 16 ? refined -7.6017  -10.5318 -13.1850 0.1553 0.9628 0.3533 -0.1190 0.0677  0.1003  8.2594  -1.3116 3.1070  0.8497   4.0674   0.0964  0.2357  0.1726  -0.5578 -0.0795 0.3557  0.1039  0.3040  -1.3580 -0.5913 
'X-RAY DIFFRACTION' 17 ? refined 4.9084   -8.9665  -8.1082  0.1750 0.3177 0.2245 0.0324  0.1054  -0.0407 2.4660  0.1051  3.2148  1.7572   -0.1084  -0.5192 -0.0604 0.2799  -0.2469 0.2706  0.1675  -0.1151 0.0420  -0.2895 -0.1071 
'X-RAY DIFFRACTION' 18 ? refined -3.4980  -11.7809 -16.9151 0.2601 0.6705 0.4756 -0.0417 0.0647  -0.0354 0.6919  8.7397  9.0751  3.8027   3.0217   10.7553 0.1830  0.1306  -0.3546 -0.0625 -0.1405 0.2611  0.1211  -0.8046 -0.0425 
'X-RAY DIFFRACTION' 19 ? refined 2.8735   1.7527   -7.0382  0.3088 0.5598 0.3021 0.3276  0.2290  0.1482  31.2941 17.0171 1.5041  20.4236  8.7010   6.8796  -0.4232 0.3290  1.5122  0.0327  0.0153  0.5426  -1.2756 -1.0310 0.4079  
'X-RAY DIFFRACTION' 20 ? refined 12.0793  2.0918   -5.7215  0.4318 0.1886 0.2040 0.0703  0.1114  -0.0624 17.4922 22.1270 5.1854  0.8897   -3.9831  4.3259  0.0275  0.3413  -0.4204 1.1887  0.6189  -0.0063 -0.5851 0.0637  -0.6464 
# 
loop_
_pdbx_refine_tls_group.pdbx_refine_id 
_pdbx_refine_tls_group.id 
_pdbx_refine_tls_group.refine_tls_id 
_pdbx_refine_tls_group.beg_auth_asym_id 
_pdbx_refine_tls_group.beg_auth_seq_id 
_pdbx_refine_tls_group.beg_label_asym_id 
_pdbx_refine_tls_group.beg_label_seq_id 
_pdbx_refine_tls_group.end_auth_asym_id 
_pdbx_refine_tls_group.end_auth_seq_id 
_pdbx_refine_tls_group.end_label_asym_id 
_pdbx_refine_tls_group.end_label_seq_id 
_pdbx_refine_tls_group.selection 
_pdbx_refine_tls_group.selection_details 
'X-RAY DIFFRACTION' 1  1  A -1 ? ? A 5  ? ? ? ? 
'X-RAY DIFFRACTION' 2  2  A 6  ? ? A 14 ? ? ? ? 
'X-RAY DIFFRACTION' 3  3  A 15 ? ? A 21 ? ? ? ? 
'X-RAY DIFFRACTION' 4  4  A 22 ? ? A 36 ? ? ? ? 
'X-RAY DIFFRACTION' 5  5  A 37 ? ? A 42 ? ? ? ? 
'X-RAY DIFFRACTION' 6  6  A 43 ? ? A 53 ? ? ? ? 
'X-RAY DIFFRACTION' 7  7  A 54 ? ? A 66 ? ? ? ? 
'X-RAY DIFFRACTION' 8  8  A 67 ? ? A 76 ? ? ? ? 
'X-RAY DIFFRACTION' 9  9  A 77 ? ? A 85 ? ? ? ? 
'X-RAY DIFFRACTION' 10 10 A 86 ? ? A 91 ? ? ? ? 
'X-RAY DIFFRACTION' 11 11 B 0  ? ? B 16 ? ? ? ? 
'X-RAY DIFFRACTION' 12 12 B 17 ? ? B 22 ? ? ? ? 
'X-RAY DIFFRACTION' 13 13 B 23 ? ? B 27 ? ? ? ? 
'X-RAY DIFFRACTION' 14 14 B 28 ? ? B 33 ? ? ? ? 
'X-RAY DIFFRACTION' 15 15 B 34 ? ? B 39 ? ? ? ? 
'X-RAY DIFFRACTION' 16 16 B 40 ? ? B 47 ? ? ? ? 
'X-RAY DIFFRACTION' 17 17 B 48 ? ? B 67 ? ? ? ? 
'X-RAY DIFFRACTION' 18 18 B 68 ? ? B 80 ? ? ? ? 
'X-RAY DIFFRACTION' 19 19 B 81 ? ? B 86 ? ? ? ? 
'X-RAY DIFFRACTION' 20 20 B 87 ? ? B 92 ? ? ? ? 
# 
loop_
_pdbx_unobs_or_zero_occ_residues.id 
_pdbx_unobs_or_zero_occ_residues.PDB_model_num 
_pdbx_unobs_or_zero_occ_residues.polymer_flag 
_pdbx_unobs_or_zero_occ_residues.occupancy_flag 
_pdbx_unobs_or_zero_occ_residues.auth_asym_id 
_pdbx_unobs_or_zero_occ_residues.auth_comp_id 
_pdbx_unobs_or_zero_occ_residues.auth_seq_id 
_pdbx_unobs_or_zero_occ_residues.PDB_ins_code 
_pdbx_unobs_or_zero_occ_residues.label_asym_id 
_pdbx_unobs_or_zero_occ_residues.label_comp_id 
_pdbx_unobs_or_zero_occ_residues.label_seq_id 
1  1 Y 1 A SER -2 ? A SER 1  
2  1 Y 1 A ALA 92 ? A ALA 95 
3  1 Y 1 A LEU 93 ? A LEU 96 
4  1 Y 1 A HIS 94 ? A HIS 97 
5  1 Y 1 A ASP 95 ? A ASP 98 
6  1 Y 1 B SER -2 ? B SER 1  
7  1 Y 1 B ASN -1 ? B ASN 2  
8  1 Y 1 B SER 8  ? B SER 11 
9  1 Y 1 B ALA 9  ? B ALA 12 
10 1 Y 1 B CYS 10 ? B CYS 13 
11 1 Y 1 B GLY 11 ? B GLY 14 
12 1 Y 1 B ARG 12 ? B ARG 15 
13 1 Y 1 B LEU 93 ? B LEU 96 
14 1 Y 1 B HIS 94 ? B HIS 97 
15 1 Y 1 B ASP 95 ? B ASP 98 
# 
loop_
_chem_comp_atom.comp_id 
_chem_comp_atom.atom_id 
_chem_comp_atom.type_symbol 
_chem_comp_atom.pdbx_aromatic_flag 
_chem_comp_atom.pdbx_stereo_config 
_chem_comp_atom.pdbx_ordinal 
ALA N    N  N N 1   
ALA CA   C  N S 2   
ALA C    C  N N 3   
ALA O    O  N N 4   
ALA CB   C  N N 5   
ALA OXT  O  N N 6   
ALA H    H  N N 7   
ALA H2   H  N N 8   
ALA HA   H  N N 9   
ALA HB1  H  N N 10  
ALA HB2  H  N N 11  
ALA HB3  H  N N 12  
ALA HXT  H  N N 13  
ARG N    N  N N 14  
ARG CA   C  N S 15  
ARG C    C  N N 16  
ARG O    O  N N 17  
ARG CB   C  N N 18  
ARG CG   C  N N 19  
ARG CD   C  N N 20  
ARG NE   N  N N 21  
ARG CZ   C  N N 22  
ARG NH1  N  N N 23  
ARG NH2  N  N N 24  
ARG OXT  O  N N 25  
ARG H    H  N N 26  
ARG H2   H  N N 27  
ARG HA   H  N N 28  
ARG HB2  H  N N 29  
ARG HB3  H  N N 30  
ARG HG2  H  N N 31  
ARG HG3  H  N N 32  
ARG HD2  H  N N 33  
ARG HD3  H  N N 34  
ARG HE   H  N N 35  
ARG HH11 H  N N 36  
ARG HH12 H  N N 37  
ARG HH21 H  N N 38  
ARG HH22 H  N N 39  
ARG HXT  H  N N 40  
ASN N    N  N N 41  
ASN CA   C  N S 42  
ASN C    C  N N 43  
ASN O    O  N N 44  
ASN CB   C  N N 45  
ASN CG   C  N N 46  
ASN OD1  O  N N 47  
ASN ND2  N  N N 48  
ASN OXT  O  N N 49  
ASN H    H  N N 50  
ASN H2   H  N N 51  
ASN HA   H  N N 52  
ASN HB2  H  N N 53  
ASN HB3  H  N N 54  
ASN HD21 H  N N 55  
ASN HD22 H  N N 56  
ASN HXT  H  N N 57  
ASP N    N  N N 58  
ASP CA   C  N S 59  
ASP C    C  N N 60  
ASP O    O  N N 61  
ASP CB   C  N N 62  
ASP CG   C  N N 63  
ASP OD1  O  N N 64  
ASP OD2  O  N N 65  
ASP OXT  O  N N 66  
ASP H    H  N N 67  
ASP H2   H  N N 68  
ASP HA   H  N N 69  
ASP HB2  H  N N 70  
ASP HB3  H  N N 71  
ASP HD2  H  N N 72  
ASP HXT  H  N N 73  
CYS N    N  N N 74  
CYS CA   C  N R 75  
CYS C    C  N N 76  
CYS O    O  N N 77  
CYS CB   C  N N 78  
CYS SG   S  N N 79  
CYS OXT  O  N N 80  
CYS H    H  N N 81  
CYS H2   H  N N 82  
CYS HA   H  N N 83  
CYS HB2  H  N N 84  
CYS HB3  H  N N 85  
CYS HG   H  N N 86  
CYS HXT  H  N N 87  
GLN N    N  N N 88  
GLN CA   C  N S 89  
GLN C    C  N N 90  
GLN O    O  N N 91  
GLN CB   C  N N 92  
GLN CG   C  N N 93  
GLN CD   C  N N 94  
GLN OE1  O  N N 95  
GLN NE2  N  N N 96  
GLN OXT  O  N N 97  
GLN H    H  N N 98  
GLN H2   H  N N 99  
GLN HA   H  N N 100 
GLN HB2  H  N N 101 
GLN HB3  H  N N 102 
GLN HG2  H  N N 103 
GLN HG3  H  N N 104 
GLN HE21 H  N N 105 
GLN HE22 H  N N 106 
GLN HXT  H  N N 107 
GLU N    N  N N 108 
GLU CA   C  N S 109 
GLU C    C  N N 110 
GLU O    O  N N 111 
GLU CB   C  N N 112 
GLU CG   C  N N 113 
GLU CD   C  N N 114 
GLU OE1  O  N N 115 
GLU OE2  O  N N 116 
GLU OXT  O  N N 117 
GLU H    H  N N 118 
GLU H2   H  N N 119 
GLU HA   H  N N 120 
GLU HB2  H  N N 121 
GLU HB3  H  N N 122 
GLU HG2  H  N N 123 
GLU HG3  H  N N 124 
GLU HE2  H  N N 125 
GLU HXT  H  N N 126 
GLY N    N  N N 127 
GLY CA   C  N N 128 
GLY C    C  N N 129 
GLY O    O  N N 130 
GLY OXT  O  N N 131 
GLY H    H  N N 132 
GLY H2   H  N N 133 
GLY HA2  H  N N 134 
GLY HA3  H  N N 135 
GLY HXT  H  N N 136 
HIS N    N  N N 137 
HIS CA   C  N S 138 
HIS C    C  N N 139 
HIS O    O  N N 140 
HIS CB   C  N N 141 
HIS CG   C  Y N 142 
HIS ND1  N  Y N 143 
HIS CD2  C  Y N 144 
HIS CE1  C  Y N 145 
HIS NE2  N  Y N 146 
HIS OXT  O  N N 147 
HIS H    H  N N 148 
HIS H2   H  N N 149 
HIS HA   H  N N 150 
HIS HB2  H  N N 151 
HIS HB3  H  N N 152 
HIS HD1  H  N N 153 
HIS HD2  H  N N 154 
HIS HE1  H  N N 155 
HIS HE2  H  N N 156 
HIS HXT  H  N N 157 
HOH O    O  N N 158 
HOH H1   H  N N 159 
HOH H2   H  N N 160 
ILE N    N  N N 161 
ILE CA   C  N S 162 
ILE C    C  N N 163 
ILE O    O  N N 164 
ILE CB   C  N S 165 
ILE CG1  C  N N 166 
ILE CG2  C  N N 167 
ILE CD1  C  N N 168 
ILE OXT  O  N N 169 
ILE H    H  N N 170 
ILE H2   H  N N 171 
ILE HA   H  N N 172 
ILE HB   H  N N 173 
ILE HG12 H  N N 174 
ILE HG13 H  N N 175 
ILE HG21 H  N N 176 
ILE HG22 H  N N 177 
ILE HG23 H  N N 178 
ILE HD11 H  N N 179 
ILE HD12 H  N N 180 
ILE HD13 H  N N 181 
ILE HXT  H  N N 182 
LEU N    N  N N 183 
LEU CA   C  N S 184 
LEU C    C  N N 185 
LEU O    O  N N 186 
LEU CB   C  N N 187 
LEU CG   C  N N 188 
LEU CD1  C  N N 189 
LEU CD2  C  N N 190 
LEU OXT  O  N N 191 
LEU H    H  N N 192 
LEU H2   H  N N 193 
LEU HA   H  N N 194 
LEU HB2  H  N N 195 
LEU HB3  H  N N 196 
LEU HG   H  N N 197 
LEU HD11 H  N N 198 
LEU HD12 H  N N 199 
LEU HD13 H  N N 200 
LEU HD21 H  N N 201 
LEU HD22 H  N N 202 
LEU HD23 H  N N 203 
LEU HXT  H  N N 204 
LYS N    N  N N 205 
LYS CA   C  N S 206 
LYS C    C  N N 207 
LYS O    O  N N 208 
LYS CB   C  N N 209 
LYS CG   C  N N 210 
LYS CD   C  N N 211 
LYS CE   C  N N 212 
LYS NZ   N  N N 213 
LYS OXT  O  N N 214 
LYS H    H  N N 215 
LYS H2   H  N N 216 
LYS HA   H  N N 217 
LYS HB2  H  N N 218 
LYS HB3  H  N N 219 
LYS HG2  H  N N 220 
LYS HG3  H  N N 221 
LYS HD2  H  N N 222 
LYS HD3  H  N N 223 
LYS HE2  H  N N 224 
LYS HE3  H  N N 225 
LYS HZ1  H  N N 226 
LYS HZ2  H  N N 227 
LYS HZ3  H  N N 228 
LYS HXT  H  N N 229 
MSE N    N  N N 230 
MSE CA   C  N S 231 
MSE C    C  N N 232 
MSE O    O  N N 233 
MSE OXT  O  N N 234 
MSE CB   C  N N 235 
MSE CG   C  N N 236 
MSE SE   SE N N 237 
MSE CE   C  N N 238 
MSE H    H  N N 239 
MSE H2   H  N N 240 
MSE HA   H  N N 241 
MSE HXT  H  N N 242 
MSE HB2  H  N N 243 
MSE HB3  H  N N 244 
MSE HG2  H  N N 245 
MSE HG3  H  N N 246 
MSE HE1  H  N N 247 
MSE HE2  H  N N 248 
MSE HE3  H  N N 249 
PHE N    N  N N 250 
PHE CA   C  N S 251 
PHE C    C  N N 252 
PHE O    O  N N 253 
PHE CB   C  N N 254 
PHE CG   C  Y N 255 
PHE CD1  C  Y N 256 
PHE CD2  C  Y N 257 
PHE CE1  C  Y N 258 
PHE CE2  C  Y N 259 
PHE CZ   C  Y N 260 
PHE OXT  O  N N 261 
PHE H    H  N N 262 
PHE H2   H  N N 263 
PHE HA   H  N N 264 
PHE HB2  H  N N 265 
PHE HB3  H  N N 266 
PHE HD1  H  N N 267 
PHE HD2  H  N N 268 
PHE HE1  H  N N 269 
PHE HE2  H  N N 270 
PHE HZ   H  N N 271 
PHE HXT  H  N N 272 
PRO N    N  N N 273 
PRO CA   C  N S 274 
PRO C    C  N N 275 
PRO O    O  N N 276 
PRO CB   C  N N 277 
PRO CG   C  N N 278 
PRO CD   C  N N 279 
PRO OXT  O  N N 280 
PRO H    H  N N 281 
PRO HA   H  N N 282 
PRO HB2  H  N N 283 
PRO HB3  H  N N 284 
PRO HG2  H  N N 285 
PRO HG3  H  N N 286 
PRO HD2  H  N N 287 
PRO HD3  H  N N 288 
PRO HXT  H  N N 289 
SER N    N  N N 290 
SER CA   C  N S 291 
SER C    C  N N 292 
SER O    O  N N 293 
SER CB   C  N N 294 
SER OG   O  N N 295 
SER OXT  O  N N 296 
SER H    H  N N 297 
SER H2   H  N N 298 
SER HA   H  N N 299 
SER HB2  H  N N 300 
SER HB3  H  N N 301 
SER HG   H  N N 302 
SER HXT  H  N N 303 
THR N    N  N N 304 
THR CA   C  N S 305 
THR C    C  N N 306 
THR O    O  N N 307 
THR CB   C  N R 308 
THR OG1  O  N N 309 
THR CG2  C  N N 310 
THR OXT  O  N N 311 
THR H    H  N N 312 
THR H2   H  N N 313 
THR HA   H  N N 314 
THR HB   H  N N 315 
THR HG1  H  N N 316 
THR HG21 H  N N 317 
THR HG22 H  N N 318 
THR HG23 H  N N 319 
THR HXT  H  N N 320 
TRP N    N  N N 321 
TRP CA   C  N S 322 
TRP C    C  N N 323 
TRP O    O  N N 324 
TRP CB   C  N N 325 
TRP CG   C  Y N 326 
TRP CD1  C  Y N 327 
TRP CD2  C  Y N 328 
TRP NE1  N  Y N 329 
TRP CE2  C  Y N 330 
TRP CE3  C  Y N 331 
TRP CZ2  C  Y N 332 
TRP CZ3  C  Y N 333 
TRP CH2  C  Y N 334 
TRP OXT  O  N N 335 
TRP H    H  N N 336 
TRP H2   H  N N 337 
TRP HA   H  N N 338 
TRP HB2  H  N N 339 
TRP HB3  H  N N 340 
TRP HD1  H  N N 341 
TRP HE1  H  N N 342 
TRP HE3  H  N N 343 
TRP HZ2  H  N N 344 
TRP HZ3  H  N N 345 
TRP HH2  H  N N 346 
TRP HXT  H  N N 347 
TYR N    N  N N 348 
TYR CA   C  N S 349 
TYR C    C  N N 350 
TYR O    O  N N 351 
TYR CB   C  N N 352 
TYR CG   C  Y N 353 
TYR CD1  C  Y N 354 
TYR CD2  C  Y N 355 
TYR CE1  C  Y N 356 
TYR CE2  C  Y N 357 
TYR CZ   C  Y N 358 
TYR OH   O  N N 359 
TYR OXT  O  N N 360 
TYR H    H  N N 361 
TYR H2   H  N N 362 
TYR HA   H  N N 363 
TYR HB2  H  N N 364 
TYR HB3  H  N N 365 
TYR HD1  H  N N 366 
TYR HD2  H  N N 367 
TYR HE1  H  N N 368 
TYR HE2  H  N N 369 
TYR HH   H  N N 370 
TYR HXT  H  N N 371 
VAL N    N  N N 372 
VAL CA   C  N S 373 
VAL C    C  N N 374 
VAL O    O  N N 375 
VAL CB   C  N N 376 
VAL CG1  C  N N 377 
VAL CG2  C  N N 378 
VAL OXT  O  N N 379 
VAL H    H  N N 380 
VAL H2   H  N N 381 
VAL HA   H  N N 382 
VAL HB   H  N N 383 
VAL HG11 H  N N 384 
VAL HG12 H  N N 385 
VAL HG13 H  N N 386 
VAL HG21 H  N N 387 
VAL HG22 H  N N 388 
VAL HG23 H  N N 389 
VAL HXT  H  N N 390 
# 
loop_
_chem_comp_bond.comp_id 
_chem_comp_bond.atom_id_1 
_chem_comp_bond.atom_id_2 
_chem_comp_bond.value_order 
_chem_comp_bond.pdbx_aromatic_flag 
_chem_comp_bond.pdbx_stereo_config 
_chem_comp_bond.pdbx_ordinal 
ALA N   CA   sing N N 1   
ALA N   H    sing N N 2   
ALA N   H2   sing N N 3   
ALA CA  C    sing N N 4   
ALA CA  CB   sing N N 5   
ALA CA  HA   sing N N 6   
ALA C   O    doub N N 7   
ALA C   OXT  sing N N 8   
ALA CB  HB1  sing N N 9   
ALA CB  HB2  sing N N 10  
ALA CB  HB3  sing N N 11  
ALA OXT HXT  sing N N 12  
ARG N   CA   sing N N 13  
ARG N   H    sing N N 14  
ARG N   H2   sing N N 15  
ARG CA  C    sing N N 16  
ARG CA  CB   sing N N 17  
ARG CA  HA   sing N N 18  
ARG C   O    doub N N 19  
ARG C   OXT  sing N N 20  
ARG CB  CG   sing N N 21  
ARG CB  HB2  sing N N 22  
ARG CB  HB3  sing N N 23  
ARG CG  CD   sing N N 24  
ARG CG  HG2  sing N N 25  
ARG CG  HG3  sing N N 26  
ARG CD  NE   sing N N 27  
ARG CD  HD2  sing N N 28  
ARG CD  HD3  sing N N 29  
ARG NE  CZ   sing N N 30  
ARG NE  HE   sing N N 31  
ARG CZ  NH1  sing N N 32  
ARG CZ  NH2  doub N N 33  
ARG NH1 HH11 sing N N 34  
ARG NH1 HH12 sing N N 35  
ARG NH2 HH21 sing N N 36  
ARG NH2 HH22 sing N N 37  
ARG OXT HXT  sing N N 38  
ASN N   CA   sing N N 39  
ASN N   H    sing N N 40  
ASN N   H2   sing N N 41  
ASN CA  C    sing N N 42  
ASN CA  CB   sing N N 43  
ASN CA  HA   sing N N 44  
ASN C   O    doub N N 45  
ASN C   OXT  sing N N 46  
ASN CB  CG   sing N N 47  
ASN CB  HB2  sing N N 48  
ASN CB  HB3  sing N N 49  
ASN CG  OD1  doub N N 50  
ASN CG  ND2  sing N N 51  
ASN ND2 HD21 sing N N 52  
ASN ND2 HD22 sing N N 53  
ASN OXT HXT  sing N N 54  
ASP N   CA   sing N N 55  
ASP N   H    sing N N 56  
ASP N   H2   sing N N 57  
ASP CA  C    sing N N 58  
ASP CA  CB   sing N N 59  
ASP CA  HA   sing N N 60  
ASP C   O    doub N N 61  
ASP C   OXT  sing N N 62  
ASP CB  CG   sing N N 63  
ASP CB  HB2  sing N N 64  
ASP CB  HB3  sing N N 65  
ASP CG  OD1  doub N N 66  
ASP CG  OD2  sing N N 67  
ASP OD2 HD2  sing N N 68  
ASP OXT HXT  sing N N 69  
CYS N   CA   sing N N 70  
CYS N   H    sing N N 71  
CYS N   H2   sing N N 72  
CYS CA  C    sing N N 73  
CYS CA  CB   sing N N 74  
CYS CA  HA   sing N N 75  
CYS C   O    doub N N 76  
CYS C   OXT  sing N N 77  
CYS CB  SG   sing N N 78  
CYS CB  HB2  sing N N 79  
CYS CB  HB3  sing N N 80  
CYS SG  HG   sing N N 81  
CYS OXT HXT  sing N N 82  
GLN N   CA   sing N N 83  
GLN N   H    sing N N 84  
GLN N   H2   sing N N 85  
GLN CA  C    sing N N 86  
GLN CA  CB   sing N N 87  
GLN CA  HA   sing N N 88  
GLN C   O    doub N N 89  
GLN C   OXT  sing N N 90  
GLN CB  CG   sing N N 91  
GLN CB  HB2  sing N N 92  
GLN CB  HB3  sing N N 93  
GLN CG  CD   sing N N 94  
GLN CG  HG2  sing N N 95  
GLN CG  HG3  sing N N 96  
GLN CD  OE1  doub N N 97  
GLN CD  NE2  sing N N 98  
GLN NE2 HE21 sing N N 99  
GLN NE2 HE22 sing N N 100 
GLN OXT HXT  sing N N 101 
GLU N   CA   sing N N 102 
GLU N   H    sing N N 103 
GLU N   H2   sing N N 104 
GLU CA  C    sing N N 105 
GLU CA  CB   sing N N 106 
GLU CA  HA   sing N N 107 
GLU C   O    doub N N 108 
GLU C   OXT  sing N N 109 
GLU CB  CG   sing N N 110 
GLU CB  HB2  sing N N 111 
GLU CB  HB3  sing N N 112 
GLU CG  CD   sing N N 113 
GLU CG  HG2  sing N N 114 
GLU CG  HG3  sing N N 115 
GLU CD  OE1  doub N N 116 
GLU CD  OE2  sing N N 117 
GLU OE2 HE2  sing N N 118 
GLU OXT HXT  sing N N 119 
GLY N   CA   sing N N 120 
GLY N   H    sing N N 121 
GLY N   H2   sing N N 122 
GLY CA  C    sing N N 123 
GLY CA  HA2  sing N N 124 
GLY CA  HA3  sing N N 125 
GLY C   O    doub N N 126 
GLY C   OXT  sing N N 127 
GLY OXT HXT  sing N N 128 
HIS N   CA   sing N N 129 
HIS N   H    sing N N 130 
HIS N   H2   sing N N 131 
HIS CA  C    sing N N 132 
HIS CA  CB   sing N N 133 
HIS CA  HA   sing N N 134 
HIS C   O    doub N N 135 
HIS C   OXT  sing N N 136 
HIS CB  CG   sing N N 137 
HIS CB  HB2  sing N N 138 
HIS CB  HB3  sing N N 139 
HIS CG  ND1  sing Y N 140 
HIS CG  CD2  doub Y N 141 
HIS ND1 CE1  doub Y N 142 
HIS ND1 HD1  sing N N 143 
HIS CD2 NE2  sing Y N 144 
HIS CD2 HD2  sing N N 145 
HIS CE1 NE2  sing Y N 146 
HIS CE1 HE1  sing N N 147 
HIS NE2 HE2  sing N N 148 
HIS OXT HXT  sing N N 149 
HOH O   H1   sing N N 150 
HOH O   H2   sing N N 151 
ILE N   CA   sing N N 152 
ILE N   H    sing N N 153 
ILE N   H2   sing N N 154 
ILE CA  C    sing N N 155 
ILE CA  CB   sing N N 156 
ILE CA  HA   sing N N 157 
ILE C   O    doub N N 158 
ILE C   OXT  sing N N 159 
ILE CB  CG1  sing N N 160 
ILE CB  CG2  sing N N 161 
ILE CB  HB   sing N N 162 
ILE CG1 CD1  sing N N 163 
ILE CG1 HG12 sing N N 164 
ILE CG1 HG13 sing N N 165 
ILE CG2 HG21 sing N N 166 
ILE CG2 HG22 sing N N 167 
ILE CG2 HG23 sing N N 168 
ILE CD1 HD11 sing N N 169 
ILE CD1 HD12 sing N N 170 
ILE CD1 HD13 sing N N 171 
ILE OXT HXT  sing N N 172 
LEU N   CA   sing N N 173 
LEU N   H    sing N N 174 
LEU N   H2   sing N N 175 
LEU CA  C    sing N N 176 
LEU CA  CB   sing N N 177 
LEU CA  HA   sing N N 178 
LEU C   O    doub N N 179 
LEU C   OXT  sing N N 180 
LEU CB  CG   sing N N 181 
LEU CB  HB2  sing N N 182 
LEU CB  HB3  sing N N 183 
LEU CG  CD1  sing N N 184 
LEU CG  CD2  sing N N 185 
LEU CG  HG   sing N N 186 
LEU CD1 HD11 sing N N 187 
LEU CD1 HD12 sing N N 188 
LEU CD1 HD13 sing N N 189 
LEU CD2 HD21 sing N N 190 
LEU CD2 HD22 sing N N 191 
LEU CD2 HD23 sing N N 192 
LEU OXT HXT  sing N N 193 
LYS N   CA   sing N N 194 
LYS N   H    sing N N 195 
LYS N   H2   sing N N 196 
LYS CA  C    sing N N 197 
LYS CA  CB   sing N N 198 
LYS CA  HA   sing N N 199 
LYS C   O    doub N N 200 
LYS C   OXT  sing N N 201 
LYS CB  CG   sing N N 202 
LYS CB  HB2  sing N N 203 
LYS CB  HB3  sing N N 204 
LYS CG  CD   sing N N 205 
LYS CG  HG2  sing N N 206 
LYS CG  HG3  sing N N 207 
LYS CD  CE   sing N N 208 
LYS CD  HD2  sing N N 209 
LYS CD  HD3  sing N N 210 
LYS CE  NZ   sing N N 211 
LYS CE  HE2  sing N N 212 
LYS CE  HE3  sing N N 213 
LYS NZ  HZ1  sing N N 214 
LYS NZ  HZ2  sing N N 215 
LYS NZ  HZ3  sing N N 216 
LYS OXT HXT  sing N N 217 
MSE N   CA   sing N N 218 
MSE N   H    sing N N 219 
MSE N   H2   sing N N 220 
MSE CA  C    sing N N 221 
MSE CA  CB   sing N N 222 
MSE CA  HA   sing N N 223 
MSE C   O    doub N N 224 
MSE C   OXT  sing N N 225 
MSE OXT HXT  sing N N 226 
MSE CB  CG   sing N N 227 
MSE CB  HB2  sing N N 228 
MSE CB  HB3  sing N N 229 
MSE CG  SE   sing N N 230 
MSE CG  HG2  sing N N 231 
MSE CG  HG3  sing N N 232 
MSE SE  CE   sing N N 233 
MSE CE  HE1  sing N N 234 
MSE CE  HE2  sing N N 235 
MSE CE  HE3  sing N N 236 
PHE N   CA   sing N N 237 
PHE N   H    sing N N 238 
PHE N   H2   sing N N 239 
PHE CA  C    sing N N 240 
PHE CA  CB   sing N N 241 
PHE CA  HA   sing N N 242 
PHE C   O    doub N N 243 
PHE C   OXT  sing N N 244 
PHE CB  CG   sing N N 245 
PHE CB  HB2  sing N N 246 
PHE CB  HB3  sing N N 247 
PHE CG  CD1  doub Y N 248 
PHE CG  CD2  sing Y N 249 
PHE CD1 CE1  sing Y N 250 
PHE CD1 HD1  sing N N 251 
PHE CD2 CE2  doub Y N 252 
PHE CD2 HD2  sing N N 253 
PHE CE1 CZ   doub Y N 254 
PHE CE1 HE1  sing N N 255 
PHE CE2 CZ   sing Y N 256 
PHE CE2 HE2  sing N N 257 
PHE CZ  HZ   sing N N 258 
PHE OXT HXT  sing N N 259 
PRO N   CA   sing N N 260 
PRO N   CD   sing N N 261 
PRO N   H    sing N N 262 
PRO CA  C    sing N N 263 
PRO CA  CB   sing N N 264 
PRO CA  HA   sing N N 265 
PRO C   O    doub N N 266 
PRO C   OXT  sing N N 267 
PRO CB  CG   sing N N 268 
PRO CB  HB2  sing N N 269 
PRO CB  HB3  sing N N 270 
PRO CG  CD   sing N N 271 
PRO CG  HG2  sing N N 272 
PRO CG  HG3  sing N N 273 
PRO CD  HD2  sing N N 274 
PRO CD  HD3  sing N N 275 
PRO OXT HXT  sing N N 276 
SER N   CA   sing N N 277 
SER N   H    sing N N 278 
SER N   H2   sing N N 279 
SER CA  C    sing N N 280 
SER CA  CB   sing N N 281 
SER CA  HA   sing N N 282 
SER C   O    doub N N 283 
SER C   OXT  sing N N 284 
SER CB  OG   sing N N 285 
SER CB  HB2  sing N N 286 
SER CB  HB3  sing N N 287 
SER OG  HG   sing N N 288 
SER OXT HXT  sing N N 289 
THR N   CA   sing N N 290 
THR N   H    sing N N 291 
THR N   H2   sing N N 292 
THR CA  C    sing N N 293 
THR CA  CB   sing N N 294 
THR CA  HA   sing N N 295 
THR C   O    doub N N 296 
THR C   OXT  sing N N 297 
THR CB  OG1  sing N N 298 
THR CB  CG2  sing N N 299 
THR CB  HB   sing N N 300 
THR OG1 HG1  sing N N 301 
THR CG2 HG21 sing N N 302 
THR CG2 HG22 sing N N 303 
THR CG2 HG23 sing N N 304 
THR OXT HXT  sing N N 305 
TRP N   CA   sing N N 306 
TRP N   H    sing N N 307 
TRP N   H2   sing N N 308 
TRP CA  C    sing N N 309 
TRP CA  CB   sing N N 310 
TRP CA  HA   sing N N 311 
TRP C   O    doub N N 312 
TRP C   OXT  sing N N 313 
TRP CB  CG   sing N N 314 
TRP CB  HB2  sing N N 315 
TRP CB  HB3  sing N N 316 
TRP CG  CD1  doub Y N 317 
TRP CG  CD2  sing Y N 318 
TRP CD1 NE1  sing Y N 319 
TRP CD1 HD1  sing N N 320 
TRP CD2 CE2  doub Y N 321 
TRP CD2 CE3  sing Y N 322 
TRP NE1 CE2  sing Y N 323 
TRP NE1 HE1  sing N N 324 
TRP CE2 CZ2  sing Y N 325 
TRP CE3 CZ3  doub Y N 326 
TRP CE3 HE3  sing N N 327 
TRP CZ2 CH2  doub Y N 328 
TRP CZ2 HZ2  sing N N 329 
TRP CZ3 CH2  sing Y N 330 
TRP CZ3 HZ3  sing N N 331 
TRP CH2 HH2  sing N N 332 
TRP OXT HXT  sing N N 333 
TYR N   CA   sing N N 334 
TYR N   H    sing N N 335 
TYR N   H2   sing N N 336 
TYR CA  C    sing N N 337 
TYR CA  CB   sing N N 338 
TYR CA  HA   sing N N 339 
TYR C   O    doub N N 340 
TYR C   OXT  sing N N 341 
TYR CB  CG   sing N N 342 
TYR CB  HB2  sing N N 343 
TYR CB  HB3  sing N N 344 
TYR CG  CD1  doub Y N 345 
TYR CG  CD2  sing Y N 346 
TYR CD1 CE1  sing Y N 347 
TYR CD1 HD1  sing N N 348 
TYR CD2 CE2  doub Y N 349 
TYR CD2 HD2  sing N N 350 
TYR CE1 CZ   doub Y N 351 
TYR CE1 HE1  sing N N 352 
TYR CE2 CZ   sing Y N 353 
TYR CE2 HE2  sing N N 354 
TYR CZ  OH   sing N N 355 
TYR OH  HH   sing N N 356 
TYR OXT HXT  sing N N 357 
VAL N   CA   sing N N 358 
VAL N   H    sing N N 359 
VAL N   H2   sing N N 360 
VAL CA  C    sing N N 361 
VAL CA  CB   sing N N 362 
VAL CA  HA   sing N N 363 
VAL C   O    doub N N 364 
VAL C   OXT  sing N N 365 
VAL CB  CG1  sing N N 366 
VAL CB  CG2  sing N N 367 
VAL CB  HB   sing N N 368 
VAL CG1 HG11 sing N N 369 
VAL CG1 HG12 sing N N 370 
VAL CG1 HG13 sing N N 371 
VAL CG2 HG21 sing N N 372 
VAL CG2 HG22 sing N N 373 
VAL CG2 HG23 sing N N 374 
VAL OXT HXT  sing N N 375 
# 
loop_
_pdbx_reflns_twin.domain_id 
_pdbx_reflns_twin.crystal_id 
_pdbx_reflns_twin.diffrn_id 
_pdbx_reflns_twin.type 
_pdbx_reflns_twin.operator 
_pdbx_reflns_twin.fraction 
1 1 1 ? 'H, K, L' 0.963 
2 1 1 ? h+k,-k,-l 0.037 
# 
_atom_sites.entry_id                    3LKL 
_atom_sites.fract_transf_matrix[1][1]   0.01070076 
_atom_sites.fract_transf_matrix[1][2]   -0.00327976 
_atom_sites.fract_transf_matrix[1][3]   -0.00351745 
_atom_sites.fract_transf_matrix[2][1]   0.00191268 
_atom_sites.fract_transf_matrix[2][2]   -0.01105070 
_atom_sites.fract_transf_matrix[2][3]   -0.00344092 
_atom_sites.fract_transf_matrix[3][1]   -0.00494268 
_atom_sites.fract_transf_matrix[3][2]   0.00539204 
_atom_sites.fract_transf_matrix[3][3]   -0.02006426 
_atom_sites.fract_transf_vector[1]      -0.118642 
_atom_sites.fract_transf_vector[2]      0.481233 
_atom_sites.fract_transf_vector[3]      0.110938 
# 
loop_
_atom_type.symbol 
C  
N  
O  
S  
SE 
# 
loop_
_atom_site.group_PDB 
_atom_site.id 
_atom_site.type_symbol 
_atom_site.label_atom_id 
_atom_site.label_alt_id 
_atom_site.label_comp_id 
_atom_site.label_asym_id 
_atom_site.label_entity_id 
_atom_site.label_seq_id 
_atom_site.pdbx_PDB_ins_code 
_atom_site.Cartn_x 
_atom_site.Cartn_y 
_atom_site.Cartn_z 
_atom_site.occupancy 
_atom_site.B_iso_or_equiv 
_atom_site.pdbx_formal_charge 
_atom_site.auth_seq_id 
_atom_site.auth_comp_id 
_atom_site.auth_asym_id 
_atom_site.auth_atom_id 
_atom_site.pdbx_PDB_model_num 
ATOM   1    N  N   . ASN A 1 2  ? 10.495  13.535  23.545  1.00 25.29 ? -1  ASN A N   1 
ATOM   2    C  CA  . ASN A 1 2  ? 9.416   12.667  22.903  1.00 26.25 ? -1  ASN A CA  1 
ATOM   3    C  C   . ASN A 1 2  ? 9.731   12.247  21.445  1.00 24.92 ? -1  ASN A C   1 
ATOM   4    O  O   . ASN A 1 2  ? 10.537  12.924  20.766  1.00 26.87 ? -1  ASN A O   1 
ATOM   5    C  CB  . ASN A 1 2  ? 8.008   13.320  22.950  1.00 26.78 ? -1  ASN A CB  1 
ATOM   6    C  CG  . ASN A 1 2  ? 6.880   12.264  22.951  1.00 29.07 ? -1  ASN A CG  1 
ATOM   7    O  OD1 . ASN A 1 2  ? 7.096   11.109  23.351  1.00 31.13 ? -1  ASN A OD1 1 
ATOM   8    N  ND2 . ASN A 1 2  ? 5.695   12.655  22.509  1.00 32.87 ? -1  ASN A ND2 1 
ATOM   9    N  N   . ALA A 1 3  ? 9.138   11.152  21.004  1.00 21.54 ? 0   ALA A N   1 
ATOM   10   C  CA  . ALA A 1 3  ? 9.675   10.382  19.902  1.00 19.82 ? 0   ALA A CA  1 
ATOM   11   C  C   . ALA A 1 3  ? 8.834   10.384  18.680  1.00 17.30 ? 0   ALA A C   1 
ATOM   12   O  O   . ALA A 1 3  ? 9.231   9.909   17.667  1.00 13.98 ? 0   ALA A O   1 
ATOM   13   C  CB  . ALA A 1 3  ? 9.932   8.962   20.352  1.00 19.28 ? 0   ALA A CB  1 
ATOM   14   N  N   . PHE A 1 4  ? 7.665   10.954  18.808  1.00 16.17 ? 1   PHE A N   1 
ATOM   15   C  CA  . PHE A 1 4  ? 6.745   11.036  17.737  1.00 15.66 ? 1   PHE A CA  1 
ATOM   16   C  C   . PHE A 1 4  ? 5.954   12.348  17.801  1.00 15.36 ? 1   PHE A C   1 
ATOM   17   O  O   . PHE A 1 4  ? 5.594   12.797  18.832  1.00 14.22 ? 1   PHE A O   1 
ATOM   18   C  CB  . PHE A 1 4  ? 5.881   9.811   17.823  1.00 16.56 ? 1   PHE A CB  1 
ATOM   19   C  CG  . PHE A 1 4  ? 4.782   9.790   16.888  1.00 17.03 ? 1   PHE A CG  1 
ATOM   20   C  CD1 . PHE A 1 4  ? 4.999   9.582   15.582  1.00 23.48 ? 1   PHE A CD1 1 
ATOM   21   C  CD2 . PHE A 1 4  ? 3.519   9.968   17.323  1.00 20.67 ? 1   PHE A CD2 1 
ATOM   22   C  CE1 . PHE A 1 4  ? 3.988   9.566   14.730  1.00 23.93 ? 1   PHE A CE1 1 
ATOM   23   C  CE2 . PHE A 1 4  ? 2.512   9.961   16.481  1.00 20.78 ? 1   PHE A CE2 1 
ATOM   24   C  CZ  . PHE A 1 4  ? 2.740   9.755   15.180  1.00 23.27 ? 1   PHE A CZ  1 
ATOM   25   N  N   . ALA A 1 5  ? 5.739   12.954  16.662  1.00 15.03 ? 2   ALA A N   1 
ATOM   26   C  CA  . ALA A 1 5  ? 4.995   14.185  16.556  1.00 16.22 ? 2   ALA A CA  1 
ATOM   27   C  C   . ALA A 1 5  ? 4.355   14.338  15.204  1.00 15.89 ? 2   ALA A C   1 
ATOM   28   O  O   . ALA A 1 5  ? 4.959   14.102  14.222  1.00 16.23 ? 2   ALA A O   1 
ATOM   29   C  CB  . ALA A 1 5  ? 5.848   15.338  16.825  1.00 15.11 ? 2   ALA A CB  1 
ATOM   30   N  N   . VAL A 1 6  ? 3.111   14.749  15.192  1.00 15.88 ? 3   VAL A N   1 
ATOM   31   C  CA  . VAL A 1 6  ? 2.392   15.081  13.952  1.00 14.69 ? 3   VAL A CA  1 
ATOM   32   C  C   . VAL A 1 6  ? 1.875   16.538  14.036  1.00 15.14 ? 3   VAL A C   1 
ATOM   33   O  O   . VAL A 1 6  ? 1.306   16.912  15.084  1.00 14.04 ? 3   VAL A O   1 
ATOM   34   C  CB  . VAL A 1 6  ? 1.138   14.228  13.750  1.00 15.07 ? 3   VAL A CB  1 
ATOM   35   C  CG1 . VAL A 1 6  ? 0.463   14.590  12.412  1.00 13.81 ? 3   VAL A CG1 1 
ATOM   36   C  CG2 . VAL A 1 6  ? 1.457   12.748  13.748  1.00 7.47  ? 3   VAL A CG2 1 
ATOM   37   N  N   . SER A 1 7  ? 2.112   17.338  12.976  1.00 14.72 ? 4   SER A N   1 
ATOM   38   C  CA  . SER A 1 7  ? 1.400   18.592  12.790  1.00 15.91 ? 4   SER A CA  1 
ATOM   39   C  C   . SER A 1 7  ? 0.687   18.640  11.430  1.00 15.52 ? 4   SER A C   1 
ATOM   40   O  O   . SER A 1 7  ? 0.902   17.799  10.559  1.00 14.02 ? 4   SER A O   1 
ATOM   41   C  CB  . SER A 1 7  ? 2.332   19.794  12.970  1.00 15.85 ? 4   SER A CB  1 
ATOM   42   O  OG  . SER A 1 7  ? 3.389   19.757  12.014  1.00 12.36 ? 4   SER A OG  1 
ATOM   43   N  N   . SER A 1 8  ? -0.185  19.622  11.247  1.00 14.60 ? 5   SER A N   1 
ATOM   44   C  CA  . SER A 1 8  ? -0.806  19.747  9.935   1.00 15.61 ? 5   SER A CA  1 
ATOM   45   C  C   . SER A 1 8  ? -0.956  21.207  9.535   1.00 14.82 ? 5   SER A C   1 
ATOM   46   O  O   . SER A 1 8  ? -0.894  22.093  10.351  1.00 14.44 ? 5   SER A O   1 
ATOM   47   C  CB  . SER A 1 8  ? -2.160  19.024  9.890   1.00 14.38 ? 5   SER A CB  1 
ATOM   48   O  OG  . SER A 1 8  ? -3.152  19.792  10.572  1.00 15.50 ? 5   SER A OG  1 
ATOM   49   N  N   . GLU A 1 9  ? -1.097  21.420  8.257   1.00 15.81 ? 6   GLU A N   1 
ATOM   50   C  CA  . GLU A 1 9  ? -1.404  22.686  7.711   1.00 16.77 ? 6   GLU A CA  1 
ATOM   51   C  C   . GLU A 1 9  ? -2.559  22.594  6.729   1.00 15.40 ? 6   GLU A C   1 
ATOM   52   O  O   . GLU A 1 9  ? -2.562  21.781  5.852   1.00 14.71 ? 6   GLU A O   1 
ATOM   53   C  CB  . GLU A 1 9  ? -0.194  23.259  7.022   1.00 18.02 ? 6   GLU A CB  1 
ATOM   54   C  CG  . GLU A 1 9  ? -0.434  24.637  6.509   1.00 25.74 ? 6   GLU A CG  1 
ATOM   55   C  CD  . GLU A 1 9  ? 0.691   25.181  5.653   1.00 32.10 ? 6   GLU A CD  1 
ATOM   56   O  OE1 . GLU A 1 9  ? 1.852   24.938  5.992   1.00 37.55 ? 6   GLU A OE1 1 
ATOM   57   O  OE2 . GLU A 1 9  ? 0.423   25.847  4.641   1.00 35.92 ? 6   GLU A OE2 1 
ATOM   58   N  N   . LEU A 1 10 ? -3.527  23.480  6.908   1.00 15.03 ? 7   LEU A N   1 
ATOM   59   C  CA  . LEU A 1 10 ? -4.667  23.663  6.020   1.00 14.61 ? 7   LEU A CA  1 
ATOM   60   C  C   . LEU A 1 10 ? -4.465  24.667  4.923   1.00 15.62 ? 7   LEU A C   1 
ATOM   61   O  O   . LEU A 1 10 ? -3.910  25.677  5.102   1.00 16.77 ? 7   LEU A O   1 
ATOM   62   C  CB  . LEU A 1 10 ? -5.906  24.033  6.810   1.00 13.94 ? 7   LEU A CB  1 
ATOM   63   C  CG  . LEU A 1 10 ? -7.307  23.931  6.221   1.00 13.44 ? 7   LEU A CG  1 
ATOM   64   C  CD1 . LEU A 1 10 ? -7.626  22.582  5.725   1.00 12.73 ? 7   LEU A CD1 1 
ATOM   65   C  CD2 . LEU A 1 10 ? -8.250  24.251  7.264   1.00 13.05 ? 7   LEU A CD2 1 
ATOM   66   N  N   . SER A 1 11 ? -4.944  24.312  3.767   1.00 16.91 ? 8   SER A N   1 
ATOM   67   C  CA  . SER A 1 11 ? -5.235  25.138  2.627   1.00 18.88 ? 8   SER A CA  1 
ATOM   68   C  C   . SER A 1 11 ? -6.014  26.437  2.937   1.00 19.08 ? 8   SER A C   1 
ATOM   69   O  O   . SER A 1 11 ? -6.777  26.538  3.878   1.00 19.39 ? 8   SER A O   1 
ATOM   70   C  CB  . SER A 1 11 ? -6.119  24.305  1.726   1.00 17.73 ? 8   SER A CB  1 
ATOM   71   O  OG  . SER A 1 11 ? -6.179  24.816  0.455   1.00 22.85 ? 8   SER A OG  1 
ATOM   72   N  N   . ALA A 1 12 ? -5.834  27.427  2.095   1.00 20.56 ? 9   ALA A N   1 
ATOM   73   C  CA  . ALA A 1 12 ? -6.584  28.663  2.230   1.00 20.71 ? 9   ALA A CA  1 
ATOM   74   C  C   . ALA A 1 12 ? -8.064  28.404  2.111   1.00 20.96 ? 9   ALA A C   1 
ATOM   75   O  O   . ALA A 1 12 ? -8.819  28.867  2.917   1.00 22.55 ? 9   ALA A O   1 
ATOM   76   C  CB  . ALA A 1 12 ? -6.160  29.630  1.221   1.00 20.40 ? 9   ALA A CB  1 
ATOM   77   N  N   . CYS A 1 13 ? -8.466  27.638  1.119   1.00 20.40 ? 10  CYS A N   1 
ATOM   78   C  CA  . CYS A 1 13 ? -9.853  27.372  0.905   1.00 19.52 ? 10  CYS A CA  1 
ATOM   79   C  C   . CYS A 1 13 ? -10.364 26.188  1.714   1.00 19.04 ? 10  CYS A C   1 
ATOM   80   O  O   . CYS A 1 13 ? -11.507 25.874  1.652   1.00 16.47 ? 10  CYS A O   1 
ATOM   81   C  CB  . CYS A 1 13 ? -10.139 27.222  -0.575  1.00 19.47 ? 10  CYS A CB  1 
ATOM   82   S  SG  . CYS A 1 13 ? -9.948  28.715  -1.545  1.00 22.52 ? 10  CYS A SG  1 
ATOM   83   N  N   . GLY A 1 14 ? -9.491  25.570  2.491   1.00 17.53 ? 11  GLY A N   1 
ATOM   84   C  CA  . GLY A 1 14 ? -9.868  24.554  3.428   1.00 18.04 ? 11  GLY A CA  1 
ATOM   85   C  C   . GLY A 1 14 ? -10.083 23.202  2.775   1.00 17.69 ? 11  GLY A C   1 
ATOM   86   O  O   . GLY A 1 14 ? -10.601 22.259  3.431   1.00 20.11 ? 11  GLY A O   1 
ATOM   87   N  N   . ARG A 1 15 ? -9.676  23.088  1.502   1.00 15.90 ? 12  ARG A N   1 
ATOM   88   C  CA  . ARG A 1 15 ? -9.821  21.866  0.738   1.00 14.74 ? 12  ARG A CA  1 
ATOM   89   C  C   . ARG A 1 15 ? -8.718  20.807  0.783   1.00 14.33 ? 12  ARG A C   1 
ATOM   90   O  O   . ARG A 1 15 ? -8.974  19.624  0.424   1.00 13.18 ? 12  ARG A O   1 
ATOM   91   C  CB  . ARG A 1 15 ? -10.140 22.196  -0.718  1.00 15.05 ? 12  ARG A CB  1 
ATOM   92   C  CG  . ARG A 1 15 ? -11.473 23.007  -0.818  1.00 15.64 ? 12  ARG A CG  1 
ATOM   93   C  CD  . ARG A 1 15 ? -11.995 23.236  -2.232  1.00 16.98 ? 12  ARG A CD  1 
ATOM   94   N  NE  . ARG A 1 15 ? -10.887 23.226  -3.175  1.00 25.60 ? 12  ARG A NE  1 
ATOM   95   C  CZ  . ARG A 1 15 ? -10.531 24.238  -3.959  1.00 31.35 ? 12  ARG A CZ  1 
ATOM   96   N  NH1 . ARG A 1 15 ? -11.237 25.398  -3.990  1.00 32.15 ? 12  ARG A NH1 1 
ATOM   97   N  NH2 . ARG A 1 15 ? -9.457  24.071  -4.735  1.00 31.05 ? 12  ARG A NH2 1 
ATOM   98   N  N   . ALA A 1 16 ? -7.534  21.209  1.238   1.00 12.96 ? 13  ALA A N   1 
ATOM   99   C  CA  . ALA A 1 16 ? -6.347  20.382  1.270   1.00 13.16 ? 13  ALA A CA  1 
ATOM   100  C  C   . ALA A 1 16 ? -5.705  20.518  2.646   1.00 13.39 ? 13  ALA A C   1 
ATOM   101  O  O   . ALA A 1 16 ? -5.630  21.660  3.179   1.00 13.00 ? 13  ALA A O   1 
ATOM   102  C  CB  . ALA A 1 16 ? -5.361  20.837  0.206   1.00 13.78 ? 13  ALA A CB  1 
ATOM   103  N  N   . ARG A 1 17 ? -5.356  19.378  3.270   1.00 10.41 ? 14  ARG A N   1 
ATOM   104  C  CA  . ARG A 1 17 ? -4.593  19.353  4.503   1.00 10.48 ? 14  ARG A CA  1 
ATOM   105  C  C   . ARG A 1 17 ? -3.292  18.519  4.317   1.00 9.37  ? 14  ARG A C   1 
ATOM   106  O  O   . ARG A 1 17 ? -3.324  17.428  3.709   1.00 10.51 ? 14  ARG A O   1 
ATOM   107  C  CB  . ARG A 1 17 ? -5.426  18.818  5.695   1.00 10.84 ? 14  ARG A CB  1 
ATOM   108  C  CG  . ARG A 1 17 ? -4.607  18.943  6.928   1.00 12.83 ? 14  ARG A CG  1 
ATOM   109  C  CD  . ARG A 1 17 ? -5.304  18.741  8.210   1.00 14.92 ? 14  ARG A CD  1 
ATOM   110  N  NE  . ARG A 1 17 ? -6.407  19.639  8.499   1.00 12.57 ? 14  ARG A NE  1 
ATOM   111  C  CZ  . ARG A 1 17 ? -6.323  20.748  9.234   1.00 13.03 ? 14  ARG A CZ  1 
ATOM   112  N  NH1 . ARG A 1 17 ? -5.175  21.212  9.723   1.00 11.28 ? 14  ARG A NH1 1 
ATOM   113  N  NH2 . ARG A 1 17 ? -7.419  21.407  9.483   1.00 12.64 ? 14  ARG A NH2 1 
ATOM   114  N  N   . THR A 1 18 ? -2.161  19.031  4.805   1.00 8.37  ? 15  THR A N   1 
ATOM   115  C  CA  . THR A 1 18 ? -0.851  18.258  4.871   1.00 7.96  ? 15  THR A CA  1 
ATOM   116  C  C   . THR A 1 18 ? -0.542  17.940  6.315   1.00 8.11  ? 15  THR A C   1 
ATOM   117  O  O   . THR A 1 18 ? -0.492  18.796  7.161   1.00 10.50 ? 15  THR A O   1 
ATOM   118  C  CB  . THR A 1 18 ? 0.274   18.992  4.102   1.00 7.90  ? 15  THR A CB  1 
ATOM   119  O  OG1 . THR A 1 18 ? -0.195  19.207  2.784   1.00 4.65  ? 15  THR A OG1 1 
ATOM   120  C  CG2 . THR A 1 18 ? 1.619   18.196  3.985   1.00 7.59  ? 15  THR A CG2 1 
ATOM   121  N  N   . TYR A 1 19 ? -0.548  16.657  6.646   1.00 10.38 ? 16  TYR A N   1 
ATOM   122  C  CA  . TYR A 1 19 ? -0.034  16.187  7.923   1.00 10.40 ? 16  TYR A CA  1 
ATOM   123  C  C   . TYR A 1 19 ? 1.474   15.938  7.827   1.00 11.14 ? 16  TYR A C   1 
ATOM   124  O  O   . TYR A 1 19 ? 1.904   15.229  6.943   1.00 11.38 ? 16  TYR A O   1 
ATOM   125  C  CB  . TYR A 1 19 ? -0.718  14.894  8.331   1.00 11.07 ? 16  TYR A CB  1 
ATOM   126  C  CG  . TYR A 1 19 ? -2.144  15.091  8.751   1.00 9.20  ? 16  TYR A CG  1 
ATOM   127  C  CD1 . TYR A 1 19 ? -3.173  15.006  7.837   1.00 9.03  ? 16  TYR A CD1 1 
ATOM   128  C  CD2 . TYR A 1 19 ? -2.455  15.318  10.095  1.00 6.64  ? 16  TYR A CD2 1 
ATOM   129  C  CE1 . TYR A 1 19 ? -4.498  15.213  8.259   1.00 7.20  ? 16  TYR A CE1 1 
ATOM   130  C  CE2 . TYR A 1 19 ? -3.748  15.595  10.505  1.00 4.79  ? 16  TYR A CE2 1 
ATOM   131  C  CZ  . TYR A 1 19 ? -4.770  15.492  9.593   1.00 2.36  ? 16  TYR A CZ  1 
ATOM   132  O  OH  . TYR A 1 19 ? -6.061  15.707  10.031  1.00 3.19  ? 16  TYR A OH  1 
ATOM   133  N  N   . ARG A 1 20 ? 2.257   16.471  8.778   1.00 11.55 ? 17  ARG A N   1 
ATOM   134  C  CA  . ARG A 1 20 ? 3.722   16.285  8.809   1.00 12.14 ? 17  ARG A CA  1 
ATOM   135  C  C   . ARG A 1 20 ? 4.039   15.377  9.974   1.00 12.67 ? 17  ARG A C   1 
ATOM   136  O  O   . ARG A 1 20 ? 3.769   15.725  11.123  1.00 12.16 ? 17  ARG A O   1 
ATOM   137  C  CB  . ARG A 1 20 ? 4.398   17.632  9.034   1.00 15.27 ? 17  ARG A CB  1 
ATOM   138  C  CG  . ARG A 1 20 ? 5.904   17.647  8.945   1.00 20.95 ? 17  ARG A CG  1 
ATOM   139  C  CD  . ARG A 1 20 ? 6.435   19.047  9.113   1.00 27.34 ? 17  ARG A CD  1 
ATOM   140  N  NE  . ARG A 1 20 ? 6.318   19.814  7.869   1.00 33.23 ? 17  ARG A NE  1 
ATOM   141  C  CZ  . ARG A 1 20 ? 6.644   21.105  7.746   1.00 39.52 ? 17  ARG A CZ  1 
ATOM   142  N  NH1 . ARG A 1 20 ? 6.514   21.730  6.571   1.00 40.38 ? 17  ARG A NH1 1 
ATOM   143  N  NH2 . ARG A 1 20 ? 7.099   21.791  8.800   1.00 42.44 ? 17  ARG A NH2 1 
ATOM   144  N  N   . VAL A 1 21 ? 4.530   14.166  9.660   1.00 11.59 ? 18  VAL A N   1 
ATOM   145  C  CA  . VAL A 1 21 ? 4.849   13.146  10.627  1.00 12.32 ? 18  VAL A CA  1 
ATOM   146  C  C   . VAL A 1 21 ? 6.361   13.113  10.772  1.00 12.18 ? 18  VAL A C   1 
ATOM   147  O  O   . VAL A 1 21 ? 7.102   12.982  9.778   1.00 13.17 ? 18  VAL A O   1 
ATOM   148  C  CB  . VAL A 1 21 ? 4.370   11.776  10.187  1.00 10.40 ? 18  VAL A CB  1 
ATOM   149  C  CG1 . VAL A 1 21 ? 4.606   10.714  11.361  1.00 12.88 ? 18  VAL A CG1 1 
ATOM   150  C  CG2 . VAL A 1 21 ? 2.916   11.804  9.851   1.00 13.77 ? 18  VAL A CG2 1 
ATOM   151  N  N   . GLU A 1 22 ? 6.789   13.265  12.015  1.00 13.43 ? 19  GLU A N   1 
ATOM   152  C  CA  . GLU A 1 22 ? 8.192   13.350  12.414  1.00 14.47 ? 19  GLU A CA  1 
ATOM   153  C  C   . GLU A 1 22 ? 8.480   12.365  13.508  1.00 15.63 ? 19  GLU A C   1 
ATOM   154  O  O   . GLU A 1 22 ? 7.695   12.236  14.448  1.00 16.65 ? 19  GLU A O   1 
ATOM   155  C  CB  . GLU A 1 22 ? 8.506   14.740  12.987  1.00 15.43 ? 19  GLU A CB  1 
ATOM   156  C  CG  . GLU A 1 22 ? 8.276   15.806  11.945  1.00 19.09 ? 19  GLU A CG  1 
ATOM   157  C  CD  . GLU A 1 22 ? 8.658   17.228  12.372  1.00 21.84 ? 19  GLU A CD  1 
ATOM   158  O  OE1 . GLU A 1 22 ? 7.789   18.117  12.187  1.00 20.22 ? 19  GLU A OE1 1 
ATOM   159  O  OE2 . GLU A 1 22 ? 9.817   17.437  12.836  1.00 20.30 ? 19  GLU A OE2 1 
ATOM   160  N  N   . GLY A 1 23 ? 9.624   11.680  13.403  1.00 15.95 ? 20  GLY A N   1 
ATOM   161  C  CA  . GLY A 1 23 ? 10.128  10.850  14.505  1.00 15.24 ? 20  GLY A CA  1 
ATOM   162  C  C   . GLY A 1 23 ? 9.840   9.396   14.288  1.00 14.41 ? 20  GLY A C   1 
ATOM   163  O  O   . GLY A 1 23 ? 9.890   8.921   13.148  1.00 13.34 ? 20  GLY A O   1 
ATOM   164  N  N   . GLN A 1 24 ? 9.461   8.700   15.354  1.00 13.40 ? 21  GLN A N   1 
ATOM   165  C  CA  . GLN A 1 24 ? 9.541   7.226   15.321  1.00 14.64 ? 21  GLN A CA  1 
ATOM   166  C  C   . GLN A 1 24 ? 8.180   6.531   15.365  1.00 14.24 ? 21  GLN A C   1 
ATOM   167  O  O   . GLN A 1 24 ? 7.455   6.671   16.340  1.00 15.45 ? 21  GLN A O   1 
ATOM   168  C  CB  . GLN A 1 24 ? 10.364  6.751   16.524  1.00 13.85 ? 21  GLN A CB  1 
ATOM   169  C  CG  . GLN A 1 24 ? 11.678  7.495   16.820  1.00 14.02 ? 21  GLN A CG  1 
ATOM   170  C  CD  . GLN A 1 24 ? 12.570  7.708   15.613  1.00 11.43 ? 21  GLN A CD  1 
ATOM   171  O  OE1 . GLN A 1 24 ? 12.644  6.894   14.712  1.00 8.14  ? 21  GLN A OE1 1 
ATOM   172  N  NE2 . GLN A 1 24 ? 13.225  8.839   15.594  1.00 10.64 ? 21  GLN A NE2 1 
ATOM   173  N  N   . LEU A 1 25 ? 7.829   5.827   14.305  1.00 14.69 ? 22  LEU A N   1 
ATOM   174  C  CA  . LEU A 1 25 ? 6.579   5.137   14.219  1.00 15.97 ? 22  LEU A CA  1 
ATOM   175  C  C   . LEU A 1 25 ? 6.806   3.655   14.428  1.00 15.22 ? 22  LEU A C   1 
ATOM   176  O  O   . LEU A 1 25 ? 7.456   2.983   13.608  1.00 16.12 ? 22  LEU A O   1 
ATOM   177  C  CB  . LEU A 1 25 ? 5.946   5.307   12.844  1.00 17.43 ? 22  LEU A CB  1 
ATOM   178  C  CG  . LEU A 1 25 ? 5.607   6.734   12.413  1.00 21.11 ? 22  LEU A CG  1 
ATOM   179  C  CD1 . LEU A 1 25 ? 5.140   6.831   10.908  1.00 22.57 ? 22  LEU A CD1 1 
ATOM   180  C  CD2 . LEU A 1 25 ? 4.560   7.270   13.332  1.00 25.76 ? 22  LEU A CD2 1 
ATOM   181  N  N   . PHE A 1 26 ? 6.210   3.155   15.487  1.00 15.62 ? 23  PHE A N   1 
ATOM   182  C  CA  . PHE A 1 26 ? 6.350   1.719   15.878  1.00 16.53 ? 23  PHE A CA  1 
ATOM   183  C  C   . PHE A 1 26 ? 5.120   1.383   16.686  1.00 16.55 ? 23  PHE A C   1 
ATOM   184  O  O   . PHE A 1 26 ? 4.375   2.275   16.997  1.00 16.36 ? 23  PHE A O   1 
ATOM   185  C  CB  . PHE A 1 26 ? 7.615   1.550   16.706  1.00 15.11 ? 23  PHE A CB  1 
ATOM   186  C  CG  . PHE A 1 26 ? 7.530   2.129   18.091  1.00 16.87 ? 23  PHE A CG  1 
ATOM   187  C  CD1 . PHE A 1 26 ? 7.427   1.298   19.192  1.00 15.19 ? 23  PHE A CD1 1 
ATOM   188  C  CD2 . PHE A 1 26 ? 7.568   3.503   18.312  1.00 17.65 ? 23  PHE A CD2 1 
ATOM   189  C  CE1 . PHE A 1 26 ? 7.393   1.790   20.467  1.00 16.41 ? 23  PHE A CE1 1 
ATOM   190  C  CE2 . PHE A 1 26 ? 7.507   4.003   19.622  1.00 14.98 ? 23  PHE A CE2 1 
ATOM   191  C  CZ  . PHE A 1 26 ? 7.429   3.145   20.687  1.00 19.02 ? 23  PHE A CZ  1 
ATOM   192  N  N   . TYR A 1 27 ? 4.928   0.124   17.088  1.00 17.54 ? 24  TYR A N   1 
ATOM   193  C  CA  . TYR A 1 27 ? 3.658   -0.267  17.660  1.00 18.89 ? 24  TYR A CA  1 
ATOM   194  C  C   . TYR A 1 27 ? 3.237   0.657   18.775  1.00 17.84 ? 24  TYR A C   1 
ATOM   195  O  O   . TYR A 1 27 ? 2.055   0.952   18.955  1.00 19.85 ? 24  TYR A O   1 
ATOM   196  C  CB  . TYR A 1 27 ? 3.688   -1.746  18.151  1.00 20.39 ? 24  TYR A CB  1 
ATOM   197  C  CG  . TYR A 1 27 ? 4.529   -1.939  19.377  1.00 24.52 ? 24  TYR A CG  1 
ATOM   198  C  CD1 . TYR A 1 27 ? 3.951   -1.860  20.654  1.00 29.65 ? 24  TYR A CD1 1 
ATOM   199  C  CD2 . TYR A 1 27 ? 5.923   -2.187  19.276  1.00 27.85 ? 24  TYR A CD2 1 
ATOM   200  C  CE1 . TYR A 1 27 ? 4.723   -2.016  21.799  1.00 30.42 ? 24  TYR A CE1 1 
ATOM   201  C  CE2 . TYR A 1 27 ? 6.698   -2.355  20.409  1.00 29.34 ? 24  TYR A CE2 1 
ATOM   202  C  CZ  . TYR A 1 27 ? 6.080   -2.283  21.663  1.00 31.95 ? 24  TYR A CZ  1 
ATOM   203  O  OH  . TYR A 1 27 ? 6.824   -2.445  22.795  1.00 36.94 ? 24  TYR A OH  1 
ATOM   204  N  N   . GLY A 1 28 ? 4.198   1.133   19.526  1.00 16.04 ? 25  GLY A N   1 
ATOM   205  C  CA  . GLY A 1 28 ? 3.930   1.919   20.696  1.00 15.41 ? 25  GLY A CA  1 
ATOM   206  C  C   . GLY A 1 28 ? 3.546   3.356   20.410  1.00 15.02 ? 25  GLY A C   1 
ATOM   207  O  O   . GLY A 1 28 ? 3.306   4.095   21.328  1.00 14.27 ? 25  GLY A O   1 
ATOM   208  N  N   . SER A 1 29 ? 3.622   3.792   19.150  1.00 15.11 ? 26  SER A N   1 
ATOM   209  C  CA  . SER A 1 29 ? 3.185   5.135   18.852  1.00 15.09 ? 26  SER A CA  1 
ATOM   210  C  C   . SER A 1 29 ? 1.957   5.142   17.954  1.00 13.97 ? 26  SER A C   1 
ATOM   211  O  O   . SER A 1 29 ? 1.513   6.197   17.600  1.00 15.90 ? 26  SER A O   1 
ATOM   212  C  CB  . SER A 1 29 ? 4.344   6.008   18.277  1.00 13.63 ? 26  SER A CB  1 
ATOM   213  O  OG  . SER A 1 29 ? 4.919   5.508   17.091  1.00 13.71 ? 26  SER A OG  1 
ATOM   214  N  N   . VAL A 1 30 ? 1.484   3.975   17.548  1.00 13.95 ? 27  VAL A N   1 
ATOM   215  C  CA  . VAL A 1 30 ? 0.418   3.831   16.520  1.00 14.78 ? 27  VAL A CA  1 
ATOM   216  C  C   . VAL A 1 30 ? -0.922  4.488   16.975  1.00 14.83 ? 27  VAL A C   1 
ATOM   217  O  O   . VAL A 1 30 ? -1.628  5.127   16.216  1.00 13.34 ? 27  VAL A O   1 
ATOM   218  C  CB  . VAL A 1 30 ? 0.261   2.343   16.235  1.00 14.95 ? 27  VAL A CB  1 
ATOM   219  C  CG1 . VAL A 1 30 ? -1.112  1.955   15.786  1.00 17.10 ? 27  VAL A CG1 1 
ATOM   220  C  CG2 . VAL A 1 30 ? 1.277   1.887   15.281  1.00 17.00 ? 27  VAL A CG2 1 
ATOM   221  N  N   . GLU A 1 31 ? -1.188  4.393   18.258  1.00 14.17 ? 28  GLU A N   1 
ATOM   222  C  CA  . GLU A 1 31 ? -2.418  4.894   18.811  1.00 15.86 ? 28  GLU A CA  1 
ATOM   223  C  C   . GLU A 1 31 ? -2.458  6.399   18.784  1.00 15.35 ? 28  GLU A C   1 
ATOM   224  O  O   . GLU A 1 31 ? -3.410  6.957   18.308  1.00 13.21 ? 28  GLU A O   1 
ATOM   225  C  CB  . GLU A 1 31 ? -2.489  4.351   20.218  1.00 15.74 ? 28  GLU A CB  1 
ATOM   226  C  CG  . GLU A 1 31 ? -3.824  4.379   20.771  1.00 22.88 ? 28  GLU A CG  1 
ATOM   227  C  CD  . GLU A 1 31 ? -3.757  4.128   22.258  1.00 26.91 ? 28  GLU A CD  1 
ATOM   228  O  OE1 . GLU A 1 31 ? -4.265  4.996   23.006  1.00 29.20 ? 28  GLU A OE1 1 
ATOM   229  O  OE2 . GLU A 1 31 ? -3.127  3.093   22.637  1.00 30.09 ? 28  GLU A OE2 1 
ATOM   230  N  N   . ASP A 1 32 ? -1.362  7.050   19.187  1.00 14.35 ? 29  ASP A N   1 
ATOM   231  C  CA  . ASP A 1 32 ? -1.264  8.474   19.065  1.00 15.92 ? 29  ASP A CA  1 
ATOM   232  C  C   . ASP A 1 32 ? -1.186  8.839   17.643  1.00 13.65 ? 29  ASP A C   1 
ATOM   233  O  O   . ASP A 1 32 ? -1.618  9.913   17.296  1.00 14.19 ? 29  ASP A O   1 
ATOM   234  C  CB  . ASP A 1 32 ? -0.005  9.072   19.705  1.00 16.26 ? 29  ASP A CB  1 
ATOM   235  C  CG  . ASP A 1 32 ? 0.000   8.949   21.206  1.00 22.21 ? 29  ASP A CG  1 
ATOM   236  O  OD1 . ASP A 1 32 ? -1.107  8.994   21.804  1.00 29.44 ? 29  ASP A OD1 1 
ATOM   237  O  OD2 . ASP A 1 32 ? 1.093   8.773   21.772  1.00 26.31 ? 29  ASP A OD2 1 
ATOM   238  N  N   . PHE A 1 33 ? -0.574  8.002   16.813  1.00 12.51 ? 30  PHE A N   1 
ATOM   239  C  CA  . PHE A 1 33 ? -0.478  8.359   15.401  1.00 10.93 ? 30  PHE A CA  1 
ATOM   240  C  C   . PHE A 1 33 ? -1.881  8.436   14.833  1.00 11.77 ? 30  PHE A C   1 
ATOM   241  O  O   . PHE A 1 33 ? -2.246  9.427   14.149  1.00 9.84  ? 30  PHE A O   1 
ATOM   242  C  CB  . PHE A 1 33 ? 0.411   7.346   14.658  1.00 11.01 ? 30  PHE A CB  1 
ATOM   243  C  CG  . PHE A 1 33 ? 0.324   7.365   13.149  1.00 9.82  ? 30  PHE A CG  1 
ATOM   244  C  CD1 . PHE A 1 33 ? 1.015   8.304   12.385  1.00 14.15 ? 30  PHE A CD1 1 
ATOM   245  C  CD2 . PHE A 1 33 ? -0.289  6.324   12.479  1.00 13.18 ? 30  PHE A CD2 1 
ATOM   246  C  CE1 . PHE A 1 33 ? 0.954   8.254   10.995  1.00 12.04 ? 30  PHE A CE1 1 
ATOM   247  C  CE2 . PHE A 1 33 ? -0.378  6.303   11.091  1.00 13.94 ? 30  PHE A CE2 1 
ATOM   248  C  CZ  . PHE A 1 33 ? 0.239   7.252   10.354  1.00 14.44 ? 30  PHE A CZ  1 
HETATM 249  N  N   . MSE A 1 34 ? -2.663  7.401   15.079  1.00 10.00 ? 31  MSE A N   1 
HETATM 250  C  CA  . MSE A 1 34 ? -4.036  7.385   14.490  1.00 11.70 ? 31  MSE A CA  1 
HETATM 251  C  C   . MSE A 1 34 ? -4.908  8.522   15.070  1.00 10.98 ? 31  MSE A C   1 
HETATM 252  O  O   . MSE A 1 34 ? -5.643  9.185   14.328  1.00 10.29 ? 31  MSE A O   1 
HETATM 253  C  CB  . MSE A 1 34 ? -4.676  6.058   14.826  1.00 11.94 ? 31  MSE A CB  1 
HETATM 254  C  CG  . MSE A 1 34 ? -4.048  4.876   14.065  1.00 15.59 ? 31  MSE A CG  1 
HETATM 255  SE SE  . MSE A 1 34 ? -3.953  5.140   12.138  0.70 17.54 ? 31  MSE A SE  1 
HETATM 256  C  CE  . MSE A 1 34 ? -5.658  4.585   11.545  1.00 15.72 ? 31  MSE A CE  1 
ATOM   257  N  N   . ALA A 1 35 ? -4.697  8.823   16.345  1.00 10.21 ? 32  ALA A N   1 
ATOM   258  C  CA  . ALA A 1 35 ? -5.369  9.974   16.982  1.00 11.38 ? 32  ALA A CA  1 
ATOM   259  C  C   . ALA A 1 35 ? -4.995  11.334  16.416  1.00 13.48 ? 32  ALA A C   1 
ATOM   260  O  O   . ALA A 1 35 ? -5.701  12.300  16.615  1.00 13.35 ? 32  ALA A O   1 
ATOM   261  C  CB  . ALA A 1 35 ? -5.116  9.966   18.436  1.00 11.14 ? 32  ALA A CB  1 
ATOM   262  N  N   . ALA A 1 36 ? -3.888  11.442  15.698  1.00 14.64 ? 33  ALA A N   1 
ATOM   263  C  CA  . ALA A 1 36 ? -3.510  12.768  15.173  1.00 14.55 ? 33  ALA A CA  1 
ATOM   264  C  C   . ALA A 1 36 ? -4.362  13.259  13.972  1.00 14.82 ? 33  ALA A C   1 
ATOM   265  O  O   . ALA A 1 36 ? -4.452  14.477  13.718  1.00 15.53 ? 33  ALA A O   1 
ATOM   266  C  CB  . ALA A 1 36 ? -1.967  12.783  14.882  1.00 14.45 ? 33  ALA A CB  1 
ATOM   267  N  N   . PHE A 1 37 ? -5.056  12.353  13.286  1.00 13.65 ? 34  PHE A N   1 
ATOM   268  C  CA  . PHE A 1 37 ? -5.783  12.645  12.081  1.00 12.37 ? 34  PHE A CA  1 
ATOM   269  C  C   . PHE A 1 37 ? -7.247  12.896  12.428  1.00 13.14 ? 34  PHE A C   1 
ATOM   270  O  O   . PHE A 1 37 ? -7.809  12.183  13.294  1.00 13.17 ? 34  PHE A O   1 
ATOM   271  C  CB  . PHE A 1 37 ? -5.748  11.426  11.197  1.00 12.50 ? 34  PHE A CB  1 
ATOM   272  C  CG  . PHE A 1 37 ? -4.364  11.053  10.742  1.00 10.93 ? 34  PHE A CG  1 
ATOM   273  C  CD1 . PHE A 1 37 ? -3.677  11.864  9.857   1.00 6.87  ? 34  PHE A CD1 1 
ATOM   274  C  CD2 . PHE A 1 37 ? -3.744  9.926   11.216  1.00 14.32 ? 34  PHE A CD2 1 
ATOM   275  C  CE1 . PHE A 1 37 ? -2.412  11.555  9.442   1.00 6.62  ? 34  PHE A CE1 1 
ATOM   276  C  CE2 . PHE A 1 37 ? -2.467  9.561   10.765  1.00 12.00 ? 34  PHE A CE2 1 
ATOM   277  C  CZ  . PHE A 1 37 ? -1.784  10.402  9.903   1.00 13.31 ? 34  PHE A CZ  1 
ATOM   278  N  N   . ASP A 1 38 ? -7.827  13.883  11.772  1.00 11.67 ? 35  ASP A N   1 
ATOM   279  C  CA  . ASP A 1 38 ? -9.272  14.151  11.828  1.00 12.46 ? 35  ASP A CA  1 
ATOM   280  C  C   . ASP A 1 38 ? -9.920  13.584  10.562  1.00 11.31 ? 35  ASP A C   1 
ATOM   281  O  O   . ASP A 1 38 ? -10.029 14.209  9.492   1.00 9.65  ? 35  ASP A O   1 
ATOM   282  C  CB  . ASP A 1 38 ? -9.496  15.616  11.997  1.00 12.86 ? 35  ASP A CB  1 
ATOM   283  C  CG  . ASP A 1 38 ? -10.951 15.997  12.092  1.00 17.75 ? 35  ASP A CG  1 
ATOM   284  O  OD1 . ASP A 1 38 ? -11.838 15.097  12.196  1.00 23.32 ? 35  ASP A OD1 1 
ATOM   285  O  OD2 . ASP A 1 38 ? -11.172 17.237  12.033  1.00 19.82 ? 35  ASP A OD2 1 
ATOM   286  N  N   . PHE A 1 39 ? -10.296 12.329  10.713  1.00 12.05 ? 36  PHE A N   1 
ATOM   287  C  CA  . PHE A 1 39 ? -10.764 11.528  9.610   1.00 15.42 ? 36  PHE A CA  1 
ATOM   288  C  C   . PHE A 1 39 ? -12.017 12.032  8.929   1.00 17.20 ? 36  PHE A C   1 
ATOM   289  O  O   . PHE A 1 39 ? -12.147 11.908  7.672   1.00 19.81 ? 36  PHE A O   1 
ATOM   290  C  CB  . PHE A 1 39 ? -10.882 10.078  10.035  1.00 15.14 ? 36  PHE A CB  1 
ATOM   291  C  CG  . PHE A 1 39 ? -9.557  9.395   10.150  1.00 13.14 ? 36  PHE A CG  1 
ATOM   292  C  CD1 . PHE A 1 39 ? -8.698  9.367   9.054   1.00 14.00 ? 36  PHE A CD1 1 
ATOM   293  C  CD2 . PHE A 1 39 ? -9.158  8.800   11.311  1.00 15.01 ? 36  PHE A CD2 1 
ATOM   294  C  CE1 . PHE A 1 39 ? -7.510  8.785   9.121   1.00 11.15 ? 36  PHE A CE1 1 
ATOM   295  C  CE2 . PHE A 1 39 ? -7.947  8.162   11.407  1.00 15.69 ? 36  PHE A CE2 1 
ATOM   296  C  CZ  . PHE A 1 39 ? -7.100  8.147   10.297  1.00 15.95 ? 36  PHE A CZ  1 
ATOM   297  N  N   . ARG A 1 40 ? -12.881 12.710  9.667   1.00 17.65 ? 37  ARG A N   1 
ATOM   298  C  CA  . ARG A 1 40 ? -14.133 13.093  9.051   1.00 19.09 ? 37  ARG A CA  1 
ATOM   299  C  C   . ARG A 1 40 ? -14.172 14.569  8.730   1.00 19.78 ? 37  ARG A C   1 
ATOM   300  O  O   . ARG A 1 40 ? -15.231 15.096  8.483   1.00 18.91 ? 37  ARG A O   1 
ATOM   301  C  CB  . ARG A 1 40 ? -15.284 12.683  9.941   1.00 19.45 ? 37  ARG A CB  1 
ATOM   302  C  CG  . ARG A 1 40 ? -15.337 11.119  10.238  1.00 22.76 ? 37  ARG A CG  1 
ATOM   303  C  CD  . ARG A 1 40 ? -16.107 10.786  11.541  1.00 27.51 ? 37  ARG A CD  1 
ATOM   304  N  NE  . ARG A 1 40 ? -15.607 11.689  12.594  1.00 31.65 ? 37  ARG A NE  1 
ATOM   305  C  CZ  . ARG A 1 40 ? -15.753 11.546  13.906  1.00 34.54 ? 37  ARG A CZ  1 
ATOM   306  N  NH1 . ARG A 1 40 ? -16.377 10.487  14.444  1.00 35.38 ? 37  ARG A NH1 1 
ATOM   307  N  NH2 . ARG A 1 40 ? -15.238 12.495  14.688  1.00 34.67 ? 37  ARG A NH2 1 
ATOM   308  N  N   . GLU A 1 41 ? -13.038 15.230  8.733   1.00 17.82 ? 38  GLU A N   1 
ATOM   309  C  CA  . GLU A 1 41 ? -12.970 16.572  8.270   1.00 17.57 ? 38  GLU A CA  1 
ATOM   310  C  C   . GLU A 1 41 ? -13.190 16.546  6.794   1.00 17.88 ? 38  GLU A C   1 
ATOM   311  O  O   . GLU A 1 41 ? -12.635 15.757  6.111   1.00 18.70 ? 38  GLU A O   1 
ATOM   312  C  CB  . GLU A 1 41 ? -11.635 17.200  8.603   1.00 17.66 ? 38  GLU A CB  1 
ATOM   313  C  CG  . GLU A 1 41 ? -11.396 18.529  7.932   1.00 14.90 ? 38  GLU A CG  1 
ATOM   314  C  CD  . GLU A 1 41 ? -10.048 19.129  8.181   1.00 12.65 ? 38  GLU A CD  1 
ATOM   315  O  OE1 . GLU A 1 41 ? -9.136  18.469  8.622   1.00 12.59 ? 38  GLU A OE1 1 
ATOM   316  O  OE2 . GLU A 1 41 ? -9.900  20.284  7.902   1.00 13.28 ? 38  GLU A OE2 1 
ATOM   317  N  N   . PRO A 1 42 ? -14.011 17.424  6.288   1.00 15.96 ? 39  PRO A N   1 
ATOM   318  C  CA  . PRO A 1 42 ? -14.300 17.388  4.880   1.00 16.40 ? 39  PRO A CA  1 
ATOM   319  C  C   . PRO A 1 42 ? -13.133 17.946  4.112   1.00 16.24 ? 39  PRO A C   1 
ATOM   320  O  O   . PRO A 1 42 ? -12.760 19.055  4.322   1.00 14.42 ? 39  PRO A O   1 
ATOM   321  C  CB  . PRO A 1 42 ? -15.515 18.278  4.774   1.00 17.53 ? 39  PRO A CB  1 
ATOM   322  C  CG  . PRO A 1 42 ? -15.414 19.169  5.890   1.00 14.90 ? 39  PRO A CG  1 
ATOM   323  C  CD  . PRO A 1 42 ? -14.881 18.374  6.974   1.00 18.28 ? 39  PRO A CD  1 
ATOM   324  N  N   . LEU A 1 43 ? -12.550 17.143  3.245   1.00 15.41 ? 40  LEU A N   1 
ATOM   325  C  CA  . LEU A 1 43 ? -11.443 17.590  2.482   1.00 14.43 ? 40  LEU A CA  1 
ATOM   326  C  C   . LEU A 1 43 ? -11.473 16.972  1.147   1.00 13.99 ? 40  LEU A C   1 
ATOM   327  O  O   . LEU A 1 43 ? -11.803 15.843  0.981   1.00 14.33 ? 40  LEU A O   1 
ATOM   328  C  CB  . LEU A 1 43 ? -10.135 17.205  3.160   1.00 14.53 ? 40  LEU A CB  1 
ATOM   329  C  CG  . LEU A 1 43 ? -9.760  17.738  4.529   1.00 13.58 ? 40  LEU A CG  1 
ATOM   330  C  CD1 . LEU A 1 43 ? -8.649  16.935  5.122   1.00 9.78  ? 40  LEU A CD1 1 
ATOM   331  C  CD2 . LEU A 1 43 ? -9.381  19.137  4.479   1.00 5.90  ? 40  LEU A CD2 1 
ATOM   332  N  N   . GLU A 1 44 ? -11.067 17.719  0.175   1.00 11.72 ? 41  GLU A N   1 
ATOM   333  C  CA  . GLU A 1 44 ? -10.794 17.124  -1.137  1.00 12.26 ? 41  GLU A CA  1 
ATOM   334  C  C   . GLU A 1 44 ? -9.456  16.339  -1.264  1.00 12.04 ? 41  GLU A C   1 
ATOM   335  O  O   . GLU A 1 44 ? -9.341  15.363  -2.015  1.00 12.99 ? 41  GLU A O   1 
ATOM   336  C  CB  . GLU A 1 44 ? -10.784 18.254  -2.181  1.00 11.03 ? 41  GLU A CB  1 
ATOM   337  C  CG  . GLU A 1 44 ? -12.096 18.933  -2.362  1.00 14.93 ? 41  GLU A CG  1 
ATOM   338  C  CD  . GLU A 1 44 ? -12.064 19.909  -3.548  1.00 17.15 ? 41  GLU A CD  1 
ATOM   339  O  OE1 . GLU A 1 44 ? -10.938 20.327  -3.980  1.00 18.56 ? 41  GLU A OE1 1 
ATOM   340  O  OE2 . GLU A 1 44 ? -13.172 20.212  -4.061  1.00 20.56 ? 41  GLU A OE2 1 
ATOM   341  N  N   . ARG A 1 45 ? -8.427  16.807  -0.570  1.00 13.78 ? 42  ARG A N   1 
ATOM   342  C  CA  . ARG A 1 45 ? -7.046  16.255  -0.669  1.00 13.95 ? 42  ARG A CA  1 
ATOM   343  C  C   . ARG A 1 45 ? -6.444  16.229  0.671   1.00 12.61 ? 42  ARG A C   1 
ATOM   344  O  O   . ARG A 1 45 ? -6.484  17.251  1.394   1.00 11.59 ? 42  ARG A O   1 
ATOM   345  C  CB  . ARG A 1 45 ? -6.151  17.199  -1.443  1.00 15.70 ? 42  ARG A CB  1 
ATOM   346  C  CG  . ARG A 1 45 ? -6.208  17.082  -2.899  1.00 22.08 ? 42  ARG A CG  1 
ATOM   347  C  CD  . ARG A 1 45 ? -5.592  18.313  -3.572  1.00 29.93 ? 42  ARG A CD  1 
ATOM   348  N  NE  . ARG A 1 45 ? -6.014  18.402  -4.982  1.00 36.06 ? 42  ARG A NE  1 
ATOM   349  C  CZ  . ARG A 1 45 ? -5.658  19.379  -5.832  1.00 40.91 ? 42  ARG A CZ  1 
ATOM   350  N  NH1 . ARG A 1 45 ? -4.864  20.387  -5.442  1.00 41.71 ? 42  ARG A NH1 1 
ATOM   351  N  NH2 . ARG A 1 45 ? -6.092  19.353  -7.095  1.00 42.59 ? 42  ARG A NH2 1 
ATOM   352  N  N   . VAL A 1 46 ? -5.831  15.090  0.994   1.00 12.03 ? 43  VAL A N   1 
ATOM   353  C  CA  . VAL A 1 46 ? -4.969  14.907  2.155   1.00 11.36 ? 43  VAL A CA  1 
ATOM   354  C  C   . VAL A 1 46 ? -3.546  14.434  1.758   1.00 11.39 ? 43  VAL A C   1 
ATOM   355  O  O   . VAL A 1 46 ? -3.442  13.510  0.971   1.00 9.05  ? 43  VAL A O   1 
ATOM   356  C  CB  . VAL A 1 46 ? -5.607  13.896  3.146   1.00 11.28 ? 43  VAL A CB  1 
ATOM   357  C  CG1 . VAL A 1 46 ? -4.804  13.908  4.418   1.00 11.58 ? 43  VAL A CG1 1 
ATOM   358  C  CG2 . VAL A 1 46 ? -7.055  14.312  3.441   1.00 14.55 ? 43  VAL A CG2 1 
ATOM   359  N  N   . THR A 1 47 ? -2.470  15.052  2.326   1.00 11.10 ? 44  THR A N   1 
ATOM   360  C  CA  . THR A 1 47 ? -1.141  14.551  2.221   1.00 10.66 ? 44  THR A CA  1 
ATOM   361  C  C   . THR A 1 47 ? -0.660  14.140  3.550   1.00 10.86 ? 44  THR A C   1 
ATOM   362  O  O   . THR A 1 47 ? -0.794  14.886  4.517   1.00 11.71 ? 44  THR A O   1 
ATOM   363  C  CB  . THR A 1 47 ? -0.204  15.607  1.606   1.00 13.66 ? 44  THR A CB  1 
ATOM   364  O  OG1 . THR A 1 47 ? -0.718  15.915  0.319   1.00 12.25 ? 44  THR A OG1 1 
ATOM   365  C  CG2 . THR A 1 47 ? 1.224   15.068  1.426   1.00 13.59 ? 44  THR A CG2 1 
ATOM   366  N  N   . ILE A 1 48 ? -0.185  12.898  3.649   1.00 11.41 ? 45  ILE A N   1 
ATOM   367  C  CA  . ILE A 1 48 ? 0.524   12.414  4.822   1.00 10.98 ? 45  ILE A CA  1 
ATOM   368  C  C   . ILE A 1 48 ? 2.004   12.374  4.460   1.00 12.58 ? 45  ILE A C   1 
ATOM   369  O  O   . ILE A 1 48 ? 2.409   11.537  3.659   1.00 11.21 ? 45  ILE A O   1 
ATOM   370  C  CB  . ILE A 1 48 ? -0.050  11.053  5.239   1.00 10.74 ? 45  ILE A CB  1 
ATOM   371  C  CG1 . ILE A 1 48 ? -1.590  11.175  5.397   1.00 9.39  ? 45  ILE A CG1 1 
ATOM   372  C  CG2 . ILE A 1 48 ? 0.544   10.521  6.541   1.00 9.31  ? 45  ILE A CG2 1 
ATOM   373  C  CD1 . ILE A 1 48 ? -2.200  9.824   5.702   1.00 11.80 ? 45  ILE A CD1 1 
ATOM   374  N  N   . ASP A 1 49 ? 2.773   13.273  5.020   1.00 11.99 ? 46  ASP A N   1 
ATOM   375  C  CA  . ASP A 1 49 ? 4.187   13.361  4.762   1.00 12.19 ? 46  ASP A CA  1 
ATOM   376  C  C   . ASP A 1 49 ? 4.963   12.687  5.872   1.00 10.99 ? 46  ASP A C   1 
ATOM   377  O  O   . ASP A 1 49 ? 5.048   13.180  6.950   1.00 8.48  ? 46  ASP A O   1 
ATOM   378  C  CB  . ASP A 1 49 ? 4.566   14.823  4.598   1.00 12.74 ? 46  ASP A CB  1 
ATOM   379  C  CG  . ASP A 1 49 ? 6.036   15.051  4.349   1.00 14.08 ? 46  ASP A CG  1 
ATOM   380  O  OD1 . ASP A 1 49 ? 6.848   14.179  4.469   1.00 15.40 ? 46  ASP A OD1 1 
ATOM   381  O  OD2 . ASP A 1 49 ? 6.390   16.147  4.035   1.00 13.66 ? 46  ASP A OD2 1 
ATOM   382  N  N   . VAL A 1 50 ? 5.509   11.531  5.576   1.00 9.73  ? 47  VAL A N   1 
ATOM   383  C  CA  . VAL A 1 50 ? 6.284   10.776  6.544   1.00 10.20 ? 47  VAL A CA  1 
ATOM   384  C  C   . VAL A 1 50 ? 7.839   10.895  6.310   1.00 10.95 ? 47  VAL A C   1 
ATOM   385  O  O   . VAL A 1 50 ? 8.605   10.108  6.921   1.00 11.23 ? 47  VAL A O   1 
ATOM   386  C  CB  . VAL A 1 50 ? 5.859   9.295   6.543   1.00 9.56  ? 47  VAL A CB  1 
ATOM   387  C  CG1 . VAL A 1 50 ? 4.430   9.167   7.064   1.00 8.70  ? 47  VAL A CG1 1 
ATOM   388  C  CG2 . VAL A 1 50 ? 5.961   8.673   5.126   1.00 9.23  ? 47  VAL A CG2 1 
ATOM   389  N  N   . SER A 1 51 ? 8.273   11.847  5.457   1.00 11.03 ? 48  SER A N   1 
ATOM   390  C  CA  . SER A 1 51 ? 9.689   12.035  5.099   1.00 13.02 ? 48  SER A CA  1 
ATOM   391  C  C   . SER A 1 51 ? 10.620  12.224  6.290   1.00 14.22 ? 48  SER A C   1 
ATOM   392  O  O   . SER A 1 51 ? 11.755  11.720  6.243   1.00 14.64 ? 48  SER A O   1 
ATOM   393  C  CB  . SER A 1 51 ? 9.908   13.123  4.031   1.00 13.14 ? 48  SER A CB  1 
ATOM   394  O  OG  . SER A 1 51 ? 9.409   14.392  4.443   1.00 16.20 ? 48  SER A OG  1 
ATOM   395  N  N   . ARG A 1 52 ? 10.112  12.787  7.403   1.00 13.69 ? 49  ARG A N   1 
ATOM   396  C  CA  . ARG A 1 52 ? 10.919  13.011  8.585   1.00 14.28 ? 49  ARG A CA  1 
ATOM   397  C  C   . ARG A 1 52 ? 10.732  11.940  9.641   1.00 13.73 ? 49  ARG A C   1 
ATOM   398  O  O   . ARG A 1 52 ? 10.967  12.191  10.822  1.00 13.45 ? 49  ARG A O   1 
ATOM   399  C  CB  . ARG A 1 52 ? 10.527  14.359  9.227   1.00 15.31 ? 49  ARG A CB  1 
ATOM   400  C  CG  . ARG A 1 52 ? 10.900  15.574  8.408   1.00 18.41 ? 49  ARG A CG  1 
ATOM   401  C  CD  . ARG A 1 52 ? 9.957   16.780  8.646   1.00 22.87 ? 49  ARG A CD  1 
ATOM   402  N  NE  . ARG A 1 52 ? 10.107  17.749  7.544   1.00 26.42 ? 49  ARG A NE  1 
ATOM   403  C  CZ  . ARG A 1 52 ? 9.313   17.825  6.466   1.00 25.58 ? 49  ARG A CZ  1 
ATOM   404  N  NH1 . ARG A 1 52 ? 8.287   17.013  6.312   1.00 25.85 ? 49  ARG A NH1 1 
ATOM   405  N  NH2 . ARG A 1 52 ? 9.551   18.719  5.524   1.00 25.47 ? 49  ARG A NH2 1 
ATOM   406  N  N   . ALA A 1 53 ? 10.238  10.764  9.263   1.00 12.72 ? 50  ALA A N   1 
ATOM   407  C  CA  . ALA A 1 53 ? 9.921   9.753   10.264  1.00 11.16 ? 50  ALA A CA  1 
ATOM   408  C  C   . ALA A 1 53 ? 10.545  8.423   9.827   1.00 9.84  ? 50  ALA A C   1 
ATOM   409  O  O   . ALA A 1 53 ? 10.997  8.295   8.701   1.00 7.02  ? 50  ALA A O   1 
ATOM   410  C  CB  . ALA A 1 53 ? 8.347   9.616   10.408  1.00 11.42 ? 50  ALA A CB  1 
ATOM   411  N  N   . HIS A 1 54 ? 10.592  7.467   10.726  1.00 10.44 ? 51  HIS A N   1 
ATOM   412  C  CA  . HIS A 1 54 ? 11.070  6.132   10.406  1.00 10.50 ? 51  HIS A CA  1 
ATOM   413  C  C   . HIS A 1 54 ? 9.969   5.209   10.806  1.00 11.63 ? 51  HIS A C   1 
ATOM   414  O  O   . HIS A 1 54 ? 9.406   5.324   11.916  1.00 11.38 ? 51  HIS A O   1 
ATOM   415  C  CB  . HIS A 1 54 ? 12.257  5.737   11.237  1.00 10.62 ? 51  HIS A CB  1 
ATOM   416  C  CG  . HIS A 1 54 ? 13.458  6.566   11.000  1.00 11.11 ? 51  HIS A CG  1 
ATOM   417  N  ND1 . HIS A 1 54 ? 14.065  6.662   9.764   1.00 11.66 ? 51  HIS A ND1 1 
ATOM   418  C  CD2 . HIS A 1 54 ? 14.140  7.381   11.830  1.00 12.59 ? 51  HIS A CD2 1 
ATOM   419  C  CE1 . HIS A 1 54 ? 15.078  7.513   9.852   1.00 11.75 ? 51  HIS A CE1 1 
ATOM   420  N  NE2 . HIS A 1 54 ? 15.156  7.938   11.102  1.00 13.68 ? 51  HIS A NE2 1 
ATOM   421  N  N   . ILE A 1 55 ? 9.641   4.310   9.897   1.00 13.22 ? 52  ILE A N   1 
ATOM   422  C  CA  . ILE A 1 55 ? 8.622   3.297   10.172  1.00 14.57 ? 52  ILE A CA  1 
ATOM   423  C  C   . ILE A 1 55 ? 9.445   2.051   10.579  1.00 14.87 ? 52  ILE A C   1 
ATOM   424  O  O   . ILE A 1 55 ? 10.264  1.590   9.829   1.00 15.53 ? 52  ILE A O   1 
ATOM   425  C  CB  . ILE A 1 55 ? 7.735   3.062   8.951   1.00 13.87 ? 52  ILE A CB  1 
ATOM   426  C  CG1 . ILE A 1 55 ? 6.913   4.364   8.641   1.00 14.97 ? 52  ILE A CG1 1 
ATOM   427  C  CG2 . ILE A 1 55 ? 6.860   1.928   9.218   1.00 17.76 ? 52  ILE A CG2 1 
ATOM   428  C  CD1 . ILE A 1 55 ? 6.103   4.245   7.386   1.00 18.33 ? 52  ILE A CD1 1 
ATOM   429  N  N   . TRP A 1 56 ? 9.213   1.585   11.793  1.00 15.66 ? 53  TRP A N   1 
ATOM   430  C  CA  . TRP A 1 56 ? 10.033  0.574   12.416  1.00 15.63 ? 53  TRP A CA  1 
ATOM   431  C  C   . TRP A 1 56 ? 9.388   -0.784  12.480  1.00 16.67 ? 53  TRP A C   1 
ATOM   432  O  O   . TRP A 1 56 ? 10.047  -1.731  12.883  1.00 16.68 ? 53  TRP A O   1 
ATOM   433  C  CB  . TRP A 1 56 ? 10.327  1.004   13.834  1.00 15.56 ? 53  TRP A CB  1 
ATOM   434  C  CG  . TRP A 1 56 ? 11.268  2.135   13.913  1.00 14.31 ? 53  TRP A CG  1 
ATOM   435  C  CD1 . TRP A 1 56 ? 11.028  3.339   14.438  1.00 17.84 ? 53  TRP A CD1 1 
ATOM   436  C  CD2 . TRP A 1 56 ? 12.611  2.134   13.463  1.00 16.37 ? 53  TRP A CD2 1 
ATOM   437  N  NE1 . TRP A 1 56 ? 12.147  4.132   14.337  1.00 16.00 ? 53  TRP A NE1 1 
ATOM   438  C  CE2 . TRP A 1 56 ? 13.148  3.373   13.782  1.00 15.85 ? 53  TRP A CE2 1 
ATOM   439  C  CE3 . TRP A 1 56 ? 13.437  1.156   12.851  1.00 14.72 ? 53  TRP A CE3 1 
ATOM   440  C  CZ2 . TRP A 1 56 ? 14.435  3.733   13.424  1.00 15.82 ? 53  TRP A CZ2 1 
ATOM   441  C  CZ3 . TRP A 1 56 ? 14.715  1.477   12.569  1.00 12.06 ? 53  TRP A CZ3 1 
ATOM   442  C  CH2 . TRP A 1 56 ? 15.211  2.758   12.834  1.00 16.73 ? 53  TRP A CH2 1 
ATOM   443  N  N   . ASP A 1 57 ? 8.094   -0.920  12.177  1.00 17.65 ? 54  ASP A N   1 
ATOM   444  C  CA  . ASP A 1 57 ? 7.508   -2.278  12.209  1.00 18.09 ? 54  ASP A CA  1 
ATOM   445  C  C   . ASP A 1 57 ? 6.301   -2.396  11.276  1.00 18.06 ? 54  ASP A C   1 
ATOM   446  O  O   . ASP A 1 57 ? 5.690   -1.397  10.895  1.00 15.82 ? 54  ASP A O   1 
ATOM   447  C  CB  . ASP A 1 57 ? 7.197   -2.728  13.683  1.00 18.37 ? 54  ASP A CB  1 
ATOM   448  C  CG  . ASP A 1 57 ? 6.322   -1.718  14.499  1.00 19.72 ? 54  ASP A CG  1 
ATOM   449  O  OD1 . ASP A 1 57 ? 5.475   -1.028  13.899  1.00 24.64 ? 54  ASP A OD1 1 
ATOM   450  O  OD2 . ASP A 1 57 ? 6.473   -1.618  15.753  1.00 15.97 ? 54  ASP A OD2 1 
ATOM   451  N  N   . ILE A 1 58 ? 5.930   -3.616  10.930  1.00 15.60 ? 55  ILE A N   1 
ATOM   452  C  CA  . ILE A 1 58 ? 4.787   -3.797  10.052  1.00 16.41 ? 55  ILE A CA  1 
ATOM   453  C  C   . ILE A 1 58 ? 3.415   -3.283  10.621  1.00 15.54 ? 55  ILE A C   1 
ATOM   454  O  O   . ILE A 1 58 ? 2.561   -2.900  9.843   1.00 12.62 ? 55  ILE A O   1 
ATOM   455  C  CB  . ILE A 1 58 ? 4.695   -5.248  9.548   1.00 17.16 ? 55  ILE A CB  1 
ATOM   456  C  CG1 . ILE A 1 58 ? 5.696   -5.433  8.422   1.00 20.34 ? 55  ILE A CG1 1 
ATOM   457  C  CG2 . ILE A 1 58 ? 3.300   -5.612  8.962   1.00 19.17 ? 55  ILE A CG2 1 
ATOM   458  C  CD1 . ILE A 1 58 ? 5.911   -6.944  8.077   1.00 26.05 ? 55  ILE A CD1 1 
ATOM   459  N  N   . SER A 1 59 ? 3.225   -3.321  11.944  1.00 14.92 ? 56  SER A N   1 
ATOM   460  C  CA  . SER A 1 59 ? 2.101   -2.655  12.600  1.00 15.79 ? 56  SER A CA  1 
ATOM   461  C  C   . SER A 1 59 ? 1.907   -1.239  12.135  1.00 14.28 ? 56  SER A C   1 
ATOM   462  O  O   . SER A 1 59 ? 0.773   -0.831  11.863  1.00 14.01 ? 56  SER A O   1 
ATOM   463  C  CB  . SER A 1 59 ? 2.332   -2.544  14.098  1.00 14.97 ? 56  SER A CB  1 
ATOM   464  O  OG  . SER A 1 59 ? 2.072   -3.766  14.723  1.00 21.21 ? 56  SER A OG  1 
ATOM   465  N  N   . SER A 1 60 ? 3.000   -0.485  12.141  1.00 14.35 ? 57  SER A N   1 
ATOM   466  C  CA  . SER A 1 60 ? 2.966   0.921   11.770  1.00 15.82 ? 57  SER A CA  1 
ATOM   467  C  C   . SER A 1 60 ? 2.725   1.152   10.337  1.00 14.76 ? 57  SER A C   1 
ATOM   468  O  O   . SER A 1 60 ? 2.043   2.120   10.007  1.00 14.16 ? 57  SER A O   1 
ATOM   469  C  CB  . SER A 1 60 ? 4.195   1.668   12.202  1.00 15.71 ? 57  SER A CB  1 
ATOM   470  O  OG  . SER A 1 60 ? 4.352   1.442   13.578  1.00 21.08 ? 57  SER A OG  1 
ATOM   471  N  N   . VAL A 1 61 ? 3.284   0.302   9.482   1.00 14.37 ? 58  VAL A N   1 
ATOM   472  C  CA  . VAL A 1 61 ? 2.949   0.346   8.071   1.00 13.73 ? 58  VAL A CA  1 
ATOM   473  C  C   . VAL A 1 61 ? 1.494   0.070   7.849   1.00 13.84 ? 58  VAL A C   1 
ATOM   474  O  O   . VAL A 1 61 ? 0.845   0.770   7.076   1.00 14.51 ? 58  VAL A O   1 
ATOM   475  C  CB  . VAL A 1 61 ? 3.747   -0.657  7.241   1.00 14.10 ? 58  VAL A CB  1 
ATOM   476  C  CG1 . VAL A 1 61 ? 3.329   -0.543  5.806   1.00 15.63 ? 58  VAL A CG1 1 
ATOM   477  C  CG2 . VAL A 1 61 ? 5.207   -0.238  7.274   1.00 15.18 ? 58  VAL A CG2 1 
ATOM   478  N  N   . GLN A 1 62 ? 0.978   -0.954  8.535   1.00 12.22 ? 59  GLN A N   1 
ATOM   479  C  CA  . GLN A 1 62 ? -0.401  -1.285  8.427   1.00 11.74 ? 59  GLN A CA  1 
ATOM   480  C  C   . GLN A 1 62 ? -1.299  -0.146  8.987   1.00 9.88  ? 59  GLN A C   1 
ATOM   481  O  O   . GLN A 1 62 ? -2.338  0.063   8.458   1.00 8.21  ? 59  GLN A O   1 
ATOM   482  C  CB  . GLN A 1 62 ? -0.695  -2.594  9.161   1.00 11.72 ? 59  GLN A CB  1 
ATOM   483  C  CG  . GLN A 1 62 ? -0.099  -3.817  8.527   1.00 12.56 ? 59  GLN A CG  1 
ATOM   484  C  CD  . GLN A 1 62 ? -0.365  -5.085  9.308   1.00 15.75 ? 59  GLN A CD  1 
ATOM   485  O  OE1 . GLN A 1 62 ? -0.544  -5.044  10.516  1.00 19.37 ? 59  GLN A OE1 1 
ATOM   486  N  NE2 . GLN A 1 62 ? -0.337  -6.244  8.616   1.00 18.17 ? 59  GLN A NE2 1 
ATOM   487  N  N   . ALA A 1 63 ? -0.869  0.585   10.001  1.00 9.58  ? 60  ALA A N   1 
ATOM   488  C  CA  . ALA A 1 63 ? -1.635  1.712   10.513  1.00 9.73  ? 60  ALA A CA  1 
ATOM   489  C  C   . ALA A 1 63 ? -1.700  2.814   9.485   1.00 9.81  ? 60  ALA A C   1 
ATOM   490  O  O   . ALA A 1 63 ? -2.777  3.421   9.289   1.00 9.67  ? 60  ALA A O   1 
ATOM   491  C  CB  . ALA A 1 63 ? -1.007  2.278   11.804  1.00 9.06  ? 60  ALA A CB  1 
ATOM   492  N  N   . LEU A 1 64 ? -0.552  3.110   8.859   1.00 8.83  ? 61  LEU A N   1 
ATOM   493  C  CA  . LEU A 1 64 ? -0.494  4.105   7.776   1.00 10.00 ? 61  LEU A CA  1 
ATOM   494  C  C   . LEU A 1 64 ? -1.428  3.738   6.642   1.00 10.12 ? 61  LEU A C   1 
ATOM   495  O  O   . LEU A 1 64 ? -2.102  4.566   6.105   1.00 10.59 ? 61  LEU A O   1 
ATOM   496  C  CB  . LEU A 1 64 ? 0.959   4.241   7.256   1.00 10.14 ? 61  LEU A CB  1 
ATOM   497  C  CG  . LEU A 1 64 ? 1.205   5.232   6.127   1.00 11.96 ? 61  LEU A CG  1 
ATOM   498  C  CD1 . LEU A 1 64 ? 0.794   6.617   6.539   1.00 11.54 ? 61  LEU A CD1 1 
ATOM   499  C  CD2 . LEU A 1 64 ? 2.721   5.204   5.585   1.00 12.80 ? 61  LEU A CD2 1 
ATOM   500  N  N   . ASP A 1 65 ? -1.493  2.473   6.267   1.00 10.97 ? 62  ASP A N   1 
ATOM   501  C  CA  . ASP A 1 65 ? -2.376  2.064   5.150   1.00 11.26 ? 62  ASP A CA  1 
ATOM   502  C  C   . ASP A 1 65 ? -3.842  2.207   5.602   1.00 9.72  ? 62  ASP A C   1 
ATOM   503  O  O   . ASP A 1 65 ? -4.690  2.590   4.859   1.00 9.26  ? 62  ASP A O   1 
ATOM   504  C  CB  . ASP A 1 65 ? -2.176  0.594   4.828   1.00 12.45 ? 62  ASP A CB  1 
ATOM   505  C  CG  . ASP A 1 65 ? -0.841  0.307   4.062   1.00 16.70 ? 62  ASP A CG  1 
ATOM   506  O  OD1 . ASP A 1 65 ? -0.292  1.240   3.411   1.00 19.14 ? 62  ASP A OD1 1 
ATOM   507  O  OD2 . ASP A 1 65 ? -0.392  -0.879  4.102   1.00 18.74 ? 62  ASP A OD2 1 
HETATM 508  N  N   . MSE A 1 66 ? -4.131  1.887   6.841   1.00 10.26 ? 63  MSE A N   1 
HETATM 509  C  CA  . MSE A 1 66 ? -5.496  2.159   7.347   1.00 10.31 ? 63  MSE A CA  1 
HETATM 510  C  C   . MSE A 1 66 ? -5.887  3.634   7.315   1.00 9.40  ? 63  MSE A C   1 
HETATM 511  O  O   . MSE A 1 66 ? -6.989  3.956   6.856   1.00 9.13  ? 63  MSE A O   1 
HETATM 512  C  CB  . MSE A 1 66 ? -5.684  1.624   8.764   1.00 10.97 ? 63  MSE A CB  1 
HETATM 513  C  CG  . MSE A 1 66 ? -6.374  0.187   8.745   1.00 16.98 ? 63  MSE A CG  1 
HETATM 514  SE SE  . MSE A 1 66 ? -6.438  -0.608  10.552  0.70 20.86 ? 63  MSE A SE  1 
HETATM 515  C  CE  . MSE A 1 66 ? -6.706  1.052   11.390  1.00 10.60 ? 63  MSE A CE  1 
ATOM   516  N  N   . ALA A 1 67 ? -5.000  4.511   7.797   1.00 7.85  ? 64  ALA A N   1 
ATOM   517  C  CA  . ALA A 1 67 ? -5.210  5.958   7.745   1.00 7.26  ? 64  ALA A CA  1 
ATOM   518  C  C   . ALA A 1 67 ? -5.560  6.344   6.289   1.00 8.97  ? 64  ALA A C   1 
ATOM   519  O  O   . ALA A 1 67 ? -6.554  7.008   6.040   1.00 8.89  ? 64  ALA A O   1 
ATOM   520  C  CB  . ALA A 1 67 ? -3.889  6.772   8.290   1.00 5.28  ? 64  ALA A CB  1 
ATOM   521  N  N   . VAL A 1 68 ? -4.736  5.904   5.317   1.00 9.28  ? 65  VAL A N   1 
ATOM   522  C  CA  . VAL A 1 68 ? -4.963  6.189   3.900   1.00 8.64  ? 65  VAL A CA  1 
ATOM   523  C  C   . VAL A 1 68 ? -6.367  5.707   3.472   1.00 10.67 ? 65  VAL A C   1 
ATOM   524  O  O   . VAL A 1 68 ? -7.148  6.464   2.881   1.00 8.91  ? 65  VAL A O   1 
ATOM   525  C  CB  . VAL A 1 68 ? -3.833  5.588   3.034   1.00 10.36 ? 65  VAL A CB  1 
ATOM   526  C  CG1 . VAL A 1 68 ? -4.250  5.597   1.496   1.00 10.65 ? 65  VAL A CG1 1 
ATOM   527  C  CG2 . VAL A 1 68 ? -2.488  6.332   3.400   1.00 9.86  ? 65  VAL A CG2 1 
ATOM   528  N  N   . LEU A 1 69 ? -6.735  4.496   3.856   1.00 10.34 ? 66  LEU A N   1 
ATOM   529  C  CA  . LEU A 1 69 ? -8.029  3.965   3.406   1.00 11.64 ? 66  LEU A CA  1 
ATOM   530  C  C   . LEU A 1 69 ? -9.199  4.713   4.072   1.00 11.85 ? 66  LEU A C   1 
ATOM   531  O  O   . LEU A 1 69 ? -10.234 4.945   3.439   1.00 11.10 ? 66  LEU A O   1 
ATOM   532  C  CB  . LEU A 1 69 ? -8.110  2.428   3.679   1.00 12.99 ? 66  LEU A CB  1 
ATOM   533  C  CG  . LEU A 1 69 ? -7.218  1.567   2.750   1.00 15.50 ? 66  LEU A CG  1 
ATOM   534  C  CD1 . LEU A 1 69 ? -6.728  0.225   3.456   1.00 17.46 ? 66  LEU A CD1 1 
ATOM   535  C  CD2 . LEU A 1 69 ? -7.925  1.316   1.415   1.00 16.65 ? 66  LEU A CD2 1 
ATOM   536  N  N   . LYS A 1 70 ? -9.023  5.103   5.330   1.00 12.43 ? 67  LYS A N   1 
ATOM   537  C  CA  . LYS A 1 70 ? -10.057 5.809   6.050   1.00 11.85 ? 67  LYS A CA  1 
ATOM   538  C  C   . LYS A 1 70 ? -10.269 7.198   5.355   1.00 11.46 ? 67  LYS A C   1 
ATOM   539  O  O   . LYS A 1 70 ? -11.423 7.550   5.077   1.00 9.77  ? 67  LYS A O   1 
ATOM   540  C  CB  . LYS A 1 70 ? -9.702  5.867   7.497   1.00 11.66 ? 67  LYS A CB  1 
ATOM   541  C  CG  . LYS A 1 70 ? -10.716 6.480   8.493   1.00 16.13 ? 67  LYS A CG  1 
ATOM   542  C  CD  . LYS A 1 70 ? -12.237 6.073   8.339   1.00 20.20 ? 67  LYS A CD  1 
ATOM   543  C  CE  . LYS A 1 70 ? -13.105 6.597   9.564   1.00 26.22 ? 67  LYS A CE  1 
ATOM   544  N  NZ  . LYS A 1 70 ? -14.449 7.265   9.212   1.00 27.00 ? 67  LYS A NZ  1 
ATOM   545  N  N   . PHE A 1 71 ? -9.200  7.904   4.967   1.00 10.51 ? 68  PHE A N   1 
ATOM   546  C  CA  . PHE A 1 71 ? -9.380  9.230   4.331   1.00 9.77  ? 68  PHE A CA  1 
ATOM   547  C  C   . PHE A 1 71 ? -10.070 9.048   3.025   1.00 11.45 ? 68  PHE A C   1 
ATOM   548  O  O   . PHE A 1 71 ? -11.046 9.758   2.743   1.00 11.53 ? 68  PHE A O   1 
ATOM   549  C  CB  . PHE A 1 71 ? -8.125  9.985   4.080   1.00 11.33 ? 68  PHE A CB  1 
ATOM   550  C  CG  . PHE A 1 71 ? -7.673  10.776  5.246   1.00 9.61  ? 68  PHE A CG  1 
ATOM   551  C  CD1 . PHE A 1 71 ? -8.451  11.829  5.749   1.00 11.39 ? 68  PHE A CD1 1 
ATOM   552  C  CD2 . PHE A 1 71 ? -6.550  10.431  5.902   1.00 5.87  ? 68  PHE A CD2 1 
ATOM   553  C  CE1 . PHE A 1 71 ? -8.032  12.541  6.812   1.00 9.15  ? 68  PHE A CE1 1 
ATOM   554  C  CE2 . PHE A 1 71 ? -6.121  11.150  6.990   1.00 4.08  ? 68  PHE A CE2 1 
ATOM   555  C  CZ  . PHE A 1 71 ? -6.839  12.231  7.424   1.00 6.85  ? 68  PHE A CZ  1 
ATOM   556  N  N   . ARG A 1 72 ? -9.687  8.042   2.266   1.00 11.09 ? 69  ARG A N   1 
ATOM   557  C  CA  . ARG A 1 72 ? -10.315 7.773   0.994   1.00 13.27 ? 69  ARG A CA  1 
ATOM   558  C  C   . ARG A 1 72 ? -11.792 7.519   1.068   1.00 13.32 ? 69  ARG A C   1 
ATOM   559  O  O   . ARG A 1 72 ? -12.515 7.973   0.280   1.00 12.74 ? 69  ARG A O   1 
ATOM   560  C  CB  . ARG A 1 72 ? -9.667  6.595   0.327   1.00 13.05 ? 69  ARG A CB  1 
ATOM   561  C  CG  . ARG A 1 72 ? -8.392  6.909   -0.260  1.00 15.19 ? 69  ARG A CG  1 
ATOM   562  C  CD  . ARG A 1 72 ? -8.071  5.902   -1.285  1.00 20.51 ? 69  ARG A CD  1 
ATOM   563  N  NE  . ARG A 1 72 ? -6.671  5.952   -1.589  1.00 21.80 ? 69  ARG A NE  1 
ATOM   564  C  CZ  . ARG A 1 72 ? -5.942  4.936   -1.992  1.00 25.27 ? 69  ARG A CZ  1 
ATOM   565  N  NH1 . ARG A 1 72 ? -6.471  3.732   -2.158  1.00 25.00 ? 69  ARG A NH1 1 
ATOM   566  N  NH2 . ARG A 1 72 ? -4.680  5.152   -2.212  1.00 21.82 ? 69  ARG A NH2 1 
ATOM   567  N  N   . ARG A 1 73 ? -12.181 6.765   2.055   1.00 14.72 ? 70  ARG A N   1 
ATOM   568  C  CA  . ARG A 1 73 ? -13.526 6.387   2.309   1.00 16.42 ? 70  ARG A CA  1 
ATOM   569  C  C   . ARG A 1 73 ? -14.338 7.623   2.542   1.00 16.75 ? 70  ARG A C   1 
ATOM   570  O  O   . ARG A 1 73 ? -15.449 7.684   2.126   1.00 16.16 ? 70  ARG A O   1 
ATOM   571  C  CB  . ARG A 1 73 ? -13.586 5.505   3.534   1.00 17.81 ? 70  ARG A CB  1 
ATOM   572  C  CG  . ARG A 1 73 ? -14.588 4.435   3.492   1.00 22.22 ? 70  ARG A CG  1 
ATOM   573  C  CD  . ARG A 1 73 ? -14.053 3.089   3.943   1.00 26.40 ? 70  ARG A CD  1 
ATOM   574  N  NE  . ARG A 1 73 ? -13.483 3.155   5.262   1.00 28.14 ? 70  ARG A NE  1 
ATOM   575  C  CZ  . ARG A 1 73 ? -12.375 2.545   5.626   1.00 28.39 ? 70  ARG A CZ  1 
ATOM   576  N  NH1 . ARG A 1 73 ? -11.926 2.686   6.844   1.00 27.09 ? 70  ARG A NH1 1 
ATOM   577  N  NH2 . ARG A 1 73 ? -11.748 1.783   4.773   1.00 29.23 ? 70  ARG A NH2 1 
ATOM   578  N  N   . GLU A 1 74 ? -13.759 8.609   3.195   1.00 17.25 ? 71  GLU A N   1 
ATOM   579  C  CA  . GLU A 1 74 ? -14.472 9.903   3.464   1.00 18.57 ? 71  GLU A CA  1 
ATOM   580  C  C   . GLU A 1 74 ? -14.512 10.859  2.294   1.00 18.73 ? 71  GLU A C   1 
ATOM   581  O  O   . GLU A 1 74 ? -15.020 11.999  2.403   1.00 18.92 ? 71  GLU A O   1 
ATOM   582  C  CB  . GLU A 1 74 ? -13.887 10.606  4.702   1.00 18.99 ? 71  GLU A CB  1 
ATOM   583  C  CG  . GLU A 1 74 ? -13.992 9.736   5.997   1.00 23.33 ? 71  GLU A CG  1 
ATOM   584  C  CD  . GLU A 1 74 ? -15.433 9.614   6.495   1.00 27.87 ? 71  GLU A CD  1 
ATOM   585  O  OE1 . GLU A 1 74 ? -16.137 10.672  6.480   1.00 33.10 ? 71  GLU A OE1 1 
ATOM   586  O  OE2 . GLU A 1 74 ? -15.849 8.480   6.882   1.00 28.17 ? 71  GLU A OE2 1 
ATOM   587  N  N   . GLY A 1 75 ? -13.992 10.424  1.153   1.00 19.32 ? 72  GLY A N   1 
ATOM   588  C  CA  . GLY A 1 75 ? -14.060 11.213  -0.053  1.00 19.37 ? 72  GLY A CA  1 
ATOM   589  C  C   . GLY A 1 75 ? -12.770 11.941  -0.423  1.00 19.32 ? 72  GLY A C   1 
ATOM   590  O  O   . GLY A 1 75 ? -12.716 12.553  -1.485  1.00 18.55 ? 72  GLY A O   1 
ATOM   591  N  N   . ALA A 1 76 ? -11.714 11.844  0.409   1.00 19.31 ? 73  ALA A N   1 
ATOM   592  C  CA  . ALA A 1 76 ? -10.465 12.537  0.117   1.00 17.75 ? 73  ALA A CA  1 
ATOM   593  C  C   . ALA A 1 76 ? -9.602  11.733  -0.841  1.00 16.79 ? 73  ALA A C   1 
ATOM   594  O  O   . ALA A 1 76 ? -9.552  10.526  -0.777  1.00 18.33 ? 73  ALA A O   1 
ATOM   595  C  CB  . ALA A 1 76 ? -9.672  12.873  1.387   1.00 17.56 ? 73  ALA A CB  1 
ATOM   596  N  N   . GLU A 1 77 ? -8.940  12.456  -1.735  1.00 15.66 ? 74  GLU A N   1 
ATOM   597  C  CA  . GLU A 1 77 ? -7.830  11.976  -2.478  1.00 16.33 ? 74  GLU A CA  1 
ATOM   598  C  C   . GLU A 1 77 ? -6.568  12.068  -1.588  1.00 14.54 ? 74  GLU A C   1 
ATOM   599  O  O   . GLU A 1 77 ? -6.288  13.122  -0.950  1.00 12.47 ? 74  GLU A O   1 
ATOM   600  C  CB  . GLU A 1 77 ? -7.741  12.832  -3.698  1.00 17.67 ? 74  GLU A CB  1 
ATOM   601  C  CG  . GLU A 1 77 ? -6.884  12.383  -4.758  1.00 23.99 ? 74  GLU A CG  1 
ATOM   602  C  CD  . GLU A 1 77 ? -6.936  13.399  -5.892  1.00 33.08 ? 74  GLU A CD  1 
ATOM   603  O  OE1 . GLU A 1 77 ? -6.226  14.454  -5.776  1.00 35.98 ? 74  GLU A OE1 1 
ATOM   604  O  OE2 . GLU A 1 77 ? -7.735  13.159  -6.854  1.00 37.15 ? 74  GLU A OE2 1 
ATOM   605  N  N   . VAL A 1 78 ? -5.840  10.949  -1.475  1.00 12.44 ? 75  VAL A N   1 
ATOM   606  C  CA  . VAL A 1 78 ? -4.783  10.835  -0.480  1.00 12.32 ? 75  VAL A CA  1 
ATOM   607  C  C   . VAL A 1 78 ? -3.437  10.581  -1.158  1.00 12.76 ? 75  VAL A C   1 
ATOM   608  O  O   . VAL A 1 78 ? -3.362  9.803   -2.042  1.00 10.28 ? 75  VAL A O   1 
ATOM   609  C  CB  . VAL A 1 78 ? -5.109  9.738   0.548   1.00 12.15 ? 75  VAL A CB  1 
ATOM   610  C  CG1 . VAL A 1 78 ? -4.161  9.850   1.776   1.00 11.75 ? 75  VAL A CG1 1 
ATOM   611  C  CG2 . VAL A 1 78 ? -6.520  9.892   1.066   1.00 16.42 ? 75  VAL A CG2 1 
ATOM   612  N  N   . ARG A 1 79 ? -2.407  11.310  -0.732  1.00 13.41 ? 76  ARG A N   1 
ATOM   613  C  CA  . ARG A 1 79 ? -1.035  11.120  -1.146  1.00 15.38 ? 76  ARG A CA  1 
ATOM   614  C  C   . ARG A 1 79 ? -0.144  10.896  0.066   1.00 13.85 ? 76  ARG A C   1 
ATOM   615  O  O   . ARG A 1 79 ? -0.315  11.549  1.085   1.00 14.15 ? 76  ARG A O   1 
ATOM   616  C  CB  . ARG A 1 79 ? -0.527  12.409  -1.778  1.00 16.04 ? 76  ARG A CB  1 
ATOM   617  C  CG  . ARG A 1 79 ? -0.644  12.442  -3.210  1.00 21.95 ? 76  ARG A CG  1 
ATOM   618  C  CD  . ARG A 1 79 ? 0.815   12.753  -3.820  1.00 31.58 ? 76  ARG A CD  1 
ATOM   619  N  NE  . ARG A 1 79 ? 1.193   14.161  -3.671  1.00 34.95 ? 76  ARG A NE  1 
ATOM   620  C  CZ  . ARG A 1 79 ? 2.338   14.712  -4.073  1.00 37.50 ? 76  ARG A CZ  1 
ATOM   621  N  NH1 . ARG A 1 79 ? 3.322   13.981  -4.616  1.00 39.23 ? 76  ARG A NH1 1 
ATOM   622  N  NH2 . ARG A 1 79 ? 2.505   16.022  -3.910  1.00 38.93 ? 76  ARG A NH2 1 
ATOM   623  N  N   . ILE A 1 80 ? 0.859   10.057  -0.085  1.00 12.58 ? 77  ILE A N   1 
ATOM   624  C  CA  . ILE A 1 80 ? 1.854   9.826   0.940   1.00 11.73 ? 77  ILE A CA  1 
ATOM   625  C  C   . ILE A 1 80 ? 3.102   10.417  0.351   1.00 10.58 ? 77  ILE A C   1 
ATOM   626  O  O   . ILE A 1 80 ? 3.421   10.158  -0.779  1.00 9.16  ? 77  ILE A O   1 
ATOM   627  C  CB  . ILE A 1 80 ? 1.992   8.321   1.270   1.00 11.51 ? 77  ILE A CB  1 
ATOM   628  C  CG1 . ILE A 1 80 ? 0.697   7.821   1.887   1.00 15.24 ? 77  ILE A CG1 1 
ATOM   629  C  CG2 . ILE A 1 80 ? 3.117   8.040   2.366   1.00 13.49 ? 77  ILE A CG2 1 
ATOM   630  C  CD1 . ILE A 1 80 ? 0.824   6.352   2.380   1.00 21.49 ? 77  ILE A CD1 1 
ATOM   631  N  N   . VAL A 1 81 ? 3.797   11.189  1.107   1.00 10.10 ? 78  VAL A N   1 
ATOM   632  C  CA  . VAL A 1 81 ? 5.012   11.719  0.656   1.00 11.05 ? 78  VAL A CA  1 
ATOM   633  C  C   . VAL A 1 81 ? 6.075   11.197  1.582   1.00 11.83 ? 78  VAL A C   1 
ATOM   634  O  O   . VAL A 1 81 ? 5.903   11.208  2.750   1.00 11.83 ? 78  VAL A O   1 
ATOM   635  C  CB  . VAL A 1 81 ? 4.902   13.205  0.711   1.00 10.94 ? 78  VAL A CB  1 
ATOM   636  C  CG1 . VAL A 1 81 ? 6.223   13.843  0.729   1.00 15.35 ? 78  VAL A CG1 1 
ATOM   637  C  CG2 . VAL A 1 81 ? 4.085   13.680  -0.395  1.00 9.91  ? 78  VAL A CG2 1 
ATOM   638  N  N   . GLY A 1 82 ? 7.154   10.674  1.038   1.00 12.42 ? 79  GLY A N   1 
ATOM   639  C  CA  . GLY A 1 82 ? 8.335   10.291  1.839   1.00 11.08 ? 79  GLY A CA  1 
ATOM   640  C  C   . GLY A 1 82 ? 8.343   8.833   2.274   1.00 11.66 ? 79  GLY A C   1 
ATOM   641  O  O   . GLY A 1 82 ? 9.117   8.430   3.151   1.00 12.69 ? 79  GLY A O   1 
HETATM 642  N  N   . MSE A 1 83 ? 7.474   8.034   1.701   1.00 11.77 ? 80  MSE A N   1 
HETATM 643  C  CA  . MSE A 1 83 ? 7.283   6.667   2.124   1.00 12.80 ? 80  MSE A CA  1 
HETATM 644  C  C   . MSE A 1 83 ? 8.583   5.927   1.984   1.00 13.43 ? 80  MSE A C   1 
HETATM 645  O  O   . MSE A 1 83 ? 8.928   5.149   2.848   1.00 15.71 ? 80  MSE A O   1 
HETATM 646  C  CB  . MSE A 1 83 ? 6.278   6.013   1.202   1.00 12.11 ? 80  MSE A CB  1 
HETATM 647  C  CG  . MSE A 1 83 ? 6.085   4.541   1.513   1.00 16.11 ? 80  MSE A CG  1 
HETATM 648  SE SE  . MSE A 1 83 ? 5.435   4.240   3.325   0.75 25.78 ? 80  MSE A SE  1 
HETATM 649  C  CE  . MSE A 1 83 ? 3.952   3.050   2.757   1.00 22.04 ? 80  MSE A CE  1 
ATOM   650  N  N   . ASN A 1 84 ? 9.314   6.205   0.896   1.00 15.76 ? 81  ASN A N   1 
ATOM   651  C  CA  . ASN A 1 84 ? 10.608  5.526   0.634   1.00 17.50 ? 81  ASN A CA  1 
ATOM   652  C  C   . ASN A 1 84 ? 11.629  5.773   1.725   1.00 17.43 ? 81  ASN A C   1 
ATOM   653  O  O   . ASN A 1 84 ? 12.201  4.819   2.240   1.00 16.03 ? 81  ASN A O   1 
ATOM   654  C  CB  . ASN A 1 84 ? 11.223  5.773   -0.773  1.00 16.87 ? 81  ASN A CB  1 
ATOM   655  C  CG  . ASN A 1 84 ? 11.230  7.283   -1.243  1.00 21.16 ? 81  ASN A CG  1 
ATOM   656  O  OD1 . ASN A 1 84 ? 11.698  7.572   -2.364  1.00 21.92 ? 81  ASN A OD1 1 
ATOM   657  N  ND2 . ASN A 1 84 ? 10.723  8.205   -0.428  1.00 17.89 ? 81  ASN A ND2 1 
ATOM   658  N  N   . GLU A 1 85 ? 11.793  7.034   2.127   1.00 17.01 ? 82  GLU A N   1 
ATOM   659  C  CA  . GLU A 1 85 ? 12.714  7.373   3.236   1.00 17.01 ? 82  GLU A CA  1 
ATOM   660  C  C   . GLU A 1 85 ? 12.241  6.774   4.595   1.00 16.60 ? 82  GLU A C   1 
ATOM   661  O  O   . GLU A 1 85 ? 13.038  6.204   5.362   1.00 16.87 ? 82  GLU A O   1 
ATOM   662  C  CB  . GLU A 1 85 ? 12.822  8.865   3.347   1.00 16.86 ? 82  GLU A CB  1 
ATOM   663  C  CG  . GLU A 1 85 ? 13.447  9.505   2.135   1.00 21.50 ? 82  GLU A CG  1 
ATOM   664  C  CD  . GLU A 1 85 ? 12.693  10.751  1.668   1.00 29.33 ? 82  GLU A CD  1 
ATOM   665  O  OE1 . GLU A 1 85 ? 11.841  10.613  0.721   1.00 34.88 ? 82  GLU A OE1 1 
ATOM   666  O  OE2 . GLU A 1 85 ? 12.929  11.851  2.259   1.00 31.00 ? 82  GLU A OE2 1 
ATOM   667  N  N   . ALA A 1 86 ? 10.951  6.861   4.878   1.00 15.38 ? 83  ALA A N   1 
ATOM   668  C  CA  . ALA A 1 86 ? 10.386  6.352   6.187   1.00 15.66 ? 83  ALA A CA  1 
ATOM   669  C  C   . ALA A 1 86 ? 10.490  4.874   6.335   1.00 14.21 ? 83  ALA A C   1 
ATOM   670  O  O   . ALA A 1 86 ? 10.708  4.323   7.432   1.00 15.98 ? 83  ALA A O   1 
ATOM   671  C  CB  . ALA A 1 86 ? 8.862   6.820   6.378   1.00 14.59 ? 83  ALA A CB  1 
ATOM   672  N  N   . SER A 1 87 ? 10.319  4.215   5.218   1.00 15.07 ? 84  SER A N   1 
ATOM   673  C  CA  . SER A 1 87 ? 10.260  2.808   5.209   1.00 14.39 ? 84  SER A CA  1 
ATOM   674  C  C   . SER A 1 87 ? 11.587  2.099   4.886   1.00 16.14 ? 84  SER A C   1 
ATOM   675  O  O   . SER A 1 87 ? 11.648  0.897   5.037   1.00 12.61 ? 84  SER A O   1 
ATOM   676  C  CB  . SER A 1 87 ? 9.214   2.402   4.202   1.00 17.01 ? 84  SER A CB  1 
ATOM   677  O  OG  . SER A 1 87 ? 9.767   2.374   2.901   1.00 17.39 ? 84  SER A OG  1 
ATOM   678  N  N   . GLU A 1 88 ? 12.630  2.844   4.487   1.00 16.50 ? 85  GLU A N   1 
ATOM   679  C  CA  . GLU A 1 88 ? 13.944  2.269   4.124   1.00 17.61 ? 85  GLU A CA  1 
ATOM   680  C  C   . GLU A 1 88 ? 14.405  1.333   5.256   1.00 17.44 ? 85  GLU A C   1 
ATOM   681  O  O   . GLU A 1 88 ? 14.834  0.194   5.016   1.00 15.79 ? 85  GLU A O   1 
ATOM   682  C  CB  . GLU A 1 88 ? 14.981  3.418   3.918   1.00 17.35 ? 85  GLU A CB  1 
ATOM   683  C  CG  . GLU A 1 88 ? 16.181  3.167   3.067   1.00 23.29 ? 85  GLU A CG  1 
ATOM   684  C  CD  . GLU A 1 88 ? 17.124  4.379   3.088   1.00 29.08 ? 85  GLU A CD  1 
ATOM   685  O  OE1 . GLU A 1 88 ? 16.691  5.471   3.555   1.00 28.65 ? 85  GLU A OE1 1 
ATOM   686  O  OE2 . GLU A 1 88 ? 18.286  4.245   2.619   1.00 32.03 ? 85  GLU A OE2 1 
ATOM   687  N  N   . THR A 1 89 ? 14.266  1.815   6.486   1.00 16.18 ? 86  THR A N   1 
ATOM   688  C  CA  . THR A 1 89 ? 14.760  1.166   7.696   1.00 15.74 ? 86  THR A CA  1 
ATOM   689  C  C   . THR A 1 89 ? 14.343  -0.284  7.786   1.00 16.22 ? 86  THR A C   1 
ATOM   690  O  O   . THR A 1 89 ? 15.177  -1.255  7.756   1.00 17.03 ? 86  THR A O   1 
ATOM   691  C  CB  . THR A 1 89 ? 14.142  1.913   8.968   1.00 16.63 ? 86  THR A CB  1 
ATOM   692  O  OG1 . THR A 1 89 ? 12.769  2.400   8.671   1.00 8.09  ? 86  THR A OG1 1 
ATOM   693  C  CG2 . THR A 1 89 ? 15.121  3.016   9.397   1.00 13.63 ? 86  THR A CG2 1 
ATOM   694  N  N   . LEU A 1 90 ? 13.031  -0.397  7.835   1.00 15.29 ? 87  LEU A N   1 
ATOM   695  C  CA  . LEU A 1 90 ? 12.331  -1.588  8.027   1.00 16.16 ? 87  LEU A CA  1 
ATOM   696  C  C   . LEU A 1 90 ? 12.385  -2.496  6.813   1.00 17.61 ? 87  LEU A C   1 
ATOM   697  O  O   . LEU A 1 90 ? 12.425  -3.704  6.987   1.00 16.55 ? 87  LEU A O   1 
ATOM   698  C  CB  . LEU A 1 90 ? 10.886  -1.254  8.313   1.00 15.35 ? 87  LEU A CB  1 
ATOM   699  C  CG  . LEU A 1 90 ? 9.906   -2.374  8.623   1.00 15.31 ? 87  LEU A CG  1 
ATOM   700  C  CD1 . LEU A 1 90 ? 10.231  -3.149  9.942   1.00 12.78 ? 87  LEU A CD1 1 
ATOM   701  C  CD2 . LEU A 1 90 ? 8.514   -1.758  8.669   1.00 8.22  ? 87  LEU A CD2 1 
ATOM   702  N  N   . VAL A 1 91 ? 12.388  -1.971  5.599   1.00 18.99 ? 88  VAL A N   1 
ATOM   703  C  CA  . VAL A 1 91 ? 12.451  -2.860  4.447   1.00 20.63 ? 88  VAL A CA  1 
ATOM   704  C  C   . VAL A 1 91 ? 13.831  -3.466  4.161   1.00 21.58 ? 88  VAL A C   1 
ATOM   705  O  O   . VAL A 1 91 ? 13.959  -4.658  4.123   1.00 21.73 ? 88  VAL A O   1 
ATOM   706  C  CB  . VAL A 1 91 ? 11.832  -2.302  3.156   1.00 21.08 ? 88  VAL A CB  1 
ATOM   707  C  CG1 . VAL A 1 91 ? 10.398  -2.180  3.273   1.00 19.30 ? 88  VAL A CG1 1 
ATOM   708  C  CG2 . VAL A 1 91 ? 12.412  -1.037  2.781   1.00 21.73 ? 88  VAL A CG2 1 
ATOM   709  N  N   . ASP A 1 92 ? 14.863  -2.669  3.990   1.00 22.90 ? 89  ASP A N   1 
ATOM   710  C  CA  . ASP A 1 92 ? 16.183  -3.244  3.798   1.00 24.08 ? 89  ASP A CA  1 
ATOM   711  C  C   . ASP A 1 92 ? 16.435  -4.356  4.810   1.00 23.55 ? 89  ASP A C   1 
ATOM   712  O  O   . ASP A 1 92 ? 17.074  -5.321  4.503   1.00 23.69 ? 89  ASP A O   1 
ATOM   713  C  CB  . ASP A 1 92 ? 17.275  -2.170  3.829   1.00 24.75 ? 89  ASP A CB  1 
ATOM   714  C  CG  . ASP A 1 92 ? 17.225  -1.249  2.614   1.00 28.30 ? 89  ASP A CG  1 
ATOM   715  O  OD1 . ASP A 1 92 ? 16.339  -1.428  1.770   1.00 28.72 ? 89  ASP A OD1 1 
ATOM   716  O  OD2 . ASP A 1 92 ? 18.061  -0.343  2.485   1.00 31.05 ? 89  ASP A OD2 1 
ATOM   717  N  N   . ARG A 1 93 ? 15.901  -4.195  6.010   1.00 23.58 ? 90  ARG A N   1 
ATOM   718  C  CA  . ARG A 1 93 ? 15.913  -5.185  7.095   1.00 23.60 ? 90  ARG A CA  1 
ATOM   719  C  C   . ARG A 1 93 ? 14.671  -6.113  7.151   1.00 23.54 ? 90  ARG A C   1 
ATOM   720  O  O   . ARG A 1 93 ? 14.345  -6.607  8.238   1.00 24.09 ? 90  ARG A O   1 
ATOM   721  C  CB  . ARG A 1 93 ? 16.051  -4.463  8.458   1.00 23.10 ? 90  ARG A CB  1 
ATOM   722  N  N   . LEU A 1 94 ? 13.986  -6.374  6.024   1.00 23.42 ? 91  LEU A N   1 
ATOM   723  C  CA  . LEU A 1 94 ? 12.745  -7.218  6.036   1.00 22.90 ? 91  LEU A CA  1 
ATOM   724  C  C   . LEU A 1 94 ? 12.305  -7.593  4.632   1.00 22.51 ? 91  LEU A C   1 
ATOM   725  O  O   . LEU A 1 94 ? 12.801  -8.553  4.072   1.00 21.94 ? 91  LEU A O   1 
ATOM   726  C  CB  . LEU A 1 94 ? 11.571  -6.515  6.782   1.00 22.17 ? 91  LEU A CB  1 
ATOM   727  C  CG  . LEU A 1 94 ? 10.632  -7.382  7.638   1.00 21.57 ? 91  LEU A CG  1 
ATOM   728  C  CD1 . LEU A 1 94 ? 10.163  -6.560  8.841   1.00 18.49 ? 91  LEU A CD1 1 
ATOM   729  C  CD2 . LEU A 1 94 ? 9.450   -7.995  6.861   1.00 19.89 ? 91  LEU A CD2 1 
ATOM   730  N  N   . ALA B 1 3  ? 1.586   -10.842 5.800   1.00 20.68 ? 0   ALA B N   1 
ATOM   731  C  CA  . ALA B 1 3  ? 1.291   -9.355  5.748   1.00 21.40 ? 0   ALA B CA  1 
ATOM   732  C  C   . ALA B 1 3  ? 0.580   -8.903  4.490   1.00 21.84 ? 0   ALA B C   1 
ATOM   733  O  O   . ALA B 1 3  ? 0.512   -7.707  4.197   1.00 22.49 ? 0   ALA B O   1 
ATOM   734  C  CB  . ALA B 1 3  ? 2.545   -8.520  5.972   1.00 21.19 ? 0   ALA B CB  1 
ATOM   735  N  N   . PHE B 1 4  ? 0.051   -9.859  3.737   1.00 22.69 ? 1   PHE B N   1 
ATOM   736  C  CA  . PHE B 1 4  ? -0.790  -9.569  2.568   1.00 23.51 ? 1   PHE B CA  1 
ATOM   737  C  C   . PHE B 1 4  ? -1.985  -10.498 2.570   1.00 24.59 ? 1   PHE B C   1 
ATOM   738  O  O   . PHE B 1 4  ? -2.014  -11.493 3.293   1.00 24.19 ? 1   PHE B O   1 
ATOM   739  C  CB  . PHE B 1 4  ? -0.003  -9.780  1.250   1.00 23.68 ? 1   PHE B CB  1 
ATOM   740  C  CG  . PHE B 1 4  ? 0.239   -11.230 0.930   1.00 23.69 ? 1   PHE B CG  1 
ATOM   741  C  CD1 . PHE B 1 4  ? -0.592  -11.897 0.052   1.00 25.53 ? 1   PHE B CD1 1 
ATOM   742  C  CD2 . PHE B 1 4  ? 1.227   -11.942 1.583   1.00 23.69 ? 1   PHE B CD2 1 
ATOM   743  C  CE1 . PHE B 1 4  ? -0.378  -13.238 -0.241  1.00 29.36 ? 1   PHE B CE1 1 
ATOM   744  C  CE2 . PHE B 1 4  ? 1.433   -13.291 1.311   1.00 26.45 ? 1   PHE B CE2 1 
ATOM   745  C  CZ  . PHE B 1 4  ? 0.650   -13.933 0.402   1.00 27.19 ? 1   PHE B CZ  1 
ATOM   746  N  N   . ALA B 1 5  ? -2.986  -10.179 1.774   1.00 26.73 ? 2   ALA B N   1 
ATOM   747  C  CA  . ALA B 1 5  ? -4.103  -11.077 1.644   1.00 29.01 ? 2   ALA B CA  1 
ATOM   748  C  C   . ALA B 1 5  ? -4.613  -11.031 0.200   1.00 31.27 ? 2   ALA B C   1 
ATOM   749  O  O   . ALA B 1 5  ? -4.443  -10.002 -0.487  1.00 33.11 ? 2   ALA B O   1 
ATOM   750  C  CB  . ALA B 1 5  ? -5.217  -10.713 2.675   1.00 29.43 ? 2   ALA B CB  1 
ATOM   751  N  N   . VAL B 1 6  ? -5.157  -12.156 -0.288  1.00 33.05 ? 3   VAL B N   1 
ATOM   752  C  CA  . VAL B 1 6  ? -5.767  -12.197 -1.628  1.00 33.89 ? 3   VAL B CA  1 
ATOM   753  C  C   . VAL B 1 6  ? -7.202  -12.750 -1.584  1.00 35.93 ? 3   VAL B C   1 
ATOM   754  O  O   . VAL B 1 6  ? -7.494  -13.768 -0.931  1.00 34.97 ? 3   VAL B O   1 
ATOM   755  C  CB  . VAL B 1 6  ? -4.901  -12.983 -2.607  1.00 34.53 ? 3   VAL B CB  1 
ATOM   756  C  CG1 . VAL B 1 6  ? -5.545  -13.052 -3.998  1.00 32.82 ? 3   VAL B CG1 1 
ATOM   757  C  CG2 . VAL B 1 6  ? -3.518  -12.327 -2.718  1.00 33.49 ? 3   VAL B CG2 1 
ATOM   758  N  N   . SER B 1 7  ? -8.105  -12.010 -2.226  1.00 37.88 ? 4   SER B N   1 
ATOM   759  C  CA  . SER B 1 7  ? -9.515  -12.406 -2.351  1.00 38.60 ? 4   SER B CA  1 
ATOM   760  C  C   . SER B 1 7  ? -9.873  -12.338 -3.837  1.00 39.59 ? 4   SER B C   1 
ATOM   761  O  O   . SER B 1 7  ? -9.009  -12.013 -4.685  1.00 38.56 ? 4   SER B O   1 
ATOM   762  C  CB  . SER B 1 7  ? -10.406 -11.462 -1.549  1.00 39.09 ? 4   SER B CB  1 
ATOM   763  O  OG  . SER B 1 7  ? -10.210 -10.107 -1.954  1.00 39.67 ? 4   SER B OG  1 
ATOM   764  N  N   . SER B 1 8  ? -11.135 -12.598 -4.161  1.00 40.58 ? 5   SER B N   1 
ATOM   765  C  CA  . SER B 1 8  ? -11.552 -12.604 -5.559  1.00 41.52 ? 5   SER B CA  1 
ATOM   766  C  C   . SER B 1 8  ? -13.065 -12.498 -5.788  1.00 42.90 ? 5   SER B C   1 
ATOM   767  O  O   . SER B 1 8  ? -13.879 -12.801 -4.889  1.00 43.03 ? 5   SER B O   1 
ATOM   768  C  CB  . SER B 1 8  ? -11.003 -13.858 -6.240  1.00 41.28 ? 5   SER B CB  1 
ATOM   769  O  OG  . SER B 1 8  ? -11.135 -14.989 -5.390  1.00 41.84 ? 5   SER B OG  1 
ATOM   770  N  N   . GLU B 1 9  ? -13.446 -12.046 -6.990  1.00 44.07 ? 6   GLU B N   1 
ATOM   771  C  CA  . GLU B 1 9  ? -14.867 -12.040 -7.378  1.00 44.91 ? 6   GLU B CA  1 
ATOM   772  C  C   . GLU B 1 9  ? -15.147 -12.471 -8.828  1.00 45.09 ? 6   GLU B C   1 
ATOM   773  O  O   . GLU B 1 9  ? -14.622 -11.901 -9.790  1.00 44.50 ? 6   GLU B O   1 
ATOM   774  C  CB  . GLU B 1 9  ? -15.499 -10.682 -7.090  1.00 45.10 ? 6   GLU B CB  1 
ATOM   775  C  CG  . GLU B 1 9  ? -17.024 -10.745 -7.080  1.00 47.65 ? 6   GLU B CG  1 
ATOM   776  C  CD  . GLU B 1 9  ? -17.694 -9.594  -6.321  1.00 50.45 ? 6   GLU B CD  1 
ATOM   777  O  OE1 . GLU B 1 9  ? -17.104 -8.480  -6.256  1.00 51.65 ? 6   GLU B OE1 1 
ATOM   778  O  OE2 . GLU B 1 9  ? -18.829 -9.808  -5.814  1.00 52.35 ? 6   GLU B OE2 1 
ATOM   779  N  N   . LEU B 1 10 ? -16.030 -13.466 -8.924  1.00 45.74 ? 7   LEU B N   1 
ATOM   780  C  CA  . LEU B 1 10 ? -16.461 -14.153 -10.156 1.00 46.10 ? 7   LEU B CA  1 
ATOM   781  C  C   . LEU B 1 10 ? -17.157 -13.239 -11.189 1.00 45.85 ? 7   LEU B C   1 
ATOM   782  O  O   . LEU B 1 10 ? -17.808 -12.248 -10.839 1.00 45.25 ? 7   LEU B O   1 
ATOM   783  C  CB  . LEU B 1 10 ? -17.422 -15.294 -9.742  1.00 46.62 ? 7   LEU B CB  1 
ATOM   784  C  CG  . LEU B 1 10 ? -17.311 -16.686 -10.363 1.00 47.43 ? 7   LEU B CG  1 
ATOM   785  C  CD1 . LEU B 1 10 ? -15.849 -17.007 -10.707 1.00 48.12 ? 7   LEU B CD1 1 
ATOM   786  C  CD2 . LEU B 1 10 ? -17.954 -17.749 -9.417  1.00 48.42 ? 7   LEU B CD2 1 
ATOM   787  N  N   . ALA B 1 16 ? -14.688 -13.749 -16.477 1.00 41.26 ? 13  ALA B N   1 
ATOM   788  C  CA  . ALA B 1 16 ? -14.523 -12.495 -15.731 1.00 41.39 ? 13  ALA B CA  1 
ATOM   789  C  C   . ALA B 1 16 ? -14.299 -12.735 -14.216 1.00 41.20 ? 13  ALA B C   1 
ATOM   790  O  O   . ALA B 1 16 ? -15.265 -12.753 -13.437 1.00 41.67 ? 13  ALA B O   1 
ATOM   791  C  CB  . ALA B 1 16 ? -15.761 -11.558 -15.962 1.00 41.74 ? 13  ALA B CB  1 
ATOM   792  N  N   . ARG B 1 17 ? -13.038 -12.939 -13.803 1.00 40.68 ? 14  ARG B N   1 
ATOM   793  C  CA  . ARG B 1 17 ? -12.661 -12.886 -12.362 1.00 39.86 ? 14  ARG B CA  1 
ATOM   794  C  C   . ARG B 1 17 ? -11.680 -11.741 -12.095 1.00 39.75 ? 14  ARG B C   1 
ATOM   795  O  O   . ARG B 1 17 ? -10.746 -11.475 -12.917 1.00 40.31 ? 14  ARG B O   1 
ATOM   796  C  CB  . ARG B 1 17 ? -12.072 -14.217 -11.833 1.00 39.85 ? 14  ARG B CB  1 
ATOM   797  C  CG  . ARG B 1 17 ? -11.856 -14.225 -10.294 1.00 38.98 ? 14  ARG B CG  1 
ATOM   798  C  CD  . ARG B 1 17 ? -11.328 -15.566 -9.744  1.00 39.30 ? 14  ARG B CD  1 
ATOM   799  N  NE  . ARG B 1 17 ? -12.311 -16.662 -9.635  1.00 39.37 ? 14  ARG B NE  1 
ATOM   800  C  CZ  . ARG B 1 17 ? -13.230 -16.823 -8.658  1.00 37.68 ? 14  ARG B CZ  1 
ATOM   801  N  NH1 . ARG B 1 17 ? -13.376 -15.940 -7.674  1.00 35.78 ? 14  ARG B NH1 1 
ATOM   802  N  NH2 . ARG B 1 17 ? -14.039 -17.880 -8.685  1.00 35.91 ? 14  ARG B NH2 1 
ATOM   803  N  N   . THR B 1 18 ? -11.871 -11.087 -10.944 1.00 38.49 ? 15  THR B N   1 
ATOM   804  C  CA  . THR B 1 18 ? -10.936 -10.086 -10.422 1.00 38.27 ? 15  THR B CA  1 
ATOM   805  C  C   . THR B 1 18 ? -10.323 -10.650 -9.122  1.00 37.78 ? 15  THR B C   1 
ATOM   806  O  O   . THR B 1 18 ? -11.077 -11.057 -8.213  1.00 37.56 ? 15  THR B O   1 
ATOM   807  C  CB  . THR B 1 18 ? -11.660 -8.693  -10.157 1.00 38.58 ? 15  THR B CB  1 
ATOM   808  O  OG1 . THR B 1 18 ? -12.072 -8.109  -11.402 1.00 40.39 ? 15  THR B OG1 1 
ATOM   809  C  CG2 . THR B 1 18 ? -10.765 -7.656  -9.392  1.00 38.10 ? 15  THR B CG2 1 
ATOM   810  N  N   . TYR B 1 19 ? -8.984  -10.698 -9.038  1.00 36.16 ? 16  TYR B N   1 
ATOM   811  C  CA  . TYR B 1 19 ? -8.260  -10.928 -7.754  1.00 35.25 ? 16  TYR B CA  1 
ATOM   812  C  C   . TYR B 1 19 ? -7.803  -9.605  -7.177  1.00 34.05 ? 16  TYR B C   1 
ATOM   813  O  O   . TYR B 1 19 ? -7.263  -8.749  -7.904  1.00 34.82 ? 16  TYR B O   1 
ATOM   814  C  CB  . TYR B 1 19 ? -7.051  -11.839 -7.910  1.00 35.88 ? 16  TYR B CB  1 
ATOM   815  C  CG  . TYR B 1 19 ? -7.364  -13.297 -8.120  1.00 37.12 ? 16  TYR B CG  1 
ATOM   816  C  CD1 . TYR B 1 19 ? -7.810  -13.741 -9.349  1.00 38.45 ? 16  TYR B CD1 1 
ATOM   817  C  CD2 . TYR B 1 19 ? -7.166  -14.242 -7.106  1.00 38.63 ? 16  TYR B CD2 1 
ATOM   818  C  CE1 . TYR B 1 19 ? -8.080  -15.069 -9.566  1.00 38.34 ? 16  TYR B CE1 1 
ATOM   819  C  CE2 . TYR B 1 19 ? -7.419  -15.596 -7.322  1.00 36.93 ? 16  TYR B CE2 1 
ATOM   820  C  CZ  . TYR B 1 19 ? -7.880  -15.992 -8.557  1.00 37.47 ? 16  TYR B CZ  1 
ATOM   821  O  OH  . TYR B 1 19 ? -8.148  -17.306 -8.836  1.00 35.17 ? 16  TYR B OH  1 
ATOM   822  N  N   . ARG B 1 20 ? -8.094  -9.403  -5.893  1.00 32.81 ? 17  ARG B N   1 
ATOM   823  C  CA  . ARG B 1 20 ? -7.717  -8.200  -5.188  1.00 31.72 ? 17  ARG B CA  1 
ATOM   824  C  C   . ARG B 1 20 ? -6.587  -8.622  -4.267  1.00 29.65 ? 17  ARG B C   1 
ATOM   825  O  O   . ARG B 1 20 ? -6.765  -9.511  -3.438  1.00 29.32 ? 17  ARG B O   1 
ATOM   826  C  CB  . ARG B 1 20 ? -8.893  -7.578  -4.393  1.00 32.48 ? 17  ARG B CB  1 
ATOM   827  C  CG  . ARG B 1 20 ? -8.592  -6.122  -4.002  1.00 36.28 ? 17  ARG B CG  1 
ATOM   828  C  CD  . ARG B 1 20 ? -9.411  -5.570  -2.807  1.00 42.32 ? 17  ARG B CD  1 
ATOM   829  N  NE  . ARG B 1 20 ? -8.818  -4.294  -2.374  1.00 45.19 ? 17  ARG B NE  1 
ATOM   830  C  CZ  . ARG B 1 20 ? -9.107  -3.094  -2.888  1.00 46.97 ? 17  ARG B CZ  1 
ATOM   831  N  NH1 . ARG B 1 20 ? -10.021 -2.958  -3.857  1.00 45.82 ? 17  ARG B NH1 1 
ATOM   832  N  NH2 . ARG B 1 20 ? -8.482  -2.013  -2.414  1.00 48.22 ? 17  ARG B NH2 1 
ATOM   833  N  N   . VAL B 1 21 ? -5.408  -8.037  -4.479  1.00 27.53 ? 18  VAL B N   1 
ATOM   834  C  CA  . VAL B 1 21 ? -4.242  -8.281  -3.614  1.00 25.33 ? 18  VAL B CA  1 
ATOM   835  C  C   . VAL B 1 21 ? -4.158  -7.056  -2.702  1.00 23.86 ? 18  VAL B C   1 
ATOM   836  O  O   . VAL B 1 21 ? -4.380  -5.941  -3.164  1.00 24.43 ? 18  VAL B O   1 
ATOM   837  C  CB  . VAL B 1 21 ? -2.945  -8.478  -4.421  1.00 25.06 ? 18  VAL B CB  1 
ATOM   838  C  CG1 . VAL B 1 21 ? -1.821  -8.917  -3.490  1.00 23.46 ? 18  VAL B CG1 1 
ATOM   839  C  CG2 . VAL B 1 21 ? -3.141  -9.504  -5.482  1.00 23.12 ? 18  VAL B CG2 1 
ATOM   840  N  N   . GLU B 1 22 ? -3.966  -7.273  -1.397  1.00 23.27 ? 19  GLU B N   1 
ATOM   841  C  CA  . GLU B 1 22 ? -3.743  -6.162  -0.464  1.00 22.40 ? 19  GLU B CA  1 
ATOM   842  C  C   . GLU B 1 22 ? -2.593  -6.442  0.481   1.00 22.10 ? 19  GLU B C   1 
ATOM   843  O  O   . GLU B 1 22 ? -2.264  -7.599  0.747   1.00 22.53 ? 19  GLU B O   1 
ATOM   844  C  CB  . GLU B 1 22 ? -4.999  -5.862  0.353   1.00 23.05 ? 19  GLU B CB  1 
ATOM   845  C  CG  . GLU B 1 22 ? -6.000  -6.998  0.519   1.00 24.95 ? 19  GLU B CG  1 
ATOM   846  C  CD  . GLU B 1 22 ? -7.227  -6.542  1.276   1.00 28.70 ? 19  GLU B CD  1 
ATOM   847  O  OE1 . GLU B 1 22 ? -7.295  -6.901  2.490   1.00 28.26 ? 19  GLU B OE1 1 
ATOM   848  O  OE2 . GLU B 1 22 ? -8.069  -5.800  0.660   1.00 28.71 ? 19  GLU B OE2 1 
ATOM   849  N  N   . GLY B 1 23 ? -2.031  -5.376  1.032   1.00 20.34 ? 20  GLY B N   1 
ATOM   850  C  CA  . GLY B 1 23 ? -0.950  -5.502  1.963   1.00 19.81 ? 20  GLY B CA  1 
ATOM   851  C  C   . GLY B 1 23 ? 0.452   -5.389  1.371   1.00 18.96 ? 20  GLY B C   1 
ATOM   852  O  O   . GLY B 1 23 ? 0.708   -4.701  0.369   1.00 19.73 ? 20  GLY B O   1 
ATOM   853  N  N   . GLN B 1 24 ? 1.380   -6.055  2.026   1.00 17.61 ? 21  GLN B N   1 
ATOM   854  C  CA  . GLN B 1 24 ? 2.767   -5.844  1.847   1.00 17.64 ? 21  GLN B CA  1 
ATOM   855  C  C   . GLN B 1 24 ? 3.316   -7.046  1.089   1.00 18.49 ? 21  GLN B C   1 
ATOM   856  O  O   . GLN B 1 24 ? 3.160   -8.171  1.556   1.00 18.37 ? 21  GLN B O   1 
ATOM   857  C  CB  . GLN B 1 24 ? 3.477   -5.746  3.202   1.00 18.03 ? 21  GLN B CB  1 
ATOM   858  C  CG  . GLN B 1 24 ? 2.885   -4.799  4.246   1.00 17.39 ? 21  GLN B CG  1 
ATOM   859  C  CD  . GLN B 1 24 ? 2.421   -3.498  3.729   1.00 17.26 ? 21  GLN B CD  1 
ATOM   860  O  OE1 . GLN B 1 24 ? 3.109   -2.876  2.936   1.00 14.20 ? 21  GLN B OE1 1 
ATOM   861  N  NE2 . GLN B 1 24 ? 1.228   -3.055  4.162   1.00 15.21 ? 21  GLN B NE2 1 
ATOM   862  N  N   . LEU B 1 25 ? 3.906   -6.826  -0.071  1.00 18.85 ? 22  LEU B N   1 
ATOM   863  C  CA  . LEU B 1 25 ? 4.530   -7.901  -0.847  1.00 20.88 ? 22  LEU B CA  1 
ATOM   864  C  C   . LEU B 1 25 ? 6.049   -7.872  -0.815  1.00 21.72 ? 22  LEU B C   1 
ATOM   865  O  O   . LEU B 1 25 ? 6.653   -6.982  -1.329  1.00 20.82 ? 22  LEU B O   1 
ATOM   866  C  CB  . LEU B 1 25 ? 4.038   -7.889  -2.276  1.00 21.26 ? 22  LEU B CB  1 
ATOM   867  C  CG  . LEU B 1 25 ? 2.595   -8.216  -2.499  1.00 20.02 ? 22  LEU B CG  1 
ATOM   868  C  CD1 . LEU B 1 25 ? 2.193   -8.149  -3.871  1.00 18.12 ? 22  LEU B CD1 1 
ATOM   869  C  CD2 . LEU B 1 25 ? 2.321   -9.524  -1.966  1.00 25.14 ? 22  LEU B CD2 1 
ATOM   870  N  N   . PHE B 1 26 ? 6.623   -8.866  -0.169  1.00 24.61 ? 23  PHE B N   1 
ATOM   871  C  CA  . PHE B 1 26 ? 8.044   -9.047  -0.020  1.00 26.79 ? 23  PHE B CA  1 
ATOM   872  C  C   . PHE B 1 26 ? 8.479   -10.404 -0.510  1.00 28.77 ? 23  PHE B C   1 
ATOM   873  O  O   . PHE B 1 26 ? 7.689   -11.300 -0.743  1.00 29.16 ? 23  PHE B O   1 
ATOM   874  C  CB  . PHE B 1 26 ? 8.453   -9.074  1.434   1.00 27.46 ? 23  PHE B CB  1 
ATOM   875  C  CG  . PHE B 1 26 ? 8.265   -7.808  2.156   1.00 29.42 ? 23  PHE B CG  1 
ATOM   876  C  CD1 . PHE B 1 26 ? 7.415   -7.748  3.225   1.00 31.83 ? 23  PHE B CD1 1 
ATOM   877  C  CD2 . PHE B 1 26 ? 8.962   -6.692  1.807   1.00 31.89 ? 23  PHE B CD2 1 
ATOM   878  C  CE1 . PHE B 1 26 ? 7.229   -6.592  3.909   1.00 32.41 ? 23  PHE B CE1 1 
ATOM   879  C  CE2 . PHE B 1 26 ? 8.781   -5.526  2.500   1.00 33.57 ? 23  PHE B CE2 1 
ATOM   880  C  CZ  . PHE B 1 26 ? 7.905   -5.477  3.543   1.00 33.29 ? 23  PHE B CZ  1 
ATOM   881  N  N   . TYR B 1 27 ? 9.784   -10.531 -0.599  1.00 29.99 ? 24  TYR B N   1 
ATOM   882  C  CA  . TYR B 1 27 ? 10.490  -11.767 -0.833  1.00 32.41 ? 24  TYR B CA  1 
ATOM   883  C  C   . TYR B 1 27 ? 9.887   -12.951 -0.108  1.00 32.86 ? 24  TYR B C   1 
ATOM   884  O  O   . TYR B 1 27 ? 9.531   -13.928 -0.693  1.00 33.46 ? 24  TYR B O   1 
ATOM   885  C  CB  . TYR B 1 27 ? 11.912  -11.570 -0.334  1.00 32.31 ? 24  TYR B CB  1 
ATOM   886  C  CG  . TYR B 1 27 ? 12.784  -12.785 -0.407  1.00 35.67 ? 24  TYR B CG  1 
ATOM   887  C  CD1 . TYR B 1 27 ? 13.329  -13.207 -1.601  1.00 37.49 ? 24  TYR B CD1 1 
ATOM   888  C  CD2 . TYR B 1 27 ? 13.068  -13.512 0.717   1.00 38.44 ? 24  TYR B CD2 1 
ATOM   889  C  CE1 . TYR B 1 27 ? 14.135  -14.307 -1.673  1.00 39.22 ? 24  TYR B CE1 1 
ATOM   890  C  CE2 . TYR B 1 27 ? 13.879  -14.628 0.654   1.00 40.42 ? 24  TYR B CE2 1 
ATOM   891  C  CZ  . TYR B 1 27 ? 14.407  -15.019 -0.542  1.00 39.90 ? 24  TYR B CZ  1 
ATOM   892  O  OH  . TYR B 1 27 ? 15.215  -16.119 -0.590  1.00 41.52 ? 24  TYR B OH  1 
ATOM   893  N  N   . GLY B 1 28 ? 9.788   -12.826 1.192   1.00 34.41 ? 25  GLY B N   1 
ATOM   894  C  CA  . GLY B 1 28 ? 9.279   -13.880 2.084   1.00 35.53 ? 25  GLY B CA  1 
ATOM   895  C  C   . GLY B 1 28 ? 7.929   -14.477 1.703   1.00 36.67 ? 25  GLY B C   1 
ATOM   896  O  O   . GLY B 1 28 ? 7.688   -15.666 1.873   1.00 37.22 ? 25  GLY B O   1 
ATOM   897  N  N   . SER B 1 29 ? 7.042   -13.703 1.135   1.00 38.51 ? 26  SER B N   1 
ATOM   898  C  CA  . SER B 1 29 ? 5.723   -14.244 0.935   1.00 39.44 ? 26  SER B CA  1 
ATOM   899  C  C   . SER B 1 29 ? 5.394   -14.869 -0.405  1.00 39.61 ? 26  SER B C   1 
ATOM   900  O  O   . SER B 1 29 ? 4.267   -15.234 -0.627  1.00 39.63 ? 26  SER B O   1 
ATOM   901  C  CB  . SER B 1 29 ? 4.710   -13.162 1.215   1.00 39.64 ? 26  SER B CB  1 
ATOM   902  O  OG  . SER B 1 29 ? 5.042   -11.981 0.531   1.00 41.40 ? 26  SER B OG  1 
ATOM   903  N  N   . VAL B 1 30 ? 6.357   -14.986 -1.302  1.00 40.52 ? 27  VAL B N   1 
ATOM   904  C  CA  . VAL B 1 30 ? 6.041   -15.328 -2.682  1.00 40.78 ? 27  VAL B CA  1 
ATOM   905  C  C   . VAL B 1 30 ? 5.278   -16.611 -2.977  1.00 39.85 ? 27  VAL B C   1 
ATOM   906  O  O   . VAL B 1 30 ? 4.346   -16.615 -3.726  1.00 39.25 ? 27  VAL B O   1 
ATOM   907  C  CB  . VAL B 1 30 ? 7.243   -15.235 -3.595  1.00 40.93 ? 27  VAL B CB  1 
ATOM   908  C  CG1 . VAL B 1 30 ? 7.962   -13.947 -3.392  1.00 42.81 ? 27  VAL B CG1 1 
ATOM   909  C  CG2 . VAL B 1 30 ? 8.130   -16.389 -3.410  1.00 42.77 ? 27  VAL B CG2 1 
ATOM   910  N  N   . GLU B 1 31 ? 5.662   -17.701 -2.387  1.00 39.23 ? 28  GLU B N   1 
ATOM   911  C  CA  . GLU B 1 31 ? 4.989   -18.970 -2.632  1.00 39.44 ? 28  GLU B CA  1 
ATOM   912  C  C   . GLU B 1 31 ? 3.574   -18.964 -2.061  1.00 38.51 ? 28  GLU B C   1 
ATOM   913  O  O   . GLU B 1 31 ? 2.649   -19.511 -2.661  1.00 37.59 ? 28  GLU B O   1 
ATOM   914  C  CB  . GLU B 1 31 ? 5.791   -20.127 -2.033  1.00 40.37 ? 28  GLU B CB  1 
ATOM   915  C  CG  . GLU B 1 31 ? 6.040   -20.003 -0.539  1.00 42.67 ? 28  GLU B CG  1 
ATOM   916  C  CD  . GLU B 1 31 ? 7.422   -19.468 -0.221  1.00 44.65 ? 28  GLU B CD  1 
ATOM   917  O  OE1 . GLU B 1 31 ? 8.243   -20.229 0.332   1.00 46.27 ? 28  GLU B OE1 1 
ATOM   918  O  OE2 . GLU B 1 31 ? 7.688   -18.285 -0.523  1.00 43.12 ? 28  GLU B OE2 1 
ATOM   919  N  N   . ASP B 1 32 ? 3.415   -18.341 -0.898  1.00 37.83 ? 29  ASP B N   1 
ATOM   920  C  CA  . ASP B 1 32 ? 2.115   -18.261 -0.244  1.00 37.20 ? 29  ASP B CA  1 
ATOM   921  C  C   . ASP B 1 32 ? 1.223   -17.400 -1.150  1.00 37.25 ? 29  ASP B C   1 
ATOM   922  O  O   . ASP B 1 32 ? 0.044   -17.648 -1.326  1.00 36.73 ? 29  ASP B O   1 
ATOM   923  C  CB  . ASP B 1 32 ? 2.237   -17.672 1.195   1.00 37.63 ? 29  ASP B CB  1 
ATOM   924  C  CG  . ASP B 1 32 ? 2.921   -18.644 2.213   1.00 37.64 ? 29  ASP B CG  1 
ATOM   925  O  OD1 . ASP B 1 32 ? 3.016   -19.838 1.857   1.00 33.42 ? 29  ASP B OD1 1 
ATOM   926  O  OD2 . ASP B 1 32 ? 3.343   -18.224 3.362   1.00 35.13 ? 29  ASP B OD2 1 
ATOM   927  N  N   . PHE B 1 33 ? 1.856   -16.382 -1.742  1.00 37.68 ? 30  PHE B N   1 
ATOM   928  C  CA  . PHE B 1 33 ? 1.261   -15.535 -2.772  1.00 37.29 ? 30  PHE B CA  1 
ATOM   929  C  C   . PHE B 1 33 ? 0.830   -16.361 -4.026  1.00 37.16 ? 30  PHE B C   1 
ATOM   930  O  O   . PHE B 1 33 ? -0.275  -16.161 -4.563  1.00 36.86 ? 30  PHE B O   1 
ATOM   931  C  CB  . PHE B 1 33 ? 2.249   -14.376 -3.118  1.00 36.97 ? 30  PHE B CB  1 
ATOM   932  C  CG  . PHE B 1 33 ? 1.868   -13.580 -4.341  1.00 36.58 ? 30  PHE B CG  1 
ATOM   933  C  CD1 . PHE B 1 33 ? 0.988   -12.535 -4.257  1.00 38.57 ? 30  PHE B CD1 1 
ATOM   934  C  CD2 . PHE B 1 33 ? 2.373   -13.901 -5.578  1.00 38.13 ? 30  PHE B CD2 1 
ATOM   935  C  CE1 . PHE B 1 33 ? 0.613   -11.802 -5.395  1.00 40.50 ? 30  PHE B CE1 1 
ATOM   936  C  CE2 . PHE B 1 33 ? 2.003   -13.180 -6.711  1.00 38.65 ? 30  PHE B CE2 1 
ATOM   937  C  CZ  . PHE B 1 33 ? 1.134   -12.145 -6.630  1.00 38.00 ? 30  PHE B CZ  1 
HETATM 938  N  N   . MSE B 1 34 ? 1.703   -17.254 -4.499  1.00 36.95 ? 31  MSE B N   1 
HETATM 939  C  CA  . MSE B 1 34 ? 1.428   -18.014 -5.725  1.00 36.43 ? 31  MSE B CA  1 
HETATM 940  C  C   . MSE B 1 34 ? 0.210   -18.970 -5.464  1.00 37.34 ? 31  MSE B C   1 
HETATM 941  O  O   . MSE B 1 34 ? -0.653  -19.156 -6.355  1.00 36.20 ? 31  MSE B O   1 
HETATM 942  C  CB  . MSE B 1 34 ? 2.696   -18.791 -6.218  1.00 36.98 ? 31  MSE B CB  1 
HETATM 943  C  CG  . MSE B 1 34 ? 3.874   -17.932 -6.868  1.00 34.84 ? 31  MSE B CG  1 
HETATM 944  SE SE  . MSE B 1 34 ? 3.249   -16.683 -8.246  0.70 34.01 ? 31  MSE B SE  1 
HETATM 945  C  CE  . MSE B 1 34 ? 2.912   -17.819 -9.857  1.00 32.05 ? 31  MSE B CE  1 
ATOM   946  N  N   . ALA B 1 35 ? 0.142   -19.504 -4.228  1.00 37.43 ? 32  ALA B N   1 
ATOM   947  C  CA  . ALA B 1 35 ? -0.969  -20.363 -3.734  1.00 37.91 ? 32  ALA B CA  1 
ATOM   948  C  C   . ALA B 1 35 ? -2.331  -19.685 -3.609  1.00 38.24 ? 32  ALA B C   1 
ATOM   949  O  O   . ALA B 1 35 ? -3.349  -20.363 -3.481  1.00 38.57 ? 32  ALA B O   1 
ATOM   950  C  CB  . ALA B 1 35 ? -0.593  -21.025 -2.372  1.00 37.18 ? 32  ALA B CB  1 
ATOM   951  N  N   . ALA B 1 36 ? -2.362  -18.360 -3.617  1.00 38.60 ? 33  ALA B N   1 
ATOM   952  C  CA  . ALA B 1 36 ? -3.627  -17.630 -3.550  1.00 38.61 ? 33  ALA B CA  1 
ATOM   953  C  C   . ALA B 1 36 ? -4.434  -17.773 -4.832  1.00 38.53 ? 33  ALA B C   1 
ATOM   954  O  O   . ALA B 1 36 ? -5.624  -17.468 -4.834  1.00 38.19 ? 33  ALA B O   1 
ATOM   955  C  CB  . ALA B 1 36 ? -3.377  -16.140 -3.297  1.00 38.21 ? 33  ALA B CB  1 
ATOM   956  N  N   . PHE B 1 37 ? -3.792  -18.192 -5.928  1.00 38.11 ? 34  PHE B N   1 
ATOM   957  C  CA  . PHE B 1 37 ? -4.445  -18.170 -7.234  1.00 38.07 ? 34  PHE B CA  1 
ATOM   958  C  C   . PHE B 1 37 ? -4.804  -19.568 -7.664  1.00 38.06 ? 34  PHE B C   1 
ATOM   959  O  O   . PHE B 1 37 ? -4.084  -20.507 -7.336  1.00 38.15 ? 34  PHE B O   1 
ATOM   960  C  CB  . PHE B 1 37 ? -3.530  -17.524 -8.279  1.00 38.07 ? 34  PHE B CB  1 
ATOM   961  C  CG  . PHE B 1 37 ? -3.110  -16.132 -7.916  1.00 36.96 ? 34  PHE B CG  1 
ATOM   962  C  CD1 . PHE B 1 37 ? -3.822  -15.041 -8.380  1.00 34.78 ? 34  PHE B CD1 1 
ATOM   963  C  CD2 . PHE B 1 37 ? -2.032  -15.923 -7.086  1.00 35.80 ? 34  PHE B CD2 1 
ATOM   964  C  CE1 . PHE B 1 37 ? -3.470  -13.786 -8.041  1.00 35.07 ? 34  PHE B CE1 1 
ATOM   965  C  CE2 . PHE B 1 37 ? -1.661  -14.657 -6.747  1.00 36.41 ? 34  PHE B CE2 1 
ATOM   966  C  CZ  . PHE B 1 37 ? -2.378  -13.579 -7.221  1.00 36.49 ? 34  PHE B CZ  1 
ATOM   967  N  N   . ASP B 1 38 ? -5.924  -19.692 -8.378  1.00 38.19 ? 35  ASP B N   1 
ATOM   968  C  CA  . ASP B 1 38 ? -6.287  -20.933 -9.063  1.00 38.39 ? 35  ASP B CA  1 
ATOM   969  C  C   . ASP B 1 38 ? -6.169  -20.673 -10.562 1.00 38.44 ? 35  ASP B C   1 
ATOM   970  O  O   . ASP B 1 38 ? -7.096  -20.136 -11.193 1.00 37.75 ? 35  ASP B O   1 
ATOM   971  C  CB  . ASP B 1 38 ? -7.715  -21.409 -8.712  1.00 38.64 ? 35  ASP B CB  1 
ATOM   972  C  CG  . ASP B 1 38 ? -8.156  -22.647 -9.530  1.00 39.07 ? 35  ASP B CG  1 
ATOM   973  O  OD1 . ASP B 1 38 ? -7.280  -23.469 -9.888  1.00 40.00 ? 35  ASP B OD1 1 
ATOM   974  O  OD2 . ASP B 1 38 ? -9.370  -22.799 -9.811  1.00 39.23 ? 35  ASP B OD2 1 
ATOM   975  N  N   . PHE B 1 39 ? -5.026  -21.072 -11.121 1.00 38.73 ? 36  PHE B N   1 
ATOM   976  C  CA  . PHE B 1 39 ? -4.752  -20.957 -12.573 1.00 38.87 ? 36  PHE B CA  1 
ATOM   977  C  C   . PHE B 1 39 ? -5.444  -22.061 -13.461 1.00 39.66 ? 36  PHE B C   1 
ATOM   978  O  O   . PHE B 1 39 ? -5.489  -21.927 -14.688 1.00 40.22 ? 36  PHE B O   1 
ATOM   979  C  CB  . PHE B 1 39 ? -3.237  -20.996 -12.821 1.00 38.07 ? 36  PHE B CB  1 
ATOM   980  C  CG  . PHE B 1 39 ? -2.423  -20.058 -11.949 1.00 35.95 ? 36  PHE B CG  1 
ATOM   981  C  CD1 . PHE B 1 39 ? -2.526  -18.674 -12.093 1.00 32.99 ? 36  PHE B CD1 1 
ATOM   982  C  CD2 . PHE B 1 39 ? -1.516  -20.575 -11.005 1.00 33.11 ? 36  PHE B CD2 1 
ATOM   983  C  CE1 . PHE B 1 39 ? -1.744  -17.823 -11.307 1.00 32.23 ? 36  PHE B CE1 1 
ATOM   984  C  CE2 . PHE B 1 39 ? -0.735  -19.736 -10.207 1.00 31.19 ? 36  PHE B CE2 1 
ATOM   985  C  CZ  . PHE B 1 39 ? -0.828  -18.358 -10.365 1.00 30.39 ? 36  PHE B CZ  1 
ATOM   986  N  N   . ARG B 1 40 ? -5.976  -23.124 -12.835 1.00 40.65 ? 37  ARG B N   1 
ATOM   987  C  CA  . ARG B 1 40 ? -6.602  -24.290 -13.531 1.00 41.24 ? 37  ARG B CA  1 
ATOM   988  C  C   . ARG B 1 40 ? -8.065  -24.059 -13.900 1.00 41.36 ? 37  ARG B C   1 
ATOM   989  O  O   . ARG B 1 40 ? -8.609  -24.750 -14.763 1.00 41.36 ? 37  ARG B O   1 
ATOM   990  C  CB  . ARG B 1 40 ? -6.524  -25.536 -12.647 1.00 41.36 ? 37  ARG B CB  1 
ATOM   991  C  CG  . ARG B 1 40 ? -5.210  -25.664 -11.882 1.00 42.49 ? 37  ARG B CG  1 
ATOM   992  C  CD  . ARG B 1 40 ? -4.688  -27.072 -11.917 1.00 44.31 ? 37  ARG B CD  1 
ATOM   993  N  NE  . ARG B 1 40 ? -3.272  -27.109 -11.554 1.00 44.67 ? 37  ARG B NE  1 
ATOM   994  C  CZ  . ARG B 1 40 ? -2.418  -28.069 -11.922 1.00 45.49 ? 37  ARG B CZ  1 
ATOM   995  N  NH1 . ARG B 1 40 ? -2.818  -29.097 -12.683 1.00 44.71 ? 37  ARG B NH1 1 
ATOM   996  N  NH2 . ARG B 1 40 ? -1.150  -28.001 -11.527 1.00 44.63 ? 37  ARG B NH2 1 
ATOM   997  N  N   . GLU B 1 41 ? -8.692  -23.132 -13.177 1.00 41.65 ? 38  GLU B N   1 
ATOM   998  C  CA  . GLU B 1 41 ? -9.987  -22.567 -13.520 1.00 42.06 ? 38  GLU B CA  1 
ATOM   999  C  C   . GLU B 1 41 ? -9.977  -22.061 -14.958 1.00 41.74 ? 38  GLU B C   1 
ATOM   1000 O  O   . GLU B 1 41 ? -9.511  -20.952 -15.207 1.00 41.02 ? 38  GLU B O   1 
ATOM   1001 C  CB  . GLU B 1 41 ? -10.300 -21.401 -12.557 1.00 42.33 ? 38  GLU B CB  1 
ATOM   1002 C  CG  . GLU B 1 41 ? -11.562 -20.567 -12.881 1.00 44.33 ? 38  GLU B CG  1 
ATOM   1003 C  CD  . GLU B 1 41 ? -11.908 -19.531 -11.789 1.00 47.57 ? 38  GLU B CD  1 
ATOM   1004 O  OE1 . GLU B 1 41 ? -11.594 -19.793 -10.605 1.00 50.06 ? 38  GLU B OE1 1 
ATOM   1005 O  OE2 . GLU B 1 41 ? -12.496 -18.453 -12.104 1.00 49.16 ? 38  GLU B OE2 1 
ATOM   1006 N  N   . PRO B 1 42 ? -10.493 -22.863 -15.914 1.00 41.65 ? 39  PRO B N   1 
ATOM   1007 C  CA  . PRO B 1 42 ? -10.539 -22.255 -17.244 1.00 41.69 ? 39  PRO B CA  1 
ATOM   1008 C  C   . PRO B 1 42 ? -11.365 -20.944 -17.212 1.00 41.28 ? 39  PRO B C   1 
ATOM   1009 O  O   . PRO B 1 42 ? -12.489 -20.944 -16.718 1.00 41.24 ? 39  PRO B O   1 
ATOM   1010 C  CB  . PRO B 1 42 ? -11.199 -23.356 -18.127 1.00 41.75 ? 39  PRO B CB  1 
ATOM   1011 C  CG  . PRO B 1 42 ? -11.139 -24.641 -17.307 1.00 41.74 ? 39  PRO B CG  1 
ATOM   1012 C  CD  . PRO B 1 42 ? -11.194 -24.167 -15.872 1.00 41.74 ? 39  PRO B CD  1 
ATOM   1013 N  N   . LEU B 1 43 ? -10.792 -19.840 -17.692 1.00 41.15 ? 40  LEU B N   1 
ATOM   1014 C  CA  . LEU B 1 43 ? -11.468 -18.528 -17.671 1.00 40.75 ? 40  LEU B CA  1 
ATOM   1015 C  C   . LEU B 1 43 ? -11.088 -17.681 -18.863 1.00 40.02 ? 40  LEU B C   1 
ATOM   1016 O  O   . LEU B 1 43 ? -9.936  -17.732 -19.337 1.00 39.60 ? 40  LEU B O   1 
ATOM   1017 C  CB  . LEU B 1 43 ? -11.106 -17.724 -16.413 1.00 40.77 ? 40  LEU B CB  1 
ATOM   1018 C  CG  . LEU B 1 43 ? -11.551 -18.274 -15.049 1.00 41.27 ? 40  LEU B CG  1 
ATOM   1019 C  CD1 . LEU B 1 43 ? -10.917 -17.348 -14.009 1.00 40.53 ? 40  LEU B CD1 1 
ATOM   1020 C  CD2 . LEU B 1 43 ? -13.103 -18.416 -14.855 1.00 38.76 ? 40  LEU B CD2 1 
ATOM   1021 N  N   . GLU B 1 44 ? -12.047 -16.868 -19.306 1.00 39.20 ? 41  GLU B N   1 
ATOM   1022 C  CA  . GLU B 1 44 ? -11.846 -15.985 -20.459 1.00 38.60 ? 41  GLU B CA  1 
ATOM   1023 C  C   . GLU B 1 44 ? -10.940 -14.774 -20.104 1.00 37.67 ? 41  GLU B C   1 
ATOM   1024 O  O   . GLU B 1 44 ? -9.922  -14.537 -20.776 1.00 38.13 ? 41  GLU B O   1 
ATOM   1025 C  CB  . GLU B 1 44 ? -13.195 -15.543 -21.058 1.00 38.92 ? 41  GLU B CB  1 
ATOM   1026 N  N   . ARG B 1 45 ? -11.298 -14.035 -19.052 1.00 36.11 ? 42  ARG B N   1 
ATOM   1027 C  CA  . ARG B 1 45 ? -10.536 -12.861 -18.615 1.00 34.69 ? 42  ARG B CA  1 
ATOM   1028 C  C   . ARG B 1 45 ? -10.316 -12.895 -17.070 1.00 33.60 ? 42  ARG B C   1 
ATOM   1029 O  O   . ARG B 1 45 ? -11.258 -13.107 -16.296 1.00 32.54 ? 42  ARG B O   1 
ATOM   1030 C  CB  . ARG B 1 45 ? -11.237 -11.560 -19.077 1.00 34.32 ? 42  ARG B CB  1 
ATOM   1031 N  N   . VAL B 1 46 ? -9.057  -12.716 -16.658 1.00 32.30 ? 43  VAL B N   1 
ATOM   1032 C  CA  . VAL B 1 46 ? -8.653  -12.566 -15.248 1.00 31.08 ? 43  VAL B CA  1 
ATOM   1033 C  C   . VAL B 1 46 ? -8.058  -11.169 -15.092 1.00 30.48 ? 43  VAL B C   1 
ATOM   1034 O  O   . VAL B 1 46 ? -7.238  -10.746 -15.919 1.00 31.33 ? 43  VAL B O   1 
ATOM   1035 C  CB  . VAL B 1 46 ? -7.561  -13.613 -14.821 1.00 30.78 ? 43  VAL B CB  1 
ATOM   1036 C  CG1 . VAL B 1 46 ? -7.194  -13.458 -13.346 1.00 27.69 ? 43  VAL B CG1 1 
ATOM   1037 C  CG2 . VAL B 1 46 ? -8.023  -15.049 -15.143 1.00 30.66 ? 43  VAL B CG2 1 
ATOM   1038 N  N   . THR B 1 47 ? -8.478  -10.438 -14.061 1.00 29.43 ? 44  THR B N   1 
ATOM   1039 C  CA  . THR B 1 47 ? -7.793  -9.197  -13.655 1.00 28.59 ? 44  THR B CA  1 
ATOM   1040 C  C   . THR B 1 47 ? -7.099  -9.470  -12.325 1.00 27.25 ? 44  THR B C   1 
ATOM   1041 O  O   . THR B 1 47 ? -7.668  -10.110 -11.453 1.00 25.78 ? 44  THR B O   1 
ATOM   1042 C  CB  . THR B 1 47 ? -8.776  -7.956  -13.555 1.00 28.77 ? 44  THR B CB  1 
ATOM   1043 O  OG1 . THR B 1 47 ? -9.313  -7.635  -14.852 1.00 30.48 ? 44  THR B OG1 1 
ATOM   1044 C  CG2 . THR B 1 47 ? -8.077  -6.705  -12.982 1.00 28.95 ? 44  THR B CG2 1 
ATOM   1045 N  N   . ILE B 1 48 ? -5.836  -9.065  -12.199 1.00 26.57 ? 45  ILE B N   1 
ATOM   1046 C  CA  . ILE B 1 48 ? -5.171  -9.068  -10.924 1.00 26.12 ? 45  ILE B CA  1 
ATOM   1047 C  C   . ILE B 1 48 ? -5.010  -7.583  -10.586 1.00 26.68 ? 45  ILE B C   1 
ATOM   1048 O  O   . ILE B 1 48 ? -4.343  -6.818  -11.303 1.00 27.56 ? 45  ILE B O   1 
ATOM   1049 C  CB  . ILE B 1 48 ? -3.837  -9.868  -10.952 1.00 25.95 ? 45  ILE B CB  1 
ATOM   1050 C  CG1 . ILE B 1 48 ? -4.096  -11.372 -11.122 1.00 26.13 ? 45  ILE B CG1 1 
ATOM   1051 C  CG2 . ILE B 1 48 ? -3.079  -9.686  -9.674  1.00 25.24 ? 45  ILE B CG2 1 
ATOM   1052 C  CD1 . ILE B 1 48 ? -2.835  -12.188 -11.592 1.00 20.99 ? 45  ILE B CD1 1 
ATOM   1053 N  N   . ASP B 1 49 ? -5.679  -7.176  -9.517  1.00 27.47 ? 46  ASP B N   1 
ATOM   1054 C  CA  . ASP B 1 49 ? -5.713  -5.788  -9.045  1.00 27.26 ? 46  ASP B CA  1 
ATOM   1055 C  C   . ASP B 1 49 ? -4.819  -5.680  -7.789  1.00 26.58 ? 46  ASP B C   1 
ATOM   1056 O  O   . ASP B 1 49 ? -5.080  -6.270  -6.747  1.00 25.91 ? 46  ASP B O   1 
ATOM   1057 C  CB  . ASP B 1 49 ? -7.195  -5.401  -8.784  1.00 28.24 ? 46  ASP B CB  1 
ATOM   1058 C  CG  . ASP B 1 49 ? -7.382  -4.109  -7.944  1.00 28.81 ? 46  ASP B CG  1 
ATOM   1059 O  OD1 . ASP B 1 49 ? -6.442  -3.550  -7.350  1.00 30.89 ? 46  ASP B OD1 1 
ATOM   1060 O  OD2 . ASP B 1 49 ? -8.534  -3.651  -7.871  1.00 32.70 ? 46  ASP B OD2 1 
ATOM   1061 N  N   . VAL B 1 50 ? -3.747  -4.930  -7.915  1.00 25.77 ? 47  VAL B N   1 
ATOM   1062 C  CA  . VAL B 1 50 ? -2.774  -4.860  -6.877  1.00 25.45 ? 47  VAL B CA  1 
ATOM   1063 C  C   . VAL B 1 50 ? -2.751  -3.480  -6.297  1.00 25.16 ? 47  VAL B C   1 
ATOM   1064 O  O   . VAL B 1 50 ? -1.813  -3.092  -5.629  1.00 24.45 ? 47  VAL B O   1 
ATOM   1065 C  CB  . VAL B 1 50 ? -1.382  -5.281  -7.409  1.00 24.87 ? 47  VAL B CB  1 
ATOM   1066 C  CG1 . VAL B 1 50 ? -1.412  -6.730  -7.736  1.00 23.62 ? 47  VAL B CG1 1 
ATOM   1067 C  CG2 . VAL B 1 50 ? -0.953  -4.429  -8.621  1.00 25.42 ? 47  VAL B CG2 1 
ATOM   1068 N  N   . SER B 1 51 ? -3.826  -2.743  -6.529  1.00 26.11 ? 48  SER B N   1 
ATOM   1069 C  CA  . SER B 1 51 ? -3.898  -1.375  -6.080  1.00 26.34 ? 48  SER B CA  1 
ATOM   1070 C  C   . SER B 1 51 ? -3.868  -1.332  -4.572  1.00 26.78 ? 48  SER B C   1 
ATOM   1071 O  O   . SER B 1 51 ? -3.331  -0.345  -4.022  1.00 27.79 ? 48  SER B O   1 
ATOM   1072 C  CB  . SER B 1 51 ? -5.174  -0.660  -6.594  1.00 27.17 ? 48  SER B CB  1 
ATOM   1073 O  OG  . SER B 1 51 ? -6.315  -1.350  -6.157  1.00 23.86 ? 48  SER B OG  1 
ATOM   1074 N  N   . ARG B 1 52 ? -4.401  -2.370  -3.899  1.00 25.41 ? 49  ARG B N   1 
ATOM   1075 C  CA  . ARG B 1 52 ? -4.364  -2.391  -2.429  1.00 24.60 ? 49  ARG B CA  1 
ATOM   1076 C  C   . ARG B 1 52 ? -3.076  -2.936  -1.821  1.00 23.10 ? 49  ARG B C   1 
ATOM   1077 O  O   . ARG B 1 52 ? -3.007  -3.115  -0.600  1.00 23.19 ? 49  ARG B O   1 
ATOM   1078 C  CB  . ARG B 1 52 ? -5.546  -3.197  -1.853  1.00 24.79 ? 49  ARG B CB  1 
ATOM   1079 N  N   . ALA B 1 53 ? -2.071  -3.216  -2.649  1.00 21.51 ? 50  ALA B N   1 
ATOM   1080 C  CA  . ALA B 1 53 ? -0.838  -3.819  -2.187  1.00 20.05 ? 50  ALA B CA  1 
ATOM   1081 C  C   . ALA B 1 53 ? 0.372   -2.905  -2.367  1.00 18.90 ? 50  ALA B C   1 
ATOM   1082 O  O   . ALA B 1 53 ? 0.346   -2.009  -3.165  1.00 17.73 ? 50  ALA B O   1 
ATOM   1083 C  CB  . ALA B 1 53 ? -0.589  -5.072  -2.963  1.00 20.65 ? 50  ALA B CB  1 
ATOM   1084 N  N   . HIS B 1 54 ? 1.432   -3.143  -1.601  1.00 16.90 ? 51  HIS B N   1 
ATOM   1085 C  CA  . HIS B 1 54 ? 2.696   -2.516  -1.861  1.00 15.33 ? 51  HIS B CA  1 
ATOM   1086 C  C   . HIS B 1 54 ? 3.658   -3.608  -2.317  1.00 16.38 ? 51  HIS B C   1 
ATOM   1087 O  O   . HIS B 1 54 ? 3.866   -4.622  -1.639  1.00 13.49 ? 51  HIS B O   1 
ATOM   1088 C  CB  . HIS B 1 54 ? 3.255   -1.871  -0.635  1.00 15.70 ? 51  HIS B CB  1 
ATOM   1089 C  CG  . HIS B 1 54 ? 2.382   -0.804  -0.061  1.00 13.44 ? 51  HIS B CG  1 
ATOM   1090 N  ND1 . HIS B 1 54 ? 2.170   0.396   -0.699  1.00 16.60 ? 51  HIS B ND1 1 
ATOM   1091 C  CD2 . HIS B 1 54 ? 1.744   -0.709  1.128   1.00 15.62 ? 51  HIS B CD2 1 
ATOM   1092 C  CE1 . HIS B 1 54 ? 1.423   1.178   0.067   1.00 17.72 ? 51  HIS B CE1 1 
ATOM   1093 N  NE2 . HIS B 1 54 ? 1.157   0.535   1.185   1.00 11.16 ? 51  HIS B NE2 1 
ATOM   1094 N  N   . ILE B 1 55 ? 4.262   -3.357  -3.479  1.00 16.95 ? 52  ILE B N   1 
ATOM   1095 C  CA  . ILE B 1 55 ? 5.387   -4.172  -3.934  1.00 17.16 ? 52  ILE B CA  1 
ATOM   1096 C  C   . ILE B 1 55 ? 6.658   -3.520  -3.437  1.00 16.72 ? 52  ILE B C   1 
ATOM   1097 O  O   . ILE B 1 55 ? 7.026   -2.443  -3.893  1.00 17.17 ? 52  ILE B O   1 
ATOM   1098 C  CB  . ILE B 1 55 ? 5.365   -4.286  -5.457  1.00 16.30 ? 52  ILE B CB  1 
ATOM   1099 C  CG1 . ILE B 1 55 ? 4.179   -5.124  -5.866  1.00 15.53 ? 52  ILE B CG1 1 
ATOM   1100 C  CG2 . ILE B 1 55 ? 6.685   -4.906  -6.020  1.00 15.85 ? 52  ILE B CG2 1 
ATOM   1101 C  CD1 . ILE B 1 55 ? 3.749   -4.905  -7.281  1.00 19.46 ? 52  ILE B CD1 1 
ATOM   1102 N  N   . TRP B 1 56 ? 7.372   -4.226  -2.570  1.00 15.55 ? 53  TRP B N   1 
ATOM   1103 C  CA  . TRP B 1 56 ? 8.547   -3.690  -1.964  1.00 14.69 ? 53  TRP B CA  1 
ATOM   1104 C  C   . TRP B 1 56 ? 9.864   -4.082  -2.664  1.00 15.69 ? 53  TRP B C   1 
ATOM   1105 O  O   . TRP B 1 56 ? 10.875  -3.394  -2.463  1.00 17.03 ? 53  TRP B O   1 
ATOM   1106 C  CB  . TRP B 1 56 ? 8.618   -4.192  -0.528  1.00 16.33 ? 53  TRP B CB  1 
ATOM   1107 C  CG  . TRP B 1 56 ? 7.540   -3.569  0.320   1.00 15.80 ? 53  TRP B CG  1 
ATOM   1108 C  CD1 . TRP B 1 56 ? 6.433   -4.147  0.807   1.00 20.18 ? 53  TRP B CD1 1 
ATOM   1109 C  CD2 . TRP B 1 56 ? 7.491   -2.205  0.689   1.00 21.69 ? 53  TRP B CD2 1 
ATOM   1110 N  NE1 . TRP B 1 56 ? 5.683   -3.230  1.538   1.00 17.70 ? 53  TRP B NE1 1 
ATOM   1111 C  CE2 . TRP B 1 56 ? 6.323   -2.018  1.468   1.00 21.46 ? 53  TRP B CE2 1 
ATOM   1112 C  CE3 . TRP B 1 56 ? 8.343   -1.107  0.455   1.00 20.08 ? 53  TRP B CE3 1 
ATOM   1113 C  CZ2 . TRP B 1 56 ? 5.984   -0.773  2.008   1.00 22.73 ? 53  TRP B CZ2 1 
ATOM   1114 C  CZ3 . TRP B 1 56 ? 8.016   0.125   1.026   1.00 22.83 ? 53  TRP B CZ3 1 
ATOM   1115 C  CH2 . TRP B 1 56 ? 6.838   0.285   1.775   1.00 21.21 ? 53  TRP B CH2 1 
ATOM   1116 N  N   . ASP B 1 57 ? 9.912   -5.191  -3.398  1.00 14.12 ? 54  ASP B N   1 
ATOM   1117 C  CA  . ASP B 1 57 ? 11.204  -5.587  -3.951  1.00 15.41 ? 54  ASP B CA  1 
ATOM   1118 C  C   . ASP B 1 57 ? 11.034  -6.253  -5.282  1.00 14.22 ? 54  ASP B C   1 
ATOM   1119 O  O   . ASP B 1 57 ? 9.924   -6.544  -5.686  1.00 16.70 ? 54  ASP B O   1 
ATOM   1120 C  CB  . ASP B 1 57 ? 11.947  -6.541  -2.978  1.00 15.42 ? 54  ASP B CB  1 
ATOM   1121 C  CG  . ASP B 1 57 ? 11.068  -7.738  -2.548  1.00 16.51 ? 54  ASP B CG  1 
ATOM   1122 O  OD1 . ASP B 1 57 ? 10.166  -8.132  -3.302  1.00 19.57 ? 54  ASP B OD1 1 
ATOM   1123 O  OD2 . ASP B 1 57 ? 11.297  -8.267  -1.447  1.00 22.51 ? 54  ASP B OD2 1 
ATOM   1124 N  N   . ILE B 1 58 ? 12.144  -6.393  -5.981  1.00 14.36 ? 55  ILE B N   1 
ATOM   1125 C  CA  . ILE B 1 58 ? 12.171  -7.042  -7.289  1.00 14.06 ? 55  ILE B CA  1 
ATOM   1126 C  C   . ILE B 1 58 ? 11.611  -8.477  -7.277  1.00 13.22 ? 55  ILE B C   1 
ATOM   1127 O  O   . ILE B 1 58 ? 10.839  -8.812  -8.167  1.00 13.31 ? 55  ILE B O   1 
ATOM   1128 C  CB  . ILE B 1 58 ? 13.584  -6.983  -7.871  1.00 13.17 ? 55  ILE B CB  1 
ATOM   1129 C  CG1 . ILE B 1 58 ? 13.892  -5.551  -8.363  1.00 12.24 ? 55  ILE B CG1 1 
ATOM   1130 C  CG2 . ILE B 1 58 ? 13.795  -8.119  -8.959  1.00 15.28 ? 55  ILE B CG2 1 
ATOM   1131 C  CD1 . ILE B 1 58 ? 13.009  -4.994  -9.422  1.00 13.41 ? 55  ILE B CD1 1 
ATOM   1132 N  N   . SER B 1 59 ? 11.936  -9.311  -6.311  1.00 15.53 ? 56  SER B N   1 
ATOM   1133 C  CA  . SER B 1 59 ? 11.308  -10.684 -6.244  1.00 17.59 ? 56  SER B CA  1 
ATOM   1134 C  C   . SER B 1 59 ? 9.774   -10.774 -6.181  1.00 18.67 ? 56  SER B C   1 
ATOM   1135 O  O   . SER B 1 59 ? 9.157   -11.731 -6.702  1.00 16.50 ? 56  SER B O   1 
ATOM   1136 C  CB  . SER B 1 59 ? 11.775  -11.407 -4.984  1.00 19.21 ? 56  SER B CB  1 
ATOM   1137 O  OG  . SER B 1 59 ? 13.171  -11.208 -4.713  1.00 22.77 ? 56  SER B OG  1 
ATOM   1138 N  N   . SER B 1 60 ? 9.165   -9.800  -5.489  1.00 19.07 ? 57  SER B N   1 
ATOM   1139 C  CA  . SER B 1 60 ? 7.717   -9.717  -5.381  1.00 19.14 ? 57  SER B CA  1 
ATOM   1140 C  C   . SER B 1 60 ? 7.115   -9.360  -6.703  1.00 17.81 ? 57  SER B C   1 
ATOM   1141 O  O   . SER B 1 60 ? 6.153   -9.987  -7.084  1.00 16.30 ? 57  SER B O   1 
ATOM   1142 C  CB  . SER B 1 60 ? 7.316   -8.690  -4.303  1.00 20.12 ? 57  SER B CB  1 
ATOM   1143 O  OG  . SER B 1 60 ? 7.714   -9.197  -3.034  1.00 22.43 ? 57  SER B OG  1 
ATOM   1144 N  N   . VAL B 1 61 ? 7.652   -8.409  -7.450  1.00 18.70 ? 58  VAL B N   1 
ATOM   1145 C  CA  . VAL B 1 61 ? 7.126   -8.143  -8.788  1.00 18.25 ? 58  VAL B CA  1 
ATOM   1146 C  C   . VAL B 1 61 ? 7.335   -9.285  -9.750  1.00 19.17 ? 58  VAL B C   1 
ATOM   1147 O  O   . VAL B 1 61 ? 6.545   -9.518  -10.588 1.00 15.97 ? 58  VAL B O   1 
ATOM   1148 C  CB  . VAL B 1 61 ? 7.799   -7.036  -9.508  1.00 18.93 ? 58  VAL B CB  1 
ATOM   1149 C  CG1 . VAL B 1 61 ? 6.859   -6.092  -9.975  1.00 17.87 ? 58  VAL B CG1 1 
ATOM   1150 C  CG2 . VAL B 1 61 ? 8.851   -6.491  -8.780  1.00 18.54 ? 58  VAL B CG2 1 
ATOM   1151 N  N   . GLN B 1 62 ? 8.460   -9.956  -9.647  1.00 20.92 ? 59  GLN B N   1 
ATOM   1152 C  CA  . GLN B 1 62 ? 8.709   -11.111 -10.513 1.00 22.58 ? 59  GLN B CA  1 
ATOM   1153 C  C   . GLN B 1 62 ? 7.593   -12.142 -10.258 1.00 23.35 ? 59  GLN B C   1 
ATOM   1154 O  O   . GLN B 1 62 ? 6.966   -12.636 -11.211 1.00 23.83 ? 59  GLN B O   1 
ATOM   1155 C  CB  . GLN B 1 62 ? 10.067  -11.733 -10.254 1.00 22.66 ? 59  GLN B CB  1 
ATOM   1156 C  CG  . GLN B 1 62 ? 10.414  -13.020 -11.117 1.00 25.57 ? 59  GLN B CG  1 
ATOM   1157 C  CD  . GLN B 1 62 ? 10.394  -12.802 -12.673 1.00 27.64 ? 59  GLN B CD  1 
ATOM   1158 O  OE1 . GLN B 1 62 ? 10.445  -11.656 -13.187 1.00 23.58 ? 59  GLN B OE1 1 
ATOM   1159 N  NE2 . GLN B 1 62 ? 10.329  -13.936 -13.420 1.00 22.63 ? 59  GLN B NE2 1 
ATOM   1160 N  N   . ALA B 1 63 ? 7.306   -12.436 -8.986  1.00 23.27 ? 60  ALA B N   1 
ATOM   1161 C  CA  . ALA B 1 63 ? 6.185   -13.371 -8.685  1.00 23.90 ? 60  ALA B CA  1 
ATOM   1162 C  C   . ALA B 1 63 ? 4.838   -12.906 -9.296  1.00 23.80 ? 60  ALA B C   1 
ATOM   1163 O  O   . ALA B 1 63 ? 4.084   -13.688 -9.799  1.00 24.36 ? 60  ALA B O   1 
ATOM   1164 C  CB  . ALA B 1 63 ? 6.062   -13.615 -7.193  1.00 24.12 ? 60  ALA B CB  1 
ATOM   1165 N  N   . LEU B 1 64 ? 4.522   -11.623 -9.227  1.00 25.08 ? 61  LEU B N   1 
ATOM   1166 C  CA  . LEU B 1 64 ? 3.308   -11.106 -9.899  1.00 25.49 ? 61  LEU B CA  1 
ATOM   1167 C  C   . LEU B 1 64 ? 3.367   -11.399 -11.440 1.00 25.72 ? 61  LEU B C   1 
ATOM   1168 O  O   . LEU B 1 64 ? 2.335   -11.737 -12.069 1.00 25.47 ? 61  LEU B O   1 
ATOM   1169 C  CB  . LEU B 1 64 ? 3.154   -9.612  -9.681  1.00 25.64 ? 61  LEU B CB  1 
ATOM   1170 C  CG  . LEU B 1 64 ? 2.094   -8.844  -10.484 1.00 25.00 ? 61  LEU B CG  1 
ATOM   1171 C  CD1 . LEU B 1 64 ? 0.626   -9.404  -10.352 1.00 25.10 ? 61  LEU B CD1 1 
ATOM   1172 C  CD2 . LEU B 1 64 ? 2.136   -7.379  -10.109 1.00 24.93 ? 61  LEU B CD2 1 
ATOM   1173 N  N   . ASP B 1 65 ? 4.524   -11.174 -12.055 1.00 24.37 ? 62  ASP B N   1 
ATOM   1174 C  CA  . ASP B 1 65 ? 4.646   -11.411 -13.491 1.00 24.22 ? 62  ASP B CA  1 
ATOM   1175 C  C   . ASP B 1 65 ? 4.433   -12.917 -13.749 1.00 23.92 ? 62  ASP B C   1 
ATOM   1176 O  O   . ASP B 1 65 ? 3.770   -13.259 -14.741 1.00 24.68 ? 62  ASP B O   1 
ATOM   1177 C  CB  . ASP B 1 65 ? 6.014   -10.959 -14.045 1.00 24.59 ? 62  ASP B CB  1 
ATOM   1178 C  CG  . ASP B 1 65 ? 6.129   -9.434  -14.273 1.00 24.03 ? 62  ASP B CG  1 
ATOM   1179 O  OD1 . ASP B 1 65 ? 5.111   -8.679  -14.287 1.00 27.33 ? 62  ASP B OD1 1 
ATOM   1180 O  OD2 . ASP B 1 65 ? 7.290   -8.983  -14.436 1.00 29.28 ? 62  ASP B OD2 1 
HETATM 1181 N  N   . MSE B 1 66 ? 4.975   -13.795 -12.876 1.00 23.23 ? 63  MSE B N   1 
HETATM 1182 C  CA  . MSE B 1 66 ? 4.806   -15.244 -13.042 1.00 24.56 ? 63  MSE B CA  1 
HETATM 1183 C  C   . MSE B 1 66 ? 3.342   -15.674 -12.927 1.00 25.81 ? 63  MSE B C   1 
HETATM 1184 O  O   . MSE B 1 66 ? 2.859   -16.473 -13.728 1.00 25.39 ? 63  MSE B O   1 
HETATM 1185 C  CB  . MSE B 1 66 ? 5.723   -16.029 -12.110 1.00 24.47 ? 63  MSE B CB  1 
HETATM 1186 C  CG  . MSE B 1 66 ? 7.159   -15.874 -12.501 1.00 26.31 ? 63  MSE B CG  1 
HETATM 1187 SE SE  . MSE B 1 66 ? 7.505   -16.382 -14.435 0.60 34.25 ? 63  MSE B SE  1 
HETATM 1188 C  CE  . MSE B 1 66 ? 7.725   -14.624 -15.424 1.00 28.83 ? 63  MSE B CE  1 
ATOM   1189 N  N   . ALA B 1 67 ? 2.622   -15.123 -11.957 1.00 25.51 ? 64  ALA B N   1 
ATOM   1190 C  CA  . ALA B 1 67 ? 1.225   -15.414 -11.850 1.00 27.10 ? 64  ALA B CA  1 
ATOM   1191 C  C   . ALA B 1 67 ? 0.496   -14.969 -13.103 1.00 28.84 ? 64  ALA B C   1 
ATOM   1192 O  O   . ALA B 1 67 ? -0.439  -15.640 -13.553 1.00 28.08 ? 64  ALA B O   1 
ATOM   1193 C  CB  . ALA B 1 67 ? 0.599   -14.670 -10.634 1.00 25.90 ? 64  ALA B CB  1 
ATOM   1194 N  N   . VAL B 1 68 ? 0.849   -13.790 -13.609 1.00 30.71 ? 65  VAL B N   1 
ATOM   1195 C  CA  . VAL B 1 68 ? 0.139   -13.218 -14.746 1.00 32.44 ? 65  VAL B CA  1 
ATOM   1196 C  C   . VAL B 1 68 ? 0.364   -14.147 -15.926 1.00 34.80 ? 65  VAL B C   1 
ATOM   1197 O  O   . VAL B 1 68 ? -0.561  -14.374 -16.739 1.00 35.29 ? 65  VAL B O   1 
ATOM   1198 C  CB  . VAL B 1 68 ? 0.615   -11.752 -15.080 1.00 33.41 ? 65  VAL B CB  1 
ATOM   1199 C  CG1 . VAL B 1 68 ? 0.591   -11.473 -16.599 1.00 32.48 ? 65  VAL B CG1 1 
ATOM   1200 C  CG2 . VAL B 1 68 ? -0.198  -10.716 -14.314 1.00 30.57 ? 65  VAL B CG2 1 
ATOM   1201 N  N   . LEU B 1 69 ? 1.580   -14.709 -15.996 1.00 36.63 ? 66  LEU B N   1 
ATOM   1202 C  CA  . LEU B 1 69 ? 1.980   -15.649 -17.078 1.00 37.98 ? 66  LEU B CA  1 
ATOM   1203 C  C   . LEU B 1 69 ? 1.260   -17.002 -17.077 1.00 38.54 ? 66  LEU B C   1 
ATOM   1204 O  O   . LEU B 1 69 ? 0.932   -17.515 -18.163 1.00 37.89 ? 66  LEU B O   1 
ATOM   1205 C  CB  . LEU B 1 69 ? 3.499   -15.930 -17.096 1.00 37.85 ? 66  LEU B CB  1 
ATOM   1206 C  CG  . LEU B 1 69 ? 4.037   -15.628 -18.495 1.00 40.31 ? 66  LEU B CG  1 
ATOM   1207 C  CD1 . LEU B 1 69 ? 4.251   -14.081 -18.490 1.00 42.50 ? 66  LEU B CD1 1 
ATOM   1208 C  CD2 . LEU B 1 69 ? 5.299   -16.438 -18.958 1.00 38.77 ? 66  LEU B CD2 1 
ATOM   1209 N  N   . LYS B 1 70 ? 1.059   -17.600 -15.897 1.00 39.73 ? 67  LYS B N   1 
ATOM   1210 C  CA  . LYS B 1 70 ? 0.308   -18.885 -15.806 1.00 40.38 ? 67  LYS B CA  1 
ATOM   1211 C  C   . LYS B 1 70 ? -1.203  -18.745 -16.146 1.00 40.97 ? 67  LYS B C   1 
ATOM   1212 O  O   . LYS B 1 70 ? -1.804  -19.693 -16.661 1.00 41.68 ? 67  LYS B O   1 
ATOM   1213 C  CB  . LYS B 1 70 ? 0.498   -19.546 -14.437 1.00 40.47 ? 67  LYS B CB  1 
ATOM   1214 C  CG  . LYS B 1 70 ? 1.954   -19.770 -14.067 1.00 40.75 ? 67  LYS B CG  1 
ATOM   1215 C  CD  . LYS B 1 70 ? 2.111   -20.945 -13.108 1.00 44.40 ? 67  LYS B CD  1 
ATOM   1216 C  CE  . LYS B 1 70 ? 3.531   -21.018 -12.487 1.00 45.07 ? 67  LYS B CE  1 
ATOM   1217 N  NZ  . LYS B 1 70 ? 3.925   -22.437 -12.161 1.00 47.29 ? 67  LYS B NZ  1 
ATOM   1218 N  N   . PHE B 1 71 ? -1.794  -17.571 -15.845 1.00 41.02 ? 68  PHE B N   1 
ATOM   1219 C  CA  . PHE B 1 71 ? -3.163  -17.177 -16.292 1.00 41.01 ? 68  PHE B CA  1 
ATOM   1220 C  C   . PHE B 1 71 ? -3.278  -17.001 -17.851 1.00 40.90 ? 68  PHE B C   1 
ATOM   1221 O  O   . PHE B 1 71 ? -4.262  -17.421 -18.462 1.00 41.08 ? 68  PHE B O   1 
ATOM   1222 C  CB  . PHE B 1 71 ? -3.661  -15.913 -15.534 1.00 40.46 ? 68  PHE B CB  1 
ATOM   1223 N  N   . ARG B 1 72 ? -2.271  -16.414 -18.496 1.00 40.66 ? 69  ARG B N   1 
ATOM   1224 C  CA  . ARG B 1 72 ? -2.233  -16.369 -19.966 1.00 40.55 ? 69  ARG B CA  1 
ATOM   1225 C  C   . ARG B 1 72 ? -1.895  -17.743 -20.607 1.00 40.94 ? 69  ARG B C   1 
ATOM   1226 O  O   . ARG B 1 72 ? -2.461  -18.084 -21.669 1.00 40.19 ? 69  ARG B O   1 
ATOM   1227 C  CB  . ARG B 1 72 ? -1.234  -15.321 -20.457 1.00 40.58 ? 69  ARG B CB  1 
ATOM   1228 C  CG  . ARG B 1 72 ? -1.686  -13.876 -20.278 1.00 40.10 ? 69  ARG B CG  1 
ATOM   1229 C  CD  . ARG B 1 72 ? -0.526  -12.921 -20.504 1.00 38.96 ? 69  ARG B CD  1 
ATOM   1230 N  NE  . ARG B 1 72 ? -0.887  -11.557 -20.154 1.00 37.97 ? 69  ARG B NE  1 
ATOM   1231 C  CZ  . ARG B 1 72 ? -0.016  -10.582 -19.918 1.00 39.95 ? 69  ARG B CZ  1 
ATOM   1232 N  NH1 . ARG B 1 72 ? 1.296   -10.799 -19.991 1.00 39.67 ? 69  ARG B NH1 1 
ATOM   1233 N  NH2 . ARG B 1 72 ? -0.462  -9.369  -19.604 1.00 40.40 ? 69  ARG B NH2 1 
ATOM   1234 N  N   . ARG B 1 73 ? -0.975  -18.502 -19.975 1.00 40.98 ? 70  ARG B N   1 
ATOM   1235 C  CA  . ARG B 1 73 ? -0.600  -19.866 -20.424 1.00 41.19 ? 70  ARG B CA  1 
ATOM   1236 C  C   . ARG B 1 73 ? -1.809  -20.826 -20.553 1.00 41.43 ? 70  ARG B C   1 
ATOM   1237 O  O   . ARG B 1 73 ? -1.818  -21.676 -21.442 1.00 41.79 ? 70  ARG B O   1 
ATOM   1238 C  CB  . ARG B 1 73 ? 0.466   -20.507 -19.511 1.00 40.76 ? 70  ARG B CB  1 
ATOM   1239 N  N   . GLU B 1 74 ? -2.829  -20.675 -19.704 1.00 41.58 ? 71  GLU B N   1 
ATOM   1240 C  CA  . GLU B 1 74 ? -3.860  -21.727 -19.555 1.00 41.47 ? 71  GLU B CA  1 
ATOM   1241 C  C   . GLU B 1 74 ? -5.063  -21.803 -20.510 1.00 41.19 ? 71  GLU B C   1 
ATOM   1242 O  O   . GLU B 1 74 ? -5.539  -22.913 -20.725 1.00 41.91 ? 71  GLU B O   1 
ATOM   1243 C  CB  . GLU B 1 74 ? -4.368  -21.793 -18.111 1.00 41.43 ? 71  GLU B CB  1 
ATOM   1244 C  CG  . GLU B 1 74 ? -4.618  -23.233 -17.633 1.00 41.73 ? 71  GLU B CG  1 
ATOM   1245 C  CD  . GLU B 1 74 ? -3.356  -24.112 -17.636 1.00 41.78 ? 71  GLU B CD  1 
ATOM   1246 O  OE1 . GLU B 1 74 ? -2.219  -23.584 -17.486 1.00 38.57 ? 71  GLU B OE1 1 
ATOM   1247 O  OE2 . GLU B 1 74 ? -3.518  -25.345 -17.794 1.00 41.59 ? 71  GLU B OE2 1 
ATOM   1248 N  N   . GLY B 1 75 ? -5.586  -20.716 -21.087 1.00 40.76 ? 72  GLY B N   1 
ATOM   1249 C  CA  . GLY B 1 75 ? -5.063  -19.371 -21.006 1.00 40.08 ? 72  GLY B CA  1 
ATOM   1250 C  C   . GLY B 1 75 ? -6.149  -18.331 -21.252 1.00 39.92 ? 72  GLY B C   1 
ATOM   1251 O  O   . GLY B 1 75 ? -6.709  -18.229 -22.355 1.00 38.64 ? 72  GLY B O   1 
ATOM   1252 N  N   . ALA B 1 76 ? -6.441  -17.578 -20.187 1.00 39.63 ? 73  ALA B N   1 
ATOM   1253 C  CA  . ALA B 1 76 ? -7.270  -16.371 -20.230 1.00 39.42 ? 73  ALA B CA  1 
ATOM   1254 C  C   . ALA B 1 76 ? -6.460  -15.183 -20.740 1.00 39.30 ? 73  ALA B C   1 
ATOM   1255 O  O   . ALA B 1 76 ? -5.224  -15.248 -20.843 1.00 39.62 ? 73  ALA B O   1 
ATOM   1256 C  CB  . ALA B 1 76 ? -7.813  -16.051 -18.811 1.00 39.20 ? 73  ALA B CB  1 
ATOM   1257 N  N   . GLU B 1 77 ? -7.152  -14.092 -21.061 1.00 38.84 ? 74  GLU B N   1 
ATOM   1258 C  CA  . GLU B 1 77 ? -6.485  -12.799 -21.214 1.00 38.59 ? 74  GLU B CA  1 
ATOM   1259 C  C   . GLU B 1 77 ? -6.352  -12.197 -19.791 1.00 37.45 ? 74  GLU B C   1 
ATOM   1260 O  O   . GLU B 1 77 ? -7.364  -12.166 -19.040 1.00 37.29 ? 74  GLU B O   1 
ATOM   1261 C  CB  . GLU B 1 77 ? -7.284  -11.878 -22.155 1.00 38.81 ? 74  GLU B CB  1 
ATOM   1262 C  CG  . GLU B 1 77 ? -6.762  -10.407 -22.201 1.00 41.05 ? 74  GLU B CG  1 
ATOM   1263 C  CD  . GLU B 1 77 ? -7.885  -9.380  -22.070 1.00 42.64 ? 74  GLU B CD  1 
ATOM   1264 O  OE1 . GLU B 1 77 ? -7.908  -8.629  -21.060 1.00 44.39 ? 74  GLU B OE1 1 
ATOM   1265 O  OE2 . GLU B 1 77 ? -8.754  -9.340  -22.969 1.00 44.47 ? 74  GLU B OE2 1 
ATOM   1266 N  N   . VAL B 1 78 ? -5.139  -11.745 -19.414 1.00 35.92 ? 75  VAL B N   1 
ATOM   1267 C  CA  . VAL B 1 78 ? -4.892  -11.149 -18.086 1.00 34.57 ? 75  VAL B CA  1 
ATOM   1268 C  C   . VAL B 1 78 ? -4.588  -9.644  -18.146 1.00 34.52 ? 75  VAL B C   1 
ATOM   1269 O  O   . VAL B 1 78 ? -3.817  -9.224  -18.990 1.00 35.02 ? 75  VAL B O   1 
ATOM   1270 C  CB  . VAL B 1 78 ? -3.765  -11.855 -17.334 1.00 34.20 ? 75  VAL B CB  1 
ATOM   1271 C  CG1 . VAL B 1 78 ? -3.673  -11.295 -15.909 1.00 32.89 ? 75  VAL B CG1 1 
ATOM   1272 C  CG2 . VAL B 1 78 ? -3.978  -13.366 -17.330 1.00 32.36 ? 75  VAL B CG2 1 
ATOM   1273 N  N   . ARG B 1 79 ? -5.215  -8.843  -17.272 1.00 33.82 ? 76  ARG B N   1 
ATOM   1274 C  CA  . ARG B 1 79 ? -4.897  -7.413  -17.105 1.00 33.17 ? 76  ARG B CA  1 
ATOM   1275 C  C   . ARG B 1 79 ? -4.296  -7.200  -15.707 1.00 32.90 ? 76  ARG B C   1 
ATOM   1276 O  O   . ARG B 1 79 ? -4.259  -8.137  -14.893 1.00 33.07 ? 76  ARG B O   1 
ATOM   1277 C  CB  . ARG B 1 79 ? -6.151  -6.541  -17.303 1.00 33.16 ? 76  ARG B CB  1 
ATOM   1278 N  N   . ILE B 1 80 ? -3.819  -5.979  -15.443 1.00 32.43 ? 77  ILE B N   1 
ATOM   1279 C  CA  . ILE B 1 80 ? -3.304  -5.572  -14.116 1.00 32.59 ? 77  ILE B CA  1 
ATOM   1280 C  C   . ILE B 1 80 ? -3.615  -4.102  -13.682 1.00 32.68 ? 77  ILE B C   1 
ATOM   1281 O  O   . ILE B 1 80 ? -2.945  -3.119  -14.122 1.00 33.28 ? 77  ILE B O   1 
ATOM   1282 C  CB  . ILE B 1 80 ? -1.769  -5.691  -14.015 1.00 32.11 ? 77  ILE B CB  1 
ATOM   1283 C  CG1 . ILE B 1 80 ? -1.277  -7.109  -14.242 1.00 32.62 ? 77  ILE B CG1 1 
ATOM   1284 C  CG2 . ILE B 1 80 ? -1.256  -5.251  -12.615 1.00 30.86 ? 77  ILE B CG2 1 
ATOM   1285 C  CD1 . ILE B 1 80 ? 0.308   -7.103  -14.468 1.00 31.54 ? 77  ILE B CD1 1 
ATOM   1286 N  N   . VAL B 1 81 ? -4.579  -3.967  -12.777 1.00 32.04 ? 78  VAL B N   1 
ATOM   1287 C  CA  . VAL B 1 81 ? -4.975  -2.667  -12.244 1.00 31.13 ? 78  VAL B CA  1 
ATOM   1288 C  C   . VAL B 1 81 ? -4.023  -2.393  -11.106 1.00 30.28 ? 78  VAL B C   1 
ATOM   1289 O  O   . VAL B 1 81 ? -3.698  -3.278  -10.302 1.00 28.24 ? 78  VAL B O   1 
ATOM   1290 C  CB  . VAL B 1 81 ? -6.460  -2.645  -11.720 1.00 31.56 ? 78  VAL B CB  1 
ATOM   1291 C  CG1 . VAL B 1 81 ? -6.908  -1.201  -11.296 1.00 32.19 ? 78  VAL B CG1 1 
ATOM   1292 C  CG2 . VAL B 1 81 ? -7.427  -3.228  -12.757 1.00 31.32 ? 78  VAL B CG2 1 
ATOM   1293 N  N   . GLY B 1 82 ? -3.557  -1.160  -11.057 1.00 29.84 ? 79  GLY B N   1 
ATOM   1294 C  CA  . GLY B 1 82 ? -2.912  -0.676  -9.864  1.00 29.82 ? 79  GLY B CA  1 
ATOM   1295 C  C   . GLY B 1 82 ? -1.437  -0.973  -9.796  1.00 29.71 ? 79  GLY B C   1 
ATOM   1296 O  O   . GLY B 1 82 ? -0.803  -0.683  -8.748  1.00 30.27 ? 79  GLY B O   1 
HETATM 1297 N  N   . MSE B 1 83 ? -0.883  -1.530  -10.885 1.00 29.27 ? 80  MSE B N   1 
HETATM 1298 C  CA  . MSE B 1 83 ? 0.532   -1.868  -10.942 1.00 28.89 ? 80  MSE B CA  1 
HETATM 1299 C  C   . MSE B 1 83 ? 1.346   -0.652  -10.577 1.00 28.61 ? 80  MSE B C   1 
HETATM 1300 O  O   . MSE B 1 83 ? 2.380   -0.698  -9.873  1.00 28.22 ? 80  MSE B O   1 
HETATM 1301 C  CB  . MSE B 1 83 ? 0.890   -2.282  -12.379 1.00 29.72 ? 80  MSE B CB  1 
HETATM 1302 C  CG  . MSE B 1 83 ? 2.395   -2.645  -12.598 1.00 31.49 ? 80  MSE B CG  1 
HETATM 1303 SE SE  . MSE B 1 83 ? 3.151   -3.947  -11.302 0.70 33.51 ? 80  MSE B SE  1 
HETATM 1304 C  CE  . MSE B 1 83 ? 4.110   -5.069  -12.581 1.00 26.68 ? 80  MSE B CE  1 
ATOM   1305 N  N   . ASN B 1 84 ? 0.888   0.463   -11.121 1.00 28.54 ? 81  ASN B N   1 
ATOM   1306 C  CA  . ASN B 1 84 ? 1.546   1.737   -10.926 1.00 28.43 ? 81  ASN B CA  1 
ATOM   1307 C  C   . ASN B 1 84 ? 1.529   2.110   -9.449  1.00 27.23 ? 81  ASN B C   1 
ATOM   1308 O  O   . ASN B 1 84 ? 2.554   2.442   -8.899  1.00 27.02 ? 81  ASN B O   1 
ATOM   1309 C  CB  . ASN B 1 84 ? 0.861   2.811   -11.794 1.00 28.72 ? 81  ASN B CB  1 
ATOM   1310 C  CG  . ASN B 1 84 ? 0.571   2.311   -13.226 1.00 31.27 ? 81  ASN B CG  1 
ATOM   1311 O  OD1 . ASN B 1 84 ? -0.337  1.488   -13.436 1.00 35.79 ? 81  ASN B OD1 1 
ATOM   1312 N  ND2 . ASN B 1 84 ? 1.344   2.776   -14.189 1.00 26.47 ? 81  ASN B ND2 1 
ATOM   1313 N  N   . GLU B 1 85 ? 0.366   2.057   -8.800  1.00 27.48 ? 82  GLU B N   1 
ATOM   1314 C  CA  . GLU B 1 85 ? 0.328   2.420   -7.371  1.00 26.94 ? 82  GLU B CA  1 
ATOM   1315 C  C   . GLU B 1 85 ? 0.899   1.319   -6.464  1.00 26.11 ? 82  GLU B C   1 
ATOM   1316 O  O   . GLU B 1 85 ? 1.562   1.637   -5.473  1.00 25.92 ? 82  GLU B O   1 
ATOM   1317 C  CB  . GLU B 1 85 ? -1.035  2.875   -6.936  1.00 27.91 ? 82  GLU B CB  1 
ATOM   1318 C  CG  . GLU B 1 85 ? -2.125  1.854   -6.972  1.00 29.39 ? 82  GLU B CG  1 
ATOM   1319 C  CD  . GLU B 1 85 ? -3.484  2.505   -6.679  1.00 33.93 ? 82  GLU B CD  1 
ATOM   1320 O  OE1 . GLU B 1 85 ? -4.303  2.631   -7.630  1.00 36.85 ? 82  GLU B OE1 1 
ATOM   1321 O  OE2 . GLU B 1 85 ? -3.740  2.893   -5.502  1.00 34.29 ? 82  GLU B OE2 1 
ATOM   1322 N  N   . ALA B 1 86 ? 0.715   0.044   -6.847  1.00 25.20 ? 83  ALA B N   1 
ATOM   1323 C  CA  . ALA B 1 86 ? 1.404   -1.122  -6.178  1.00 24.05 ? 83  ALA B CA  1 
ATOM   1324 C  C   . ALA B 1 86 ? 2.908   -0.999  -6.195  1.00 22.49 ? 83  ALA B C   1 
ATOM   1325 O  O   . ALA B 1 86 ? 3.572   -1.103  -5.163  1.00 21.40 ? 83  ALA B O   1 
ATOM   1326 C  CB  . ALA B 1 86 ? 0.996   -2.445  -6.811  1.00 23.14 ? 83  ALA B CB  1 
ATOM   1327 N  N   . SER B 1 87 ? 3.447   -0.726  -7.378  1.00 22.33 ? 84  SER B N   1 
ATOM   1328 C  CA  . SER B 1 87 ? 4.882   -0.633  -7.557  1.00 21.54 ? 84  SER B CA  1 
ATOM   1329 C  C   . SER B 1 87 ? 5.467   0.751   -7.286  1.00 20.80 ? 84  SER B C   1 
ATOM   1330 O  O   . SER B 1 87 ? 6.686   0.957   -7.430  1.00 19.46 ? 84  SER B O   1 
ATOM   1331 C  CB  . SER B 1 87 ? 5.241   -1.036  -8.978  1.00 21.10 ? 84  SER B CB  1 
ATOM   1332 O  OG  . SER B 1 87 ? 5.065   0.094   -9.797  1.00 24.98 ? 84  SER B OG  1 
ATOM   1333 N  N   . GLU B 1 88 ? 4.613   1.715   -6.928  1.00 20.94 ? 85  GLU B N   1 
ATOM   1334 C  CA  . GLU B 1 88 ? 5.065   3.028   -6.520  1.00 19.99 ? 85  GLU B CA  1 
ATOM   1335 C  C   . GLU B 1 88 ? 6.140   2.878   -5.442  1.00 19.19 ? 85  GLU B C   1 
ATOM   1336 O  O   . GLU B 1 88 ? 7.190   3.507   -5.520  1.00 20.15 ? 85  GLU B O   1 
ATOM   1337 C  CB  . GLU B 1 88 ? 3.854   3.856   -6.061  1.00 22.51 ? 85  GLU B CB  1 
ATOM   1338 C  CG  . GLU B 1 88 ? 4.220   5.037   -5.175  1.00 25.18 ? 85  GLU B CG  1 
ATOM   1339 C  CD  . GLU B 1 88 ? 3.256   6.126   -5.280  1.00 28.59 ? 85  GLU B CD  1 
ATOM   1340 O  OE1 . GLU B 1 88 ? 2.083   5.871   -4.891  1.00 29.91 ? 85  GLU B OE1 1 
ATOM   1341 O  OE2 . GLU B 1 88 ? 3.684   7.218   -5.756  1.00 30.57 ? 85  GLU B OE2 1 
ATOM   1342 N  N   . THR B 1 89 ? 5.928   1.977   -4.481  1.00 17.12 ? 86  THR B N   1 
ATOM   1343 C  CA  . THR B 1 89 ? 6.929   1.662   -3.489  1.00 15.95 ? 86  THR B CA  1 
ATOM   1344 C  C   . THR B 1 89 ? 8.241   1.136   -4.073  1.00 15.14 ? 86  THR B C   1 
ATOM   1345 O  O   . THR B 1 89 ? 9.288   1.397   -3.521  1.00 14.24 ? 86  THR B O   1 
ATOM   1346 C  CB  . THR B 1 89 ? 6.400   0.600   -2.461  1.00 15.96 ? 86  THR B CB  1 
ATOM   1347 O  OG1 . THR B 1 89 ? 5.535   -0.304  -3.129  1.00 16.39 ? 86  THR B OG1 1 
ATOM   1348 C  CG2 . THR B 1 89 ? 5.575   1.282   -1.356  1.00 14.95 ? 86  THR B CG2 1 
ATOM   1349 N  N   . LEU B 1 90 ? 8.199   0.352   -5.145  1.00 14.74 ? 87  LEU B N   1 
ATOM   1350 C  CA  . LEU B 1 90 ? 9.435   -0.236  -5.671  1.00 14.78 ? 87  LEU B CA  1 
ATOM   1351 C  C   . LEU B 1 90 ? 10.194  0.806   -6.460  1.00 15.52 ? 87  LEU B C   1 
ATOM   1352 O  O   . LEU B 1 90 ? 11.397  0.973   -6.283  1.00 15.16 ? 87  LEU B O   1 
ATOM   1353 C  CB  . LEU B 1 90 ? 9.105   -1.421  -6.573  1.00 15.50 ? 87  LEU B CB  1 
ATOM   1354 C  CG  . LEU B 1 90 ? 10.231  -2.067  -7.368  1.00 13.49 ? 87  LEU B CG  1 
ATOM   1355 C  CD1 . LEU B 1 90 ? 11.211  -2.737  -6.430  1.00 10.98 ? 87  LEU B CD1 1 
ATOM   1356 C  CD2 . LEU B 1 90 ? 9.653   -3.046  -8.402  1.00 15.06 ? 87  LEU B CD2 1 
ATOM   1357 N  N   . VAL B 1 91 ? 9.446   1.542   -7.301  1.00 17.29 ? 88  VAL B N   1 
ATOM   1358 C  CA  . VAL B 1 91 ? 9.990   2.620   -8.196  1.00 16.51 ? 88  VAL B CA  1 
ATOM   1359 C  C   . VAL B 1 91 ? 10.665  3.647   -7.320  1.00 18.16 ? 88  VAL B C   1 
ATOM   1360 O  O   . VAL B 1 91 ? 11.829  3.969   -7.500  1.00 19.02 ? 88  VAL B O   1 
ATOM   1361 C  CB  . VAL B 1 91 ? 8.865   3.218   -9.153  1.00 16.55 ? 88  VAL B CB  1 
ATOM   1362 C  CG1 . VAL B 1 91 ? 9.343   4.426   -9.913  1.00 13.42 ? 88  VAL B CG1 1 
ATOM   1363 C  CG2 . VAL B 1 91 ? 8.346   2.120   -10.178 1.00 16.07 ? 88  VAL B CG2 1 
ATOM   1364 N  N   . ASP B 1 92 ? 9.954   4.096   -6.285  1.00 19.90 ? 89  ASP B N   1 
ATOM   1365 C  CA  . ASP B 1 92 ? 10.483  5.081   -5.346  1.00 19.45 ? 89  ASP B CA  1 
ATOM   1366 C  C   . ASP B 1 92 ? 11.635  4.481   -4.566  1.00 19.62 ? 89  ASP B C   1 
ATOM   1367 O  O   . ASP B 1 92 ? 12.601  5.154   -4.262  1.00 16.16 ? 89  ASP B O   1 
ATOM   1368 C  CB  . ASP B 1 92 ? 9.414   5.488   -4.325  1.00 21.98 ? 89  ASP B CB  1 
ATOM   1369 C  CG  . ASP B 1 92 ? 8.285   6.333   -4.915  1.00 21.26 ? 89  ASP B CG  1 
ATOM   1370 O  OD1 . ASP B 1 92 ? 8.360   6.826   -6.085  1.00 20.50 ? 89  ASP B OD1 1 
ATOM   1371 O  OD2 . ASP B 1 92 ? 7.302   6.472   -4.139  1.00 17.82 ? 89  ASP B OD2 1 
ATOM   1372 N  N   . ARG B 1 93 ? 11.527  3.204   -4.195  1.00 20.90 ? 90  ARG B N   1 
ATOM   1373 C  CA  . ARG B 1 93 ? 12.639  2.585   -3.456  1.00 22.28 ? 90  ARG B CA  1 
ATOM   1374 C  C   . ARG B 1 93 ? 13.922  2.565   -4.293  1.00 23.11 ? 90  ARG B C   1 
ATOM   1375 O  O   . ARG B 1 93 ? 14.999  2.840   -3.781  1.00 23.34 ? 90  ARG B O   1 
ATOM   1376 C  CB  . ARG B 1 93 ? 12.266  1.183   -2.942  1.00 22.71 ? 90  ARG B CB  1 
ATOM   1377 C  CG  . ARG B 1 93 ? 13.389  0.527   -2.153  1.00 24.63 ? 90  ARG B CG  1 
ATOM   1378 C  CD  . ARG B 1 93 ? 13.003  -0.863  -1.562  1.00 29.43 ? 90  ARG B CD  1 
ATOM   1379 N  NE  . ARG B 1 93 ? 14.124  -1.424  -0.795  1.00 32.96 ? 90  ARG B NE  1 
ATOM   1380 C  CZ  . ARG B 1 93 ? 14.310  -2.703  -0.446  1.00 33.92 ? 90  ARG B CZ  1 
ATOM   1381 N  NH1 . ARG B 1 93 ? 15.410  -3.007  0.236   1.00 36.48 ? 90  ARG B NH1 1 
ATOM   1382 N  NH2 . ARG B 1 93 ? 13.434  -3.674  -0.737  1.00 33.77 ? 90  ARG B NH2 1 
ATOM   1383 N  N   . LEU B 1 94 ? 13.800  2.265   -5.580  1.00 23.90 ? 91  LEU B N   1 
ATOM   1384 C  CA  . LEU B 1 94 ? 14.969  2.117   -6.485  1.00 24.67 ? 91  LEU B CA  1 
ATOM   1385 C  C   . LEU B 1 94 ? 15.552  3.429   -6.952  1.00 26.13 ? 91  LEU B C   1 
ATOM   1386 O  O   . LEU B 1 94 ? 16.727  3.495   -7.311  1.00 25.92 ? 91  LEU B O   1 
ATOM   1387 C  CB  . LEU B 1 94 ? 14.584  1.283   -7.753  1.00 23.44 ? 91  LEU B CB  1 
ATOM   1388 C  CG  . LEU B 1 94 ? 14.269  -0.190  -7.492  1.00 21.79 ? 91  LEU B CG  1 
ATOM   1389 C  CD1 . LEU B 1 94 ? 13.683  -0.865  -8.697  1.00 20.83 ? 91  LEU B CD1 1 
ATOM   1390 C  CD2 . LEU B 1 94 ? 15.470  -0.978  -6.938  1.00 18.55 ? 91  LEU B CD2 1 
ATOM   1391 N  N   . ALA B 1 95 ? 14.736  4.481   -6.939  1.00 29.19 ? 92  ALA B N   1 
ATOM   1392 C  CA  . ALA B 1 95 ? 15.146  5.821   -7.417  1.00 30.32 ? 92  ALA B CA  1 
ATOM   1393 C  C   . ALA B 1 95 ? 15.892  6.613   -6.343  1.00 31.33 ? 92  ALA B C   1 
ATOM   1394 O  O   . ALA B 1 95 ? 15.717  6.337   -5.153  1.00 33.09 ? 92  ALA B O   1 
ATOM   1395 C  CB  . ALA B 1 95 ? 13.909  6.623   -7.820  1.00 30.93 ? 92  ALA B CB  1 
HETATM 1396 O  O   . HOH C 2 .  ? -13.330 14.126  2.991   1.00 23.27 ? 96  HOH A O   1 
HETATM 1397 O  O   . HOH C 2 .  ? -3.142  17.779  0.474   1.00 16.83 ? 97  HOH A O   1 
HETATM 1398 O  O   . HOH C 2 .  ? 11.941  16.669  5.016   1.00 23.85 ? 98  HOH A O   1 
HETATM 1399 O  O   . HOH C 2 .  ? -3.671  27.865  0.238   1.00 27.91 ? 99  HOH A O   1 
HETATM 1400 O  O   . HOH C 2 .  ? -14.327 16.613  11.548  1.00 26.88 ? 100 HOH A O   1 
HETATM 1401 O  O   . HOH C 2 .  ? 1.662   14.785  17.981  1.00 18.88 ? 101 HOH A O   1 
HETATM 1402 O  O   . HOH C 2 .  ? -7.542  25.597  -1.114  1.00 20.41 ? 102 HOH A O   1 
HETATM 1403 O  O   . HOH C 2 .  ? -1.772  -3.124  5.056   1.00 19.31 ? 103 HOH A O   1 
HETATM 1404 O  O   . HOH C 2 .  ? 7.527   14.243  7.744   1.00 7.32  ? 104 HOH A O   1 
HETATM 1405 O  O   . HOH C 2 .  ? 2.136   20.256  7.374   1.00 20.06 ? 105 HOH A O   1 
HETATM 1406 O  O   . HOH C 2 .  ? 4.665   -5.427  13.505  1.00 15.25 ? 106 HOH A O   1 
HETATM 1407 O  O   . HOH C 2 .  ? 7.434   11.298  -1.794  1.00 15.84 ? 107 HOH A O   1 
HETATM 1408 O  O   . HOH C 2 .  ? 4.999   10.771  21.113  1.00 31.29 ? 108 HOH A O   1 
HETATM 1409 O  O   . HOH C 2 .  ? 6.452   22.036  12.060  1.00 39.04 ? 109 HOH A O   1 
HETATM 1410 O  O   . HOH C 2 .  ? -8.325  9.949   14.833  1.00 15.49 ? 110 HOH A O   1 
HETATM 1411 O  O   . HOH C 2 .  ? -6.441  18.159  11.999  1.00 26.25 ? 111 HOH A O   1 
HETATM 1412 O  O   . HOH C 2 .  ? -8.069  15.967  8.696   1.00 12.50 ? 112 HOH A O   1 
HETATM 1413 O  O   . HOH C 2 .  ? -8.386  19.854  -4.322  1.00 40.92 ? 113 HOH A O   1 
HETATM 1414 O  O   . HOH C 2 .  ? 0.549   5.545   20.944  1.00 14.46 ? 114 HOH A O   1 
HETATM 1415 O  O   . HOH C 2 .  ? -8.817  10.937  17.115  1.00 20.43 ? 115 HOH A O   1 
HETATM 1416 O  O   . HOH C 2 .  ? 0.092   2.567   20.178  1.00 9.32  ? 116 HOH A O   1 
HETATM 1417 O  O   . HOH C 2 .  ? -1.751  -3.801  12.605  1.00 21.39 ? 117 HOH A O   1 
HETATM 1418 O  O   . HOH C 2 .  ? -10.987 11.099  13.328  1.00 12.27 ? 118 HOH A O   1 
HETATM 1419 O  O   . HOH C 2 .  ? -10.894 3.432   1.214   1.00 21.02 ? 119 HOH A O   1 
HETATM 1420 O  O   . HOH C 2 .  ? -5.792  6.169   18.490  1.00 8.87  ? 120 HOH A O   1 
HETATM 1421 O  O   . HOH C 2 .  ? -13.314 26.142  -2.364  1.00 27.02 ? 121 HOH A O   1 
HETATM 1422 O  O   . HOH C 2 .  ? -9.217  2.136   7.597   1.00 18.51 ? 122 HOH A O   1 
HETATM 1423 O  O   . HOH C 2 .  ? 0.410   -7.304  11.871  1.00 26.38 ? 123 HOH A O   1 
HETATM 1424 O  O   . HOH C 2 .  ? -11.465 9.062   -2.207  1.00 30.13 ? 124 HOH A O   1 
HETATM 1425 O  O   . HOH C 2 .  ? 7.184   20.470  4.190   1.00 38.83 ? 125 HOH A O   1 
HETATM 1426 O  O   . HOH C 2 .  ? -1.839  12.140  18.698  1.00 18.05 ? 126 HOH A O   1 
HETATM 1427 O  O   . HOH C 2 .  ? 11.968  16.235  12.552  1.00 16.31 ? 127 HOH A O   1 
HETATM 1428 O  O   . HOH C 2 .  ? 15.853  -7.788  2.465   1.00 14.79 ? 128 HOH A O   1 
HETATM 1429 O  O   . HOH C 2 .  ? -9.215  19.052  11.534  1.00 26.46 ? 129 HOH A O   1 
HETATM 1430 O  O   . HOH C 2 .  ? 12.796  2.769   0.490   1.00 27.27 ? 130 HOH A O   1 
HETATM 1431 O  O   . HOH C 2 .  ? -10.856 5.990   -3.871  1.00 45.51 ? 131 HOH A O   1 
HETATM 1432 O  O   . HOH C 2 .  ? 0.977   8.533   -2.410  1.00 22.55 ? 132 HOH A O   1 
HETATM 1433 O  O   . HOH C 2 .  ? -6.664  8.583   -3.024  1.00 13.37 ? 133 HOH A O   1 
HETATM 1434 O  O   . HOH C 2 .  ? -3.506  -2.079  6.991   1.00 17.95 ? 134 HOH A O   1 
HETATM 1435 O  O   . HOH C 2 .  ? -9.122  2.595   -1.241  1.00 23.60 ? 135 HOH A O   1 
HETATM 1436 O  O   . HOH C 2 .  ? -9.395  7.979   -3.765  1.00 28.85 ? 136 HOH A O   1 
HETATM 1437 O  O   . HOH C 2 .  ? 12.867  9.514   7.290   1.00 20.09 ? 137 HOH A O   1 
HETATM 1438 O  O   . HOH C 2 .  ? -11.454 13.452  5.561   1.00 28.09 ? 138 HOH A O   1 
HETATM 1439 O  O   . HOH C 2 .  ? 15.553  6.849   4.870   1.00 26.35 ? 139 HOH A O   1 
HETATM 1440 O  O   . HOH C 2 .  ? 2.939   21.157  9.711   1.00 21.18 ? 140 HOH A O   1 
HETATM 1441 O  O   . HOH C 2 .  ? 8.183   7.664   -1.586  1.00 14.94 ? 141 HOH A O   1 
HETATM 1442 O  O   . HOH C 2 .  ? 5.859   8.306   -0.654  1.00 13.21 ? 142 HOH A O   1 
HETATM 1443 O  O   . HOH C 2 .  ? 2.560   21.764  5.658   1.00 21.31 ? 143 HOH A O   1 
HETATM 1444 O  O   . HOH C 2 .  ? 2.293   12.810  19.631  1.00 30.72 ? 144 HOH A O   1 
HETATM 1445 O  O   . HOH C 2 .  ? 4.957   19.243  5.491   1.00 36.80 ? 145 HOH A O   1 
HETATM 1446 O  O   . HOH C 2 .  ? -13.768 8.153   12.556  1.00 35.58 ? 146 HOH A O   1 
HETATM 1447 O  O   . HOH C 2 .  ? 9.181   22.768  5.214   1.00 23.32 ? 147 HOH A O   1 
HETATM 1448 O  O   . HOH C 2 .  ? -2.246  22.519  2.889   1.00 29.71 ? 148 HOH A O   1 
HETATM 1449 O  O   . HOH C 2 .  ? -7.339  24.285  -5.872  1.00 31.96 ? 149 HOH A O   1 
HETATM 1450 O  O   . HOH C 2 .  ? -1.704  -1.060  12.990  1.00 16.12 ? 150 HOH A O   1 
HETATM 1451 O  O   . HOH C 2 .  ? 13.738  4.818   7.527   1.00 16.27 ? 151 HOH A O   1 
HETATM 1452 O  O   . HOH D 2 .  ? -18.286 -14.254 -16.686 1.00 15.09 ? 96  HOH B O   1 
HETATM 1453 O  O   . HOH D 2 .  ? -6.133  -15.148 0.229   1.00 45.34 ? 97  HOH B O   1 
HETATM 1454 O  O   . HOH D 2 .  ? 14.753  -5.198  -4.703  1.00 17.30 ? 98  HOH B O   1 
HETATM 1455 O  O   . HOH D 2 .  ? 14.283  -8.718  -4.342  1.00 23.23 ? 99  HOH B O   1 
HETATM 1456 O  O   . HOH D 2 .  ? 13.359  4.311   -10.052 1.00 21.07 ? 100 HOH B O   1 
HETATM 1457 O  O   . HOH D 2 .  ? -11.753 -19.499 -6.769  1.00 32.28 ? 101 HOH B O   1 
HETATM 1458 O  O   . HOH D 2 .  ? 5.674   6.781   -8.294  1.00 23.81 ? 102 HOH B O   1 
HETATM 1459 O  O   . HOH D 2 .  ? -10.304 -17.190 -5.823  1.00 39.43 ? 103 HOH B O   1 
HETATM 1460 O  O   . HOH D 2 .  ? -2.290  2.294   -10.752 1.00 35.07 ? 104 HOH B O   1 
HETATM 1461 O  O   . HOH D 2 .  ? 2.066   9.616   -4.672  1.00 24.12 ? 105 HOH B O   1 
HETATM 1462 O  O   . HOH D 2 .  ? 6.740   4.469   -1.949  1.00 26.38 ? 106 HOH B O   1 
HETATM 1463 O  O   . HOH D 2 .  ? 3.154   0.973   -3.270  1.00 19.60 ? 107 HOH B O   1 
HETATM 1464 O  O   . HOH D 2 .  ? -3.648  -22.897 -9.022  1.00 10.52 ? 108 HOH B O   1 
HETATM 1465 O  O   . HOH D 2 .  ? -0.390  -5.637  5.721   1.00 19.38 ? 109 HOH B O   1 
HETATM 1466 O  O   . HOH D 2 .  ? 18.397  6.214   -4.715  1.00 42.44 ? 110 HOH B O   1 
HETATM 1467 O  O   . HOH D 2 .  ? -3.385  1.400   0.883   1.00 41.65 ? 111 HOH B O   1 
HETATM 1468 O  O   . HOH D 2 .  ? 3.215   -14.797 4.323   1.00 27.50 ? 112 HOH B O   1 
HETATM 1469 O  O   . HOH D 2 .  ? 0.451   -23.330 -22.666 1.00 29.29 ? 113 HOH B O   1 
HETATM 1470 O  O   . HOH D 2 .  ? 9.001   3.247   -1.472  1.00 14.38 ? 114 HOH B O   1 
HETATM 1471 O  O   . HOH D 2 .  ? 10.291  -14.152 -7.126  1.00 26.07 ? 115 HOH B O   1 
HETATM 1472 O  O   . HOH D 2 .  ? -4.404  -0.961  1.000   1.00 37.24 ? 116 HOH B O   1 
HETATM 1473 O  O   . HOH D 2 .  ? 1.145   -15.637 4.180   1.00 31.05 ? 117 HOH B O   1 
HETATM 1474 O  O   . HOH D 2 .  ? 4.341   5.447   -1.341  1.00 19.94 ? 118 HOH B O   1 
HETATM 1475 O  O   . HOH D 2 .  ? 8.770   -11.275 -16.208 1.00 34.43 ? 119 HOH B O   1 
HETATM 1476 O  O   . HOH D 2 .  ? 8.087   -11.299 4.166   1.00 17.08 ? 120 HOH B O   1 
HETATM 1477 O  O   . HOH D 2 .  ? 14.856  5.877   -11.298 1.00 7.81  ? 121 HOH B O   1 
# 
